data_3VRA
#
_entry.id   3VRA
#
_cell.length_a   122.823
_cell.length_b   132.250
_cell.length_c   220.577
_cell.angle_alpha   90.00
_cell.angle_beta   90.00
_cell.angle_gamma   90.00
#
_symmetry.space_group_name_H-M   'P 21 21 21'
#
loop_
_entity.id
_entity.type
_entity.pdbx_description
1 polymer 'Flavoprotein subunit of complex II'
2 polymer 'Iron-sulfur subunit of succinate dehydrogenase'
3 polymer 'Cytochrome b-large subunit'
4 polymer 'Succinate dehydrogenase [ubiquinone] cytochrome b small subunit, mitochondrial'
5 non-polymer 'MALONATE ION'
6 non-polymer 'FLAVIN-ADENINE DINUCLEOTIDE'
7 non-polymer 'FE2/S2 (INORGANIC) CLUSTER'
8 non-polymer 'IRON/SULFUR CLUSTER'
9 non-polymer 'FE3-S4 CLUSTER'
10 non-polymer 'PROTOPORPHYRIN IX CONTAINING FE'
11 non-polymer 3-[(2S,4S,5R)-5,6-DICHLORO-2,4-DIMETHYL-1-OXOHEXYL]-4-HYDROXY-5,6-DIMETHOXY-2(1H)-PYRIDINONE
12 non-polymer L-ALPHA-PHOSPHATIDYL-BETA-OLEOYL-GAMMA-PALMITOYL-PHOSPHATIDYLETHANOLAMINE
#
loop_
_entity_poly.entity_id
_entity_poly.type
_entity_poly.pdbx_seq_one_letter_code
_entity_poly.pdbx_strand_id
1 'polypeptide(L)'
;MLRAVRALICRIGARRTLSVSSSRLDVSTSNIAQYKVIDHAYDVVIIGAGGAGLRAAMGLGEAGFKTAVVTKMFPTRSHT
TAAQGGINAALGSMNPDDWKWHFYDTAKGSDWLGDQNAMHYLTRNAVEAVTELENFGMPFSRTPEGKIYQRSFGGQSNNY
GKGGVAKRTCCVADRTGHSMLHTLYGNSLRCHCTFFIEYFALDLLMDKGRCVGVIALCLEDGTIHRFRSKRTIVATGGYG
RAYFSCTTAHMNTGDGTALATRAGIALEDLEFIQFHPTGIYGVGCLITEGSRGEGGFLVNSEGERFMERYAPKAKDLASR
DVVSRAETIEIMEGRGVGPEKDHIYLQLHHLPAEQLHQRLPGISETAKIFAGVDVTKEPIPVIPTVHYNMGGIPTNYKAQ
VIKYTKEGGDKIVPGLYACGECACHSVHGANRLGANSLLDAVVFGRACSINIKEELKPDEKIPELPEGAGEESIANLDAV
RYANGDVPTAELRLTMQKTMQKHAGVFRRGDILAEGVKKMMDLSKELKRLKTTDRSLIWNSDLTESLELQNLMLNATQTI
VAAENRKESRGAHARDDFPKREDEYDYSKPIEGQTKRPFEKHWRKHTLTKQDPRTGHITLDYRPVIDKTLDPAEVDWIPP
IIRSY
;
A,E
2 'polypeptide(L)'
;MLRGSTSVCRSLELVTQAARYASAATAAAPTGKRIKTFEIYRFNPEEPGAKPKLQKFDVDLDKCGTMVLDALIKIKNEVD
PTLTFRRSCREGICGSCAMNIAGENTLACICNIDQNTSKTTKIYPLPHMFVIKDLVPDMNLFYAQYASIQPWLQKKTKIN
LGEKQQYQSIKEQEKLDGLYECILCACCSASCPSYWWNADKYLGPAVLMQAYRWIIDSRDDSAAERLARMQDGFSAFKCH
TIMNCTKTCPKHLNPARAIGEIKMLLTKMKTKPAPLPTPANF
;
B,F
3 'polypeptide(L)'
;MSLLPYNATLCRVLRHNVKFIRSVQTSAARVSAEKTPIQVWGWDYLMRQRALKRPIAPHLTIYKPQMTWMVSGLHRVTGC
AMAGTLLIGGVGFSVLPLDFTTFVEFIRGLGIPWVILDTFKFIIAFPIAFHTLNGIRFIGFDMAKGTDIPSIYRGAYLVL
GLAALISLAVVVYPRWERHKKATLPTNH
;
C,G
4 'polypeptide(L)'
;MLSAVRRAIPLSARILRTSLIQRCAGATSAAVTGAAPPQFDPIAAEKGFKPLHSHGTLFKIERYFAAAMVPLIPAAYFIH
GREMDLCLALALTLHVHWGVWGVVNDYGRPFVLGDTLAAAVRVGAYIFTACLLAGLLYFNEHDVGLTRAFEMVWEL
;
D,H
#
loop_
_chem_comp.id
_chem_comp.type
_chem_comp.name
_chem_comp.formula
AT5 non-polymer 3-[(2S,4S,5R)-5,6-DICHLORO-2,4-DIMETHYL-1-OXOHEXYL]-4-HYDROXY-5,6-DIMETHOXY-2(1H)-PYRIDINONE 'C15 H21 Cl2 N O5'
EPH non-polymer L-ALPHA-PHOSPHATIDYL-BETA-OLEOYL-GAMMA-PALMITOYL-PHOSPHATIDYLETHANOLAMINE 'C39 H68 N O8 P'
F3S non-polymer 'FE3-S4 CLUSTER' 'Fe3 S4'
FAD non-polymer 'FLAVIN-ADENINE DINUCLEOTIDE' 'C27 H33 N9 O15 P2'
FES non-polymer 'FE2/S2 (INORGANIC) CLUSTER' 'Fe2 S2'
HEM non-polymer 'PROTOPORPHYRIN IX CONTAINING FE' 'C34 H32 Fe N4 O4'
MLI non-polymer 'MALONATE ION' 'C3 H2 O4 -2'
SF4 non-polymer 'IRON/SULFUR CLUSTER' 'Fe4 S4'
#
# COMPACT_ATOMS: atom_id res chain seq x y z
N ALA A 33 31.76 -22.31 26.81
CA ALA A 33 31.38 -21.07 27.56
C ALA A 33 29.85 -20.93 27.68
N GLN A 34 29.36 -19.71 27.97
CA GLN A 34 27.91 -19.46 28.14
C GLN A 34 27.39 -18.17 27.46
N TYR A 35 26.29 -18.30 26.70
CA TYR A 35 25.77 -17.25 25.77
C TYR A 35 24.27 -16.91 25.95
N LYS A 36 23.82 -15.74 25.52
CA LYS A 36 22.42 -15.33 25.74
C LYS A 36 21.65 -15.04 24.46
N VAL A 37 20.55 -15.78 24.26
CA VAL A 37 19.87 -15.80 22.96
C VAL A 37 18.58 -15.02 22.96
N ILE A 38 18.26 -14.44 21.81
CA ILE A 38 17.04 -13.67 21.62
C ILE A 38 16.26 -14.16 20.41
N ASP A 39 14.93 -13.98 20.41
CA ASP A 39 14.12 -14.28 19.25
C ASP A 39 13.35 -13.07 18.82
N HIS A 40 13.23 -12.88 17.53
CA HIS A 40 12.28 -11.91 16.99
C HIS A 40 11.57 -12.65 15.92
N ALA A 41 10.54 -12.05 15.38
CA ALA A 41 9.86 -12.63 14.26
C ALA A 41 9.43 -11.49 13.39
N TYR A 42 9.89 -11.54 12.16
CA TYR A 42 9.60 -10.47 11.23
C TYR A 42 8.98 -11.01 9.99
N ASP A 43 8.34 -10.13 9.22
CA ASP A 43 7.99 -10.47 7.85
C ASP A 43 9.28 -10.74 7.05
N VAL A 44 9.98 -9.67 6.67
CA VAL A 44 11.20 -9.71 5.88
C VAL A 44 12.40 -9.14 6.63
N VAL A 45 13.49 -9.90 6.70
CA VAL A 45 14.74 -9.36 7.27
C VAL A 45 15.82 -9.16 6.21
N ILE A 46 16.39 -7.95 6.16
CA ILE A 46 17.42 -7.56 5.17
C ILE A 46 18.82 -7.44 5.81
N ILE A 47 19.72 -8.37 5.50
CA ILE A 47 21.09 -8.32 6.03
C ILE A 47 21.97 -7.41 5.18
N GLY A 48 21.80 -6.10 5.38
CA GLY A 48 22.55 -5.08 4.69
C GLY A 48 21.79 -3.78 4.70
N ALA A 49 22.51 -2.67 4.86
CA ALA A 49 21.89 -1.35 4.75
C ALA A 49 22.55 -0.54 3.63
N GLY A 50 22.88 -1.22 2.54
CA GLY A 50 23.58 -0.57 1.44
C GLY A 50 22.66 0.34 0.68
N GLY A 51 22.93 0.49 -0.60
CA GLY A 51 22.03 1.16 -1.52
C GLY A 51 20.93 0.17 -1.82
N ALA A 52 21.33 -1.08 -2.13
CA ALA A 52 20.42 -2.20 -2.33
C ALA A 52 19.68 -2.43 -1.03
N GLY A 53 20.44 -2.63 0.04
CA GLY A 53 19.88 -2.79 1.37
C GLY A 53 18.69 -1.89 1.69
N LEU A 54 18.86 -0.58 1.53
CA LEU A 54 17.86 0.40 1.97
C LEU A 54 16.72 0.61 1.00
N ARG A 55 16.97 0.48 -0.29
CA ARG A 55 15.90 0.61 -1.28
C ARG A 55 14.86 -0.51 -1.12
N ALA A 56 15.32 -1.66 -0.63
CA ALA A 56 14.44 -2.77 -0.33
C ALA A 56 13.64 -2.37 0.87
N ALA A 57 14.33 -2.27 2.01
CA ALA A 57 13.73 -1.76 3.24
C ALA A 57 12.60 -0.76 2.99
N MET A 58 12.86 0.23 2.14
CA MET A 58 11.98 1.36 2.00
C MET A 58 10.83 1.18 1.04
N GLY A 59 10.97 0.27 0.09
CA GLY A 59 9.84 -0.09 -0.78
C GLY A 59 8.99 -1.10 -0.07
N LEU A 60 9.64 -1.96 0.71
CA LEU A 60 9.04 -3.03 1.48
C LEU A 60 8.31 -2.53 2.73
N GLY A 61 8.81 -1.45 3.30
CA GLY A 61 8.18 -0.88 4.48
C GLY A 61 6.96 -0.11 4.05
N GLU A 62 7.16 0.84 3.12
CA GLU A 62 6.08 1.62 2.48
C GLU A 62 4.96 0.74 1.84
N ALA A 63 5.31 -0.46 1.36
CA ALA A 63 4.30 -1.47 1.01
C ALA A 63 3.56 -2.05 2.23
N GLY A 64 4.19 -2.01 3.39
CA GLY A 64 3.50 -2.29 4.65
C GLY A 64 3.92 -3.56 5.37
N PHE A 65 5.20 -3.87 5.39
CA PHE A 65 5.68 -5.13 5.99
C PHE A 65 6.38 -4.97 7.34
N LYS A 66 6.40 -6.04 8.14
CA LYS A 66 7.27 -6.08 9.34
C LYS A 66 8.69 -6.30 8.83
N THR A 67 9.41 -5.19 8.70
CA THR A 67 10.73 -5.15 8.12
C THR A 67 11.72 -5.02 9.24
N ALA A 68 12.67 -5.94 9.27
CA ALA A 68 13.84 -5.69 10.08
C ALA A 68 15.00 -5.52 9.13
N VAL A 69 15.92 -4.64 9.52
CA VAL A 69 17.10 -4.36 8.73
C VAL A 69 18.31 -4.56 9.67
N VAL A 70 19.21 -5.44 9.28
CA VAL A 70 20.28 -5.82 10.16
C VAL A 70 21.58 -5.52 9.51
N THR A 71 22.39 -4.69 10.16
CA THR A 71 23.69 -4.29 9.65
C THR A 71 24.77 -4.11 10.72
N LYS A 72 25.94 -4.66 10.43
CA LYS A 72 27.13 -4.56 11.30
C LYS A 72 27.72 -3.15 11.39
N MET A 73 27.24 -2.22 10.56
CA MET A 73 27.62 -0.81 10.76
C MET A 73 26.43 0.08 10.50
N PHE A 74 26.51 1.33 10.96
CA PHE A 74 25.40 2.26 10.81
C PHE A 74 25.29 2.57 9.35
N PRO A 75 24.07 2.51 8.78
CA PRO A 75 23.81 2.63 7.32
C PRO A 75 24.42 3.81 6.52
N THR A 76 24.79 4.92 7.13
CA THR A 76 25.55 5.90 6.37
C THR A 76 27.03 5.53 6.24
N ARG A 77 27.44 4.52 6.98
CA ARG A 77 28.82 4.03 6.92
C ARG A 77 29.01 2.95 5.83
N SER A 78 27.90 2.37 5.36
CA SER A 78 27.94 1.36 4.30
C SER A 78 28.80 1.89 3.16
N HIS A 79 29.49 0.98 2.46
CA HIS A 79 30.37 1.35 1.35
C HIS A 79 29.72 2.20 0.26
N THR A 80 28.44 1.96 -0.03
CA THR A 80 27.68 2.71 -1.05
C THR A 80 27.95 4.19 -0.95
N THR A 81 28.25 4.64 0.26
CA THR A 81 28.57 6.04 0.51
C THR A 81 29.88 6.49 -0.18
N ALA A 82 30.68 5.52 -0.55
CA ALA A 82 31.95 5.79 -1.15
C ALA A 82 31.74 6.08 -2.61
N ALA A 83 30.66 5.58 -3.17
CA ALA A 83 30.42 5.73 -4.59
C ALA A 83 30.63 7.16 -5.04
N GLN A 84 31.26 7.31 -6.19
CA GLN A 84 31.67 8.63 -6.63
C GLN A 84 31.09 9.10 -7.99
N GLY A 85 31.43 8.40 -9.08
CA GLY A 85 31.08 8.81 -10.44
C GLY A 85 29.60 8.95 -10.69
N GLY A 86 28.83 8.02 -10.16
CA GLY A 86 27.40 8.18 -10.23
C GLY A 86 26.59 7.00 -10.64
N ILE A 87 25.50 7.30 -11.30
CA ILE A 87 24.51 6.30 -11.57
C ILE A 87 23.97 6.48 -12.98
N ASN A 88 23.82 5.37 -13.67
CA ASN A 88 23.47 5.39 -15.07
C ASN A 88 21.96 5.51 -15.29
N ALA A 89 21.57 6.46 -16.13
CA ALA A 89 20.20 6.48 -16.69
C ALA A 89 20.07 7.37 -17.92
N ALA A 90 19.28 6.89 -18.87
CA ALA A 90 19.06 7.66 -20.06
C ALA A 90 18.02 8.69 -19.75
N LEU A 91 18.46 9.88 -19.40
CA LEU A 91 17.52 10.97 -19.09
C LEU A 91 17.70 12.10 -20.08
N GLY A 92 18.80 12.05 -20.84
CA GLY A 92 19.06 12.97 -21.94
C GLY A 92 19.05 14.45 -21.62
N SER A 93 19.31 14.79 -20.37
CA SER A 93 19.33 16.19 -19.94
C SER A 93 20.48 16.94 -20.64
N MET A 94 21.28 16.16 -21.37
CA MET A 94 22.43 16.66 -22.10
C MET A 94 22.26 16.49 -23.63
N ASN A 95 21.75 15.34 -24.06
CA ASN A 95 21.56 15.07 -25.50
C ASN A 95 20.78 13.78 -25.73
N PRO A 96 19.64 13.88 -26.46
CA PRO A 96 18.66 12.82 -26.68
C PRO A 96 19.20 11.39 -26.62
N ASP A 97 18.67 10.57 -25.69
CA ASP A 97 19.15 9.21 -25.45
C ASP A 97 18.01 8.20 -25.56
N ASP A 98 18.34 6.91 -25.63
CA ASP A 98 17.32 5.86 -25.51
C ASP A 98 17.80 4.76 -24.58
N TRP A 99 16.96 4.43 -23.61
CA TRP A 99 17.24 3.43 -22.57
C TRP A 99 17.81 2.16 -23.17
N LYS A 100 17.68 2.02 -24.48
CA LYS A 100 18.15 0.82 -25.17
C LYS A 100 19.66 0.88 -25.42
N TRP A 101 20.15 2.04 -25.83
CA TRP A 101 21.59 2.23 -25.98
C TRP A 101 22.32 1.86 -24.70
N HIS A 102 21.72 2.20 -23.56
CA HIS A 102 22.22 1.81 -22.23
C HIS A 102 22.19 0.29 -22.10
N PHE A 103 21.11 -0.34 -22.56
CA PHE A 103 21.04 -1.80 -22.51
C PHE A 103 22.19 -2.41 -23.31
N TYR A 104 22.53 -1.73 -24.39
CA TYR A 104 23.55 -2.20 -25.26
C TYR A 104 24.87 -2.22 -24.54
N ASP A 105 25.42 -1.04 -24.34
CA ASP A 105 26.69 -0.87 -23.67
C ASP A 105 26.81 -1.76 -22.44
N THR A 106 25.67 -2.09 -21.82
CA THR A 106 25.65 -2.96 -20.64
C THR A 106 25.94 -4.39 -21.00
N ALA A 107 25.32 -4.88 -22.07
CA ALA A 107 25.64 -6.21 -22.58
C ALA A 107 27.10 -6.24 -23.02
N LYS A 108 27.53 -5.24 -23.79
CA LYS A 108 28.93 -5.15 -24.21
C LYS A 108 29.86 -5.31 -22.99
N GLY A 109 29.70 -4.40 -22.02
CA GLY A 109 30.48 -4.43 -20.79
C GLY A 109 30.41 -5.78 -20.13
N SER A 110 29.34 -6.52 -20.36
CA SER A 110 29.15 -7.79 -19.72
C SER A 110 30.07 -8.88 -20.26
N ASP A 111 30.60 -8.63 -21.48
CA ASP A 111 31.44 -9.57 -22.27
C ASP A 111 30.71 -10.90 -22.49
N TRP A 112 29.41 -10.73 -22.70
CA TRP A 112 28.47 -11.80 -22.99
C TRP A 112 28.42 -12.94 -21.97
N LEU A 113 28.94 -12.67 -20.77
CA LEU A 113 28.72 -13.54 -19.63
C LEU A 113 27.54 -13.01 -18.84
N GLY A 114 26.94 -11.93 -19.33
CA GLY A 114 25.89 -11.25 -18.58
C GLY A 114 24.48 -11.57 -19.03
N ASP A 115 23.67 -12.08 -18.10
CA ASP A 115 22.29 -12.49 -18.37
C ASP A 115 21.48 -11.27 -18.82
N GLN A 116 20.96 -11.34 -20.03
CA GLN A 116 20.38 -10.17 -20.69
C GLN A 116 18.98 -9.81 -20.19
N ASN A 117 18.23 -10.81 -19.73
CA ASN A 117 17.01 -10.57 -18.95
C ASN A 117 17.29 -9.57 -17.80
N ALA A 118 18.23 -9.96 -16.94
CA ALA A 118 18.74 -9.12 -15.86
C ALA A 118 19.05 -7.69 -16.32
N MET A 119 19.83 -7.57 -17.39
CA MET A 119 20.23 -6.26 -17.88
C MET A 119 19.06 -5.46 -18.47
N HIS A 120 18.08 -6.16 -19.06
CA HIS A 120 16.82 -5.58 -19.58
C HIS A 120 16.04 -4.88 -18.47
N TYR A 121 15.96 -5.55 -17.32
CA TYR A 121 15.36 -4.95 -16.12
C TYR A 121 16.18 -3.72 -15.76
N LEU A 122 17.48 -3.94 -15.54
CA LEU A 122 18.39 -2.89 -15.13
C LEU A 122 18.18 -1.62 -15.91
N THR A 123 18.05 -1.72 -17.23
CA THR A 123 18.11 -0.53 -18.11
C THR A 123 16.79 0.19 -18.41
N ARG A 124 15.70 -0.56 -18.59
CA ARG A 124 14.37 0.06 -18.76
C ARG A 124 14.00 0.81 -17.48
N ASN A 125 14.18 0.13 -16.35
CA ASN A 125 13.86 0.65 -15.02
C ASN A 125 14.73 1.83 -14.58
N ALA A 126 16.00 1.84 -15.02
CA ALA A 126 16.96 2.85 -14.59
C ALA A 126 16.45 4.26 -14.75
N VAL A 127 15.73 4.48 -15.85
CA VAL A 127 15.11 5.77 -16.17
C VAL A 127 14.19 6.28 -15.04
N GLU A 128 13.46 5.34 -14.44
CA GLU A 128 12.51 5.59 -13.36
C GLU A 128 13.24 5.56 -12.03
N ALA A 129 13.83 4.42 -11.69
CA ALA A 129 14.65 4.29 -10.49
C ALA A 129 15.38 5.56 -10.12
N VAL A 130 16.18 6.08 -11.06
CA VAL A 130 16.95 7.30 -10.83
C VAL A 130 16.05 8.48 -10.59
N THR A 131 15.00 8.59 -11.39
CA THR A 131 14.10 9.71 -11.27
C THR A 131 13.51 9.70 -9.86
N GLU A 132 13.08 8.51 -9.42
CA GLU A 132 12.58 8.29 -8.07
C GLU A 132 13.49 8.87 -6.99
N LEU A 133 14.81 8.75 -7.18
CA LEU A 133 15.75 9.35 -6.27
C LEU A 133 15.52 10.85 -6.20
N GLU A 134 15.45 11.51 -7.36
CA GLU A 134 15.23 12.98 -7.36
C GLU A 134 13.96 13.34 -6.61
N ASN A 135 12.93 12.55 -6.81
CA ASN A 135 11.69 12.74 -6.09
C ASN A 135 11.87 12.45 -4.58
N PHE A 136 12.72 11.47 -4.22
CA PHE A 136 13.09 11.21 -2.82
C PHE A 136 13.84 12.39 -2.22
N GLY A 137 14.79 12.94 -2.96
CA GLY A 137 15.47 14.18 -2.52
C GLY A 137 16.93 14.36 -2.89
N MET A 138 17.49 13.39 -3.60
CA MET A 138 18.86 13.43 -4.03
C MET A 138 19.18 14.75 -4.75
N PRO A 139 20.11 15.55 -4.17
CA PRO A 139 20.51 16.85 -4.75
C PRO A 139 21.28 16.65 -6.02
N PHE A 140 20.61 16.21 -7.07
CA PHE A 140 21.29 16.01 -8.32
C PHE A 140 21.77 17.32 -8.85
N SER A 141 23.00 17.30 -9.35
CA SER A 141 23.55 18.47 -9.98
C SER A 141 22.81 18.79 -11.30
N ARG A 142 22.88 20.05 -11.72
CA ARG A 142 21.86 20.58 -12.57
C ARG A 142 22.30 21.09 -13.95
N THR A 143 21.44 20.87 -14.97
CA THR A 143 21.55 21.59 -16.26
C THR A 143 20.95 22.97 -16.08
N PRO A 144 21.31 23.91 -16.98
CA PRO A 144 20.74 25.25 -16.83
C PRO A 144 19.19 25.20 -16.77
N GLU A 145 18.59 24.28 -17.51
CA GLU A 145 17.12 24.09 -17.57
C GLU A 145 16.59 23.20 -16.44
N GLY A 146 17.41 23.02 -15.39
CA GLY A 146 17.02 22.23 -14.21
C GLY A 146 16.51 20.84 -14.55
N LYS A 147 17.43 20.03 -15.09
CA LYS A 147 17.29 18.58 -15.32
C LYS A 147 18.48 17.98 -14.61
N ILE A 148 18.50 16.68 -14.41
CA ILE A 148 19.65 16.08 -13.73
C ILE A 148 20.91 16.14 -14.60
N TYR A 149 21.97 16.81 -14.12
CA TYR A 149 23.26 16.81 -14.85
C TYR A 149 23.86 15.43 -15.10
N GLN A 150 24.31 15.21 -16.33
CA GLN A 150 24.94 13.95 -16.70
C GLN A 150 26.39 14.13 -17.23
N ARG A 151 27.30 13.31 -16.68
CA ARG A 151 28.67 13.26 -17.17
C ARG A 151 28.87 12.09 -18.10
N SER A 152 29.96 12.14 -18.85
CA SER A 152 30.38 10.98 -19.59
C SER A 152 30.97 10.02 -18.62
N PHE A 153 31.21 8.80 -19.07
CA PHE A 153 31.78 7.79 -18.22
C PHE A 153 32.37 6.70 -19.10
N GLY A 154 32.97 5.72 -18.42
CA GLY A 154 33.67 4.64 -19.06
C GLY A 154 32.78 3.49 -19.50
N GLY A 155 32.68 3.38 -20.82
CA GLY A 155 32.14 2.21 -21.50
C GLY A 155 30.79 2.36 -22.19
N GLN A 156 30.33 3.60 -22.30
CA GLN A 156 28.99 3.89 -22.83
C GLN A 156 29.00 4.81 -24.06
N SER A 157 28.06 4.53 -24.95
CA SER A 157 27.91 5.23 -26.22
C SER A 157 26.51 5.08 -26.78
N ASN A 158 26.09 6.10 -27.50
CA ASN A 158 24.76 6.13 -28.11
C ASN A 158 24.71 5.28 -29.40
N ASN A 159 23.50 4.96 -29.86
CA ASN A 159 23.25 4.31 -31.17
C ASN A 159 23.53 2.84 -31.31
N TYR A 160 23.41 2.09 -30.22
CA TYR A 160 23.76 0.69 -30.25
C TYR A 160 25.23 0.65 -30.67
N GLY A 161 26.05 1.33 -29.89
CA GLY A 161 27.50 1.33 -30.05
C GLY A 161 28.04 2.04 -31.27
N LYS A 162 27.24 2.94 -31.85
CA LYS A 162 27.63 3.59 -33.10
C LYS A 162 27.18 5.07 -33.17
N GLY A 163 27.42 5.80 -32.09
CA GLY A 163 27.14 7.24 -32.03
C GLY A 163 28.41 7.98 -31.65
N GLY A 164 28.35 8.70 -30.53
CA GLY A 164 29.54 9.36 -29.95
C GLY A 164 29.95 8.65 -28.67
N VAL A 165 30.35 9.40 -27.65
CA VAL A 165 30.46 8.80 -26.31
C VAL A 165 29.29 9.36 -25.51
N ALA A 166 28.75 8.55 -24.60
CA ALA A 166 27.52 8.89 -23.88
C ALA A 166 27.71 9.92 -22.77
N LYS A 167 26.69 10.76 -22.57
CA LYS A 167 26.49 11.49 -21.32
C LYS A 167 25.19 10.97 -20.72
N ARG A 168 25.30 9.91 -19.92
CA ARG A 168 24.17 9.20 -19.34
C ARG A 168 24.40 8.89 -17.89
N THR A 169 25.53 9.34 -17.40
CA THR A 169 25.86 9.16 -15.99
C THR A 169 25.27 10.31 -15.18
N CYS A 170 24.55 9.95 -14.11
CA CYS A 170 23.95 10.92 -13.20
C CYS A 170 24.79 11.00 -11.96
N CYS A 171 24.86 12.22 -11.42
CA CYS A 171 25.78 12.54 -10.32
C CYS A 171 25.51 13.82 -9.51
N VAL A 172 25.45 13.62 -8.19
CA VAL A 172 25.64 14.70 -7.24
C VAL A 172 27.11 15.08 -7.31
N ALA A 173 27.43 15.91 -8.30
CA ALA A 173 28.80 16.34 -8.56
C ALA A 173 29.68 15.12 -8.55
N ASP A 174 30.30 14.86 -7.40
CA ASP A 174 31.48 14.02 -7.32
C ASP A 174 31.40 12.87 -6.32
N ARG A 175 30.55 13.00 -5.31
CA ARG A 175 30.45 12.00 -4.25
C ARG A 175 29.04 11.46 -4.25
N THR A 176 28.59 11.06 -5.44
CA THR A 176 27.21 10.63 -5.70
C THR A 176 26.69 9.55 -4.79
N GLY A 177 27.50 8.51 -4.58
CA GLY A 177 27.06 7.38 -3.79
C GLY A 177 26.72 7.74 -2.37
N HIS A 178 27.39 8.77 -1.88
CA HIS A 178 27.12 9.29 -0.57
C HIS A 178 25.74 9.90 -0.52
N SER A 179 25.45 10.78 -1.47
CA SER A 179 24.20 11.49 -1.48
C SER A 179 23.04 10.52 -1.60
N MET A 180 23.24 9.42 -2.32
CA MET A 180 22.18 8.41 -2.54
C MET A 180 21.94 7.57 -1.31
N LEU A 181 23.03 7.17 -0.63
CA LEU A 181 22.92 6.43 0.61
C LEU A 181 22.23 7.23 1.72
N HIS A 182 22.55 8.51 1.85
CA HIS A 182 21.95 9.41 2.86
C HIS A 182 20.53 9.72 2.49
N THR A 183 20.23 9.74 1.19
CA THR A 183 18.87 9.95 0.72
C THR A 183 18.08 8.69 0.94
N LEU A 184 18.55 7.58 0.37
CA LEU A 184 17.92 6.29 0.61
C LEU A 184 17.80 6.03 2.10
N TYR A 185 18.69 6.63 2.90
CA TYR A 185 18.62 6.42 4.32
C TYR A 185 17.53 7.28 4.92
N GLY A 186 17.44 8.51 4.44
CA GLY A 186 16.52 9.49 4.98
C GLY A 186 15.17 8.88 4.81
N ASN A 187 14.88 8.46 3.59
CA ASN A 187 13.60 7.88 3.33
C ASN A 187 13.37 6.55 4.08
N SER A 188 14.43 5.91 4.55
CA SER A 188 14.22 4.66 5.27
C SER A 188 13.58 4.88 6.66
N LEU A 189 13.42 6.13 7.06
CA LEU A 189 12.96 6.40 8.39
C LEU A 189 11.47 6.54 8.41
N ARG A 190 10.93 7.09 7.32
CA ARG A 190 9.47 7.23 7.04
C ARG A 190 8.68 5.91 6.91
N CYS A 191 9.36 4.79 6.64
CA CYS A 191 8.67 3.53 6.40
C CYS A 191 8.94 2.47 7.47
N HIS A 192 9.14 2.95 8.70
CA HIS A 192 9.05 2.14 9.91
C HIS A 192 9.78 0.78 9.86
N CYS A 193 11.04 0.80 9.44
CA CYS A 193 11.70 -0.44 9.17
C CYS A 193 12.60 -0.83 10.33
N THR A 194 12.04 -1.03 11.53
CA THR A 194 12.88 -1.12 12.74
C THR A 194 14.32 -1.65 12.46
N PHE A 195 15.30 -0.72 12.58
CA PHE A 195 16.73 -0.93 12.25
C PHE A 195 17.54 -1.60 13.32
N PHE A 196 18.38 -2.55 12.96
CA PHE A 196 19.14 -3.32 13.95
C PHE A 196 20.66 -3.08 13.88
N ILE A 197 21.07 -1.80 13.96
CA ILE A 197 22.44 -1.31 13.70
C ILE A 197 23.56 -1.83 14.64
N GLU A 198 24.68 -2.28 14.07
CA GLU A 198 25.76 -2.92 14.84
C GLU A 198 25.33 -4.24 15.48
N TYR A 199 24.82 -5.11 14.61
CA TYR A 199 24.69 -6.54 14.82
C TYR A 199 25.36 -7.20 13.61
N PHE A 200 25.98 -8.36 13.85
CA PHE A 200 26.81 -9.07 12.85
C PHE A 200 26.14 -10.34 12.36
N ALA A 201 25.70 -10.36 11.10
CA ALA A 201 25.01 -11.53 10.59
C ALA A 201 26.00 -12.66 10.64
N LEU A 202 25.62 -13.74 11.31
CA LEU A 202 26.49 -14.88 11.49
C LEU A 202 26.25 -15.93 10.42
N ASP A 203 25.02 -16.43 10.39
CA ASP A 203 24.60 -17.42 9.43
C ASP A 203 23.12 -17.36 9.14
N LEU A 204 22.75 -17.90 7.98
CA LEU A 204 21.36 -17.98 7.62
C LEU A 204 20.65 -19.05 8.44
N LEU A 205 19.38 -18.79 8.74
CA LEU A 205 18.51 -19.81 9.33
C LEU A 205 17.96 -20.82 8.30
N MET A 206 18.66 -21.94 8.23
CA MET A 206 18.40 -22.94 7.23
C MET A 206 17.66 -24.16 7.77
N ASP A 207 16.55 -24.46 7.10
CA ASP A 207 15.73 -25.65 7.31
C ASP A 207 15.28 -26.21 5.96
N LYS A 208 16.03 -27.20 5.45
CA LYS A 208 15.77 -27.86 4.16
C LYS A 208 15.48 -26.85 3.01
N GLY A 209 16.53 -26.16 2.56
CA GLY A 209 16.48 -25.34 1.36
C GLY A 209 15.60 -24.11 1.42
N ARG A 210 15.04 -23.83 2.61
CA ARG A 210 14.18 -22.65 2.83
C ARG A 210 14.63 -21.74 4.02
N CYS A 211 14.60 -20.42 3.78
CA CYS A 211 15.19 -19.46 4.71
C CYS A 211 14.15 -18.73 5.60
N VAL A 212 14.41 -18.80 6.89
CA VAL A 212 13.45 -18.41 7.92
C VAL A 212 13.95 -17.21 8.72
N GLY A 213 15.16 -16.78 8.41
CA GLY A 213 15.76 -15.64 9.09
C GLY A 213 17.24 -15.81 9.26
N VAL A 214 17.82 -14.95 10.08
CA VAL A 214 19.26 -14.93 10.24
C VAL A 214 19.56 -15.15 11.71
N ILE A 215 20.83 -15.28 12.07
CA ILE A 215 21.22 -15.23 13.47
C ILE A 215 22.39 -14.26 13.65
N ALA A 216 22.21 -13.25 14.51
CA ALA A 216 23.20 -12.16 14.64
C ALA A 216 23.86 -12.02 16.01
N LEU A 217 25.15 -11.74 16.03
CA LEU A 217 25.80 -11.24 17.24
C LEU A 217 25.49 -9.77 17.40
N CYS A 218 24.97 -9.38 18.55
CA CYS A 218 24.77 -7.98 18.85
C CYS A 218 26.03 -7.40 19.48
N LEU A 219 26.62 -6.42 18.78
CA LEU A 219 27.91 -5.86 19.14
C LEU A 219 27.86 -5.20 20.46
N GLU A 220 26.91 -4.28 20.56
CA GLU A 220 26.70 -3.47 21.76
C GLU A 220 26.51 -4.22 23.10
N ASP A 221 26.21 -5.53 23.07
CA ASP A 221 26.03 -6.26 24.34
C ASP A 221 26.27 -7.77 24.31
N GLY A 222 26.96 -8.25 23.27
CA GLY A 222 27.30 -9.69 23.09
C GLY A 222 26.16 -10.69 23.18
N THR A 223 24.93 -10.25 22.94
CA THR A 223 23.79 -11.14 22.96
C THR A 223 23.51 -11.58 21.54
N ILE A 224 22.74 -12.66 21.40
CA ILE A 224 22.53 -13.29 20.10
C ILE A 224 21.06 -13.30 19.76
N HIS A 225 20.78 -13.01 18.49
CA HIS A 225 19.44 -12.72 18.02
C HIS A 225 18.99 -13.60 16.86
N ARG A 226 17.84 -14.25 17.04
CA ARG A 226 17.30 -15.21 16.07
C ARG A 226 16.07 -14.64 15.39
N PHE A 227 16.26 -14.32 14.11
CA PHE A 227 15.26 -13.61 13.31
C PHE A 227 14.35 -14.54 12.48
N ARG A 228 13.31 -15.06 13.12
CA ARG A 228 12.27 -15.79 12.42
C ARG A 228 11.63 -14.75 11.51
N SER A 229 11.75 -15.00 10.22
CA SER A 229 11.06 -14.17 9.25
C SER A 229 10.78 -14.93 7.97
N LYS A 230 9.60 -14.64 7.43
CA LYS A 230 9.11 -15.26 6.19
C LYS A 230 10.15 -15.26 5.06
N ARG A 231 10.76 -14.10 4.81
CA ARG A 231 11.85 -13.97 3.86
C ARG A 231 13.14 -13.46 4.48
N THR A 232 14.19 -13.46 3.67
CA THR A 232 15.49 -12.93 4.06
C THR A 232 16.07 -12.28 2.79
N ILE A 233 16.84 -11.20 2.94
CA ILE A 233 17.49 -10.56 1.80
C ILE A 233 18.92 -10.17 2.20
N VAL A 234 19.91 -10.58 1.40
CA VAL A 234 21.34 -10.42 1.74
C VAL A 234 22.03 -9.29 0.94
N ALA A 235 22.17 -8.09 1.50
CA ALA A 235 22.74 -6.95 0.72
C ALA A 235 24.08 -6.45 1.28
N THR A 236 25.02 -7.38 1.39
CA THR A 236 26.27 -7.20 2.12
C THR A 236 27.43 -6.58 1.35
N GLY A 237 27.20 -6.23 0.08
CA GLY A 237 28.26 -5.70 -0.77
C GLY A 237 29.40 -6.68 -1.00
N GLY A 238 30.49 -6.16 -1.56
CA GLY A 238 31.56 -7.00 -2.09
C GLY A 238 32.54 -7.57 -1.09
N TYR A 239 33.67 -8.07 -1.61
CA TYR A 239 34.75 -8.65 -0.79
C TYR A 239 36.16 -8.16 -1.12
N GLY A 240 36.25 -6.96 -1.69
CA GLY A 240 37.55 -6.38 -2.05
C GLY A 240 38.67 -6.53 -1.02
N ARG A 241 38.31 -6.50 0.26
CA ARG A 241 39.28 -6.68 1.33
C ARG A 241 40.01 -8.05 1.30
N ALA A 242 39.59 -8.93 0.39
CA ALA A 242 40.28 -10.20 0.23
C ALA A 242 41.61 -9.98 -0.45
N TYR A 243 41.87 -8.74 -0.86
CA TYR A 243 43.13 -8.40 -1.51
C TYR A 243 44.07 -7.54 -0.65
N PHE A 244 45.35 -7.56 -0.98
CA PHE A 244 46.24 -6.64 -0.34
C PHE A 244 45.77 -5.25 -0.65
N SER A 245 45.50 -4.94 -1.92
CA SER A 245 45.04 -3.58 -2.27
C SER A 245 43.68 -3.46 -2.97
N CYS A 246 42.77 -2.74 -2.31
CA CYS A 246 41.43 -2.49 -2.83
C CYS A 246 40.95 -1.09 -2.50
N THR A 247 39.97 -0.62 -3.27
CA THR A 247 39.41 0.71 -3.08
C THR A 247 38.36 0.66 -1.99
N THR A 248 37.90 -0.57 -1.74
CA THR A 248 36.79 -0.86 -0.82
C THR A 248 37.09 -0.56 0.65
N ALA A 249 36.03 -0.58 1.46
CA ALA A 249 36.10 -0.27 2.88
C ALA A 249 36.42 -1.52 3.67
N HIS A 250 36.90 -1.30 4.89
CA HIS A 250 37.43 -2.33 5.76
C HIS A 250 36.41 -3.38 6.10
N MET A 251 35.18 -3.09 5.71
CA MET A 251 34.03 -3.85 6.13
C MET A 251 33.55 -4.72 5.00
N ASN A 252 34.00 -4.41 3.79
CA ASN A 252 33.74 -5.23 2.63
C ASN A 252 34.41 -6.61 2.68
N THR A 253 34.03 -7.45 3.62
CA THR A 253 34.66 -8.76 3.75
C THR A 253 33.72 -9.82 3.22
N GLY A 254 32.65 -9.34 2.58
CA GLY A 254 31.61 -10.17 1.95
C GLY A 254 31.16 -11.31 2.82
N ASP A 255 30.44 -10.96 3.87
CA ASP A 255 30.01 -11.92 4.86
C ASP A 255 28.75 -12.60 4.36
N GLY A 256 28.08 -11.90 3.44
CA GLY A 256 26.89 -12.40 2.78
C GLY A 256 27.21 -13.64 1.99
N THR A 257 28.21 -13.55 1.12
CA THR A 257 28.64 -14.68 0.29
C THR A 257 29.19 -15.85 1.10
N ALA A 258 29.61 -15.57 2.34
CA ALA A 258 29.91 -16.60 3.31
C ALA A 258 28.60 -17.22 3.86
N LEU A 259 27.80 -16.40 4.54
CA LEU A 259 26.47 -16.80 5.05
C LEU A 259 25.70 -17.80 4.19
N ALA A 260 25.90 -17.68 2.89
CA ALA A 260 25.17 -18.43 1.90
C ALA A 260 26.01 -19.60 1.42
N THR A 261 27.34 -19.44 1.37
CA THR A 261 28.25 -20.58 1.17
C THR A 261 28.07 -21.59 2.30
N ARG A 262 27.86 -21.04 3.51
CA ARG A 262 27.79 -21.78 4.77
C ARG A 262 26.38 -22.33 5.00
N ALA A 263 25.42 -21.79 4.26
CA ALA A 263 24.10 -22.39 4.17
C ALA A 263 23.94 -23.33 2.95
N GLY A 264 25.07 -23.76 2.37
CA GLY A 264 25.07 -24.74 1.27
C GLY A 264 24.76 -24.21 -0.12
N ILE A 265 24.63 -22.89 -0.27
CA ILE A 265 24.43 -22.26 -1.59
C ILE A 265 25.75 -22.25 -2.36
N ALA A 266 25.65 -22.31 -3.69
CA ALA A 266 26.81 -22.22 -4.56
C ALA A 266 26.85 -20.85 -5.19
N LEU A 267 28.04 -20.26 -5.18
CA LEU A 267 28.28 -18.89 -5.66
C LEU A 267 28.80 -18.87 -7.10
N GLU A 268 28.65 -17.74 -7.79
CA GLU A 268 29.07 -17.68 -9.19
C GLU A 268 29.91 -16.47 -9.57
N ASP A 269 30.75 -16.69 -10.57
CA ASP A 269 31.55 -15.68 -11.25
C ASP A 269 32.51 -14.93 -10.33
N LEU A 270 32.80 -15.54 -9.19
CA LEU A 270 33.73 -14.98 -8.21
C LEU A 270 34.97 -14.39 -8.88
N GLU A 271 35.49 -15.11 -9.88
CA GLU A 271 36.72 -14.75 -10.61
C GLU A 271 36.63 -13.43 -11.35
N PHE A 272 35.44 -12.86 -11.42
CA PHE A 272 35.30 -11.59 -12.05
C PHE A 272 35.30 -10.42 -11.07
N ILE A 273 36.51 -9.92 -10.88
CA ILE A 273 36.91 -9.00 -9.83
C ILE A 273 37.38 -7.78 -10.60
N GLN A 274 36.48 -6.84 -10.83
CA GLN A 274 36.89 -5.66 -11.57
C GLN A 274 38.02 -4.99 -10.79
N PHE A 275 39.08 -4.65 -11.52
CA PHE A 275 40.11 -3.76 -11.03
C PHE A 275 39.74 -2.42 -11.57
N HIS A 276 39.62 -1.45 -10.69
CA HIS A 276 39.37 -0.09 -11.12
C HIS A 276 40.67 0.52 -11.69
N PRO A 277 40.58 1.28 -12.81
CA PRO A 277 41.80 1.85 -13.41
C PRO A 277 42.54 2.84 -12.48
N THR A 278 41.77 3.70 -11.83
CA THR A 278 42.31 4.87 -11.12
C THR A 278 42.23 4.81 -9.58
N GLY A 279 42.96 3.87 -8.97
CA GLY A 279 43.11 3.83 -7.49
C GLY A 279 44.42 4.42 -7.00
N ILE A 280 44.39 5.19 -5.90
CA ILE A 280 45.55 6.02 -5.47
C ILE A 280 46.75 5.17 -5.11
N TYR A 281 47.88 5.44 -5.78
CA TYR A 281 49.09 4.60 -5.74
C TYR A 281 49.41 4.01 -4.38
N GLY A 282 49.51 4.88 -3.37
CA GLY A 282 49.87 4.45 -2.01
C GLY A 282 48.80 3.76 -1.16
N VAL A 283 47.79 4.52 -0.77
CA VAL A 283 46.82 4.04 0.21
C VAL A 283 45.72 3.20 -0.45
N GLY A 284 45.36 3.55 -1.68
CA GLY A 284 44.51 2.68 -2.50
C GLY A 284 43.03 3.04 -2.57
N CYS A 285 42.74 4.34 -2.48
CA CYS A 285 41.36 4.88 -2.44
C CYS A 285 40.92 5.49 -3.76
N LEU A 286 39.75 5.06 -4.22
CA LEU A 286 39.25 5.42 -5.54
C LEU A 286 39.37 6.92 -5.87
N ILE A 287 39.98 7.23 -7.01
CA ILE A 287 39.69 8.46 -7.78
C ILE A 287 38.67 8.09 -8.83
N THR A 288 37.57 8.82 -8.90
CA THR A 288 36.45 8.45 -9.77
C THR A 288 36.84 8.24 -11.25
N GLU A 289 36.12 7.33 -11.91
CA GLU A 289 36.22 7.20 -13.36
C GLU A 289 35.58 8.42 -13.97
N GLY A 290 34.78 9.13 -13.19
CA GLY A 290 34.15 10.39 -13.60
C GLY A 290 35.15 11.42 -14.06
N SER A 291 36.27 11.48 -13.35
CA SER A 291 37.40 12.36 -13.68
C SER A 291 37.76 12.31 -15.16
N ARG A 292 37.56 11.14 -15.77
CA ARG A 292 37.85 10.88 -17.18
C ARG A 292 36.72 11.33 -18.11
N GLY A 293 35.47 11.15 -17.67
CA GLY A 293 34.30 11.55 -18.44
C GLY A 293 34.09 13.05 -18.45
N GLU A 294 34.87 13.73 -17.60
CA GLU A 294 34.97 15.19 -17.61
C GLU A 294 36.17 15.71 -18.47
N GLY A 295 37.05 14.80 -18.91
CA GLY A 295 38.15 15.15 -19.82
C GLY A 295 39.58 14.87 -19.33
N GLY A 296 39.69 14.24 -18.16
CA GLY A 296 40.99 13.77 -17.67
C GLY A 296 41.42 12.51 -18.41
N PHE A 297 42.72 12.25 -18.46
CA PHE A 297 43.18 11.12 -19.25
C PHE A 297 44.43 10.52 -18.66
N LEU A 298 44.80 9.35 -19.16
CA LEU A 298 45.98 8.65 -18.67
C LEU A 298 47.24 8.96 -19.46
N VAL A 299 48.33 9.09 -18.72
CA VAL A 299 49.64 9.53 -19.23
C VAL A 299 50.78 8.61 -18.68
N ASN A 300 51.64 8.15 -19.58
CA ASN A 300 52.75 7.19 -19.31
C ASN A 300 54.07 7.83 -18.79
N SER A 301 55.22 7.38 -19.28
CA SER A 301 56.51 7.97 -18.89
C SER A 301 56.83 9.15 -19.77
N GLU A 302 56.83 8.94 -21.07
CA GLU A 302 57.09 10.04 -21.99
C GLU A 302 55.84 10.94 -22.22
N GLY A 303 54.79 10.72 -21.41
CA GLY A 303 53.62 11.59 -21.42
C GLY A 303 52.92 11.75 -22.76
N GLU A 304 52.35 10.65 -23.26
CA GLU A 304 51.54 10.61 -24.47
C GLU A 304 50.27 9.90 -24.04
N ARG A 305 49.10 10.39 -24.48
CA ARG A 305 47.80 9.81 -24.10
C ARG A 305 47.67 8.34 -24.51
N PHE A 306 48.31 7.43 -23.77
CA PHE A 306 48.57 6.08 -24.27
C PHE A 306 47.35 5.22 -24.49
N MET A 307 46.16 5.80 -24.40
CA MET A 307 44.95 5.09 -24.76
C MET A 307 44.48 5.47 -26.17
N GLU A 308 44.94 6.62 -26.67
CA GLU A 308 44.75 7.04 -28.07
C GLU A 308 45.40 6.01 -29.00
N ARG A 309 45.88 4.93 -28.40
CA ARG A 309 46.54 3.82 -29.08
C ARG A 309 45.93 2.46 -28.73
N TYR A 310 45.47 2.32 -27.49
CA TYR A 310 44.88 1.07 -26.98
C TYR A 310 43.37 0.93 -27.22
N ALA A 311 42.73 2.03 -27.62
CA ALA A 311 41.29 2.07 -27.80
C ALA A 311 40.88 3.29 -28.62
N PRO A 312 41.34 3.38 -29.87
CA PRO A 312 41.22 4.55 -30.75
C PRO A 312 40.01 5.49 -30.52
N LYS A 313 38.78 4.94 -30.53
CA LYS A 313 37.53 5.75 -30.41
C LYS A 313 37.06 6.11 -28.97
N ALA A 314 37.04 5.12 -28.07
CA ALA A 314 36.66 5.30 -26.64
C ALA A 314 37.73 6.00 -25.81
N LYS A 315 38.98 5.60 -26.07
CA LYS A 315 40.17 6.21 -25.52
C LYS A 315 40.33 5.96 -24.04
N ASP A 316 40.29 7.02 -23.26
CA ASP A 316 40.44 6.91 -21.82
C ASP A 316 39.08 6.59 -21.18
N LEU A 317 38.06 6.48 -22.02
CA LEU A 317 36.73 6.13 -21.56
C LEU A 317 36.34 4.71 -21.96
N ALA A 318 37.33 3.86 -22.20
CA ALA A 318 37.07 2.46 -22.49
C ALA A 318 36.57 1.84 -21.22
N SER A 319 35.94 0.68 -21.32
CA SER A 319 35.55 -0.05 -20.12
C SER A 319 36.76 -0.27 -19.22
N ARG A 320 36.52 -0.27 -17.92
CA ARG A 320 37.54 -0.40 -16.91
C ARG A 320 38.38 -1.70 -17.04
N ASP A 321 37.73 -2.84 -17.34
CA ASP A 321 38.44 -4.14 -17.53
C ASP A 321 39.57 -4.07 -18.59
N VAL A 322 39.48 -3.08 -19.46
CA VAL A 322 40.35 -2.95 -20.61
C VAL A 322 41.34 -1.81 -20.39
N VAL A 323 40.92 -0.80 -19.63
CA VAL A 323 41.79 0.35 -19.26
C VAL A 323 42.79 -0.06 -18.16
N SER A 324 42.34 -0.90 -17.23
CA SER A 324 43.21 -1.37 -16.17
C SER A 324 44.21 -2.43 -16.65
N ARG A 325 43.86 -3.19 -17.68
CA ARG A 325 44.83 -4.09 -18.32
C ARG A 325 45.79 -3.25 -19.16
N ALA A 326 45.23 -2.29 -19.91
CA ALA A 326 46.01 -1.30 -20.70
C ALA A 326 47.08 -0.60 -19.88
N GLU A 327 46.74 -0.21 -18.66
CA GLU A 327 47.67 0.41 -17.73
C GLU A 327 48.79 -0.55 -17.31
N THR A 328 48.42 -1.76 -16.91
CA THR A 328 49.34 -2.77 -16.34
C THR A 328 50.49 -3.20 -17.23
N ILE A 329 50.29 -3.10 -18.54
CA ILE A 329 51.30 -3.49 -19.50
C ILE A 329 52.33 -2.38 -19.61
N GLU A 330 51.86 -1.14 -19.78
CA GLU A 330 52.74 0.01 -19.78
C GLU A 330 53.73 -0.01 -18.61
N ILE A 331 53.33 -0.65 -17.52
CA ILE A 331 54.17 -0.83 -16.34
C ILE A 331 55.27 -1.86 -16.63
N MET A 332 54.90 -3.15 -16.72
CA MET A 332 55.85 -4.24 -16.99
C MET A 332 56.83 -3.87 -18.10
N GLU A 333 56.41 -2.97 -18.99
CA GLU A 333 57.29 -2.51 -20.06
C GLU A 333 57.99 -1.13 -19.78
N GLY A 334 58.14 -0.74 -18.52
CA GLY A 334 58.93 0.45 -18.12
C GLY A 334 58.48 1.86 -18.49
N ARG A 335 57.33 2.00 -19.15
CA ARG A 335 56.74 3.31 -19.43
C ARG A 335 55.99 3.87 -18.22
N GLY A 336 56.15 3.21 -17.08
CA GLY A 336 55.55 3.66 -15.83
C GLY A 336 56.12 4.99 -15.41
N VAL A 337 55.51 5.60 -14.42
CA VAL A 337 56.02 6.85 -13.86
C VAL A 337 56.19 6.72 -12.33
N GLY A 338 56.64 7.80 -11.70
CA GLY A 338 56.98 7.83 -10.28
C GLY A 338 58.47 7.64 -10.03
N PRO A 339 58.88 7.47 -8.77
CA PRO A 339 60.28 7.13 -8.55
C PRO A 339 60.54 5.69 -8.98
N GLU A 340 59.48 4.95 -9.24
CA GLU A 340 59.56 3.50 -9.37
C GLU A 340 59.24 2.89 -10.72
N LYS A 341 58.62 3.68 -11.59
CA LYS A 341 58.17 3.24 -12.92
C LYS A 341 57.13 2.07 -12.87
N ASP A 342 56.22 2.14 -11.88
CA ASP A 342 55.27 1.04 -11.55
C ASP A 342 53.79 1.43 -11.30
N HIS A 343 53.49 2.72 -11.37
CA HIS A 343 52.12 3.22 -11.42
C HIS A 343 52.07 4.23 -12.55
N ILE A 344 50.91 4.77 -12.85
CA ILE A 344 50.89 5.82 -13.88
C ILE A 344 50.29 7.16 -13.37
N TYR A 345 50.30 8.20 -14.22
CA TYR A 345 49.70 9.51 -13.90
C TYR A 345 48.28 9.64 -14.48
N LEU A 346 47.37 10.20 -13.69
CA LEU A 346 46.07 10.64 -14.16
C LEU A 346 46.15 12.15 -14.16
N GLN A 347 45.99 12.74 -15.34
CA GLN A 347 46.16 14.17 -15.52
C GLN A 347 44.82 14.86 -15.61
N LEU A 348 44.62 15.84 -14.71
CA LEU A 348 43.39 16.64 -14.69
C LEU A 348 43.72 18.11 -14.79
N HIS A 349 44.96 18.45 -14.45
CA HIS A 349 45.44 19.84 -14.35
C HIS A 349 45.22 20.79 -15.56
N HIS A 350 44.94 20.23 -16.74
CA HIS A 350 44.59 21.04 -17.92
C HIS A 350 43.18 21.65 -17.87
N LEU A 351 42.19 20.85 -17.45
CA LEU A 351 40.80 21.29 -17.24
C LEU A 351 40.73 22.56 -16.37
N PRO A 352 39.76 23.47 -16.70
CA PRO A 352 39.67 24.75 -15.98
C PRO A 352 39.22 24.56 -14.53
N ALA A 353 39.97 25.14 -13.61
CA ALA A 353 39.73 25.03 -12.16
C ALA A 353 38.27 25.26 -11.79
N GLU A 354 37.56 26.00 -12.64
CA GLU A 354 36.13 26.32 -12.49
C GLU A 354 35.16 25.18 -12.82
N GLN A 355 35.73 24.02 -13.15
CA GLN A 355 34.97 22.85 -13.53
C GLN A 355 35.47 21.71 -12.66
N LEU A 356 36.72 21.84 -12.23
CA LEU A 356 37.26 20.98 -11.19
C LEU A 356 36.62 21.29 -9.84
N HIS A 357 35.97 22.45 -9.70
CA HIS A 357 35.27 22.74 -8.46
C HIS A 357 33.94 22.01 -8.47
N GLN A 358 33.11 22.28 -9.48
CA GLN A 358 31.74 21.76 -9.47
C GLN A 358 31.59 20.30 -9.90
N ARG A 359 32.46 19.85 -10.81
CA ARG A 359 32.32 18.50 -11.35
C ARG A 359 33.15 17.42 -10.63
N LEU A 360 34.31 17.82 -10.09
CA LEU A 360 35.17 16.89 -9.37
C LEU A 360 35.67 17.38 -7.98
N PRO A 361 34.77 18.00 -7.20
CA PRO A 361 35.14 18.61 -5.92
C PRO A 361 35.74 17.68 -4.87
N GLY A 362 35.11 16.52 -4.66
CA GLY A 362 35.45 15.63 -3.56
C GLY A 362 36.72 14.80 -3.71
N ILE A 363 37.25 14.79 -4.92
CA ILE A 363 38.47 14.08 -5.21
C ILE A 363 39.61 15.04 -5.53
N SER A 364 39.29 16.33 -5.62
CA SER A 364 40.34 17.36 -5.63
C SER A 364 41.06 17.23 -4.29
N GLU A 365 40.29 16.78 -3.30
CA GLU A 365 40.68 16.77 -1.90
C GLU A 365 41.24 15.41 -1.57
N THR A 366 40.46 14.36 -1.79
CA THR A 366 40.91 13.02 -1.42
C THR A 366 42.21 12.66 -2.16
N ALA A 367 42.59 13.49 -3.14
CA ALA A 367 43.92 13.43 -3.75
C ALA A 367 44.90 14.27 -2.94
N LYS A 368 44.56 15.55 -2.72
CA LYS A 368 45.36 16.45 -1.90
C LYS A 368 45.65 15.85 -0.49
N ILE A 369 44.67 15.14 0.08
CA ILE A 369 44.83 14.70 1.45
C ILE A 369 45.70 13.44 1.54
N PHE A 370 45.81 12.71 0.45
CA PHE A 370 46.50 11.43 0.50
C PHE A 370 47.74 11.26 -0.41
N ALA A 371 47.96 12.19 -1.32
CA ALA A 371 48.99 12.02 -2.33
C ALA A 371 49.67 13.33 -2.62
N GLY A 372 49.31 14.33 -1.84
CA GLY A 372 49.94 15.63 -1.96
C GLY A 372 49.66 16.37 -3.24
N VAL A 373 48.64 15.97 -4.00
CA VAL A 373 48.42 16.58 -5.32
C VAL A 373 47.31 17.64 -5.46
N ASP A 374 47.76 18.87 -5.75
CA ASP A 374 46.89 19.95 -6.19
C ASP A 374 46.50 19.62 -7.63
N VAL A 375 45.31 19.07 -7.78
CA VAL A 375 44.87 18.55 -9.07
C VAL A 375 44.74 19.60 -10.18
N THR A 376 45.14 20.85 -9.93
CA THR A 376 45.17 21.83 -11.00
C THR A 376 46.57 22.13 -11.49
N LYS A 377 47.56 21.39 -10.99
CA LYS A 377 48.96 21.69 -11.31
C LYS A 377 49.86 20.44 -11.51
N GLU A 378 49.45 19.29 -10.97
CA GLU A 378 50.14 18.01 -11.24
C GLU A 378 49.18 16.84 -11.49
N PRO A 379 49.74 15.70 -11.94
CA PRO A 379 48.95 14.51 -12.10
C PRO A 379 48.90 13.69 -10.82
N ILE A 380 47.98 12.72 -10.82
CA ILE A 380 47.73 11.87 -9.66
C ILE A 380 48.29 10.47 -9.85
N PRO A 381 49.20 10.06 -8.96
CA PRO A 381 49.61 8.69 -8.73
C PRO A 381 48.42 7.73 -8.74
N VAL A 382 48.27 6.96 -9.84
CA VAL A 382 47.23 5.89 -9.93
C VAL A 382 47.66 4.51 -10.51
N ILE A 383 47.34 3.47 -9.75
CA ILE A 383 47.49 2.08 -10.18
C ILE A 383 46.13 1.39 -10.09
N PRO A 384 45.80 0.55 -11.09
CA PRO A 384 44.72 -0.41 -10.93
C PRO A 384 44.58 -0.97 -9.48
N THR A 385 43.35 -0.94 -8.94
CA THR A 385 43.08 -1.49 -7.61
C THR A 385 41.83 -2.37 -7.60
N VAL A 386 41.90 -3.49 -6.91
CA VAL A 386 40.72 -4.33 -6.72
C VAL A 386 39.62 -3.35 -6.36
N HIS A 387 38.46 -3.45 -7.02
CA HIS A 387 37.41 -2.44 -6.82
C HIS A 387 36.00 -2.97 -6.60
N TYR A 388 35.46 -3.71 -7.57
CA TYR A 388 34.11 -4.24 -7.45
C TYR A 388 34.09 -5.73 -7.74
N ASN A 389 33.01 -6.39 -7.37
CA ASN A 389 32.90 -7.83 -7.46
C ASN A 389 31.63 -8.16 -8.19
N MET A 390 31.70 -8.42 -9.51
CA MET A 390 30.46 -8.77 -10.23
C MET A 390 29.89 -9.92 -9.44
N GLY A 391 30.72 -10.95 -9.29
CA GLY A 391 30.50 -12.10 -8.42
C GLY A 391 29.60 -11.94 -7.22
N GLY A 392 28.89 -13.03 -6.96
CA GLY A 392 27.99 -13.10 -5.83
C GLY A 392 27.09 -14.32 -5.79
N ILE A 393 25.95 -14.14 -5.13
CA ILE A 393 25.03 -15.23 -4.93
C ILE A 393 24.05 -15.20 -6.11
N PRO A 394 24.01 -16.30 -6.88
CA PRO A 394 23.15 -16.53 -8.02
C PRO A 394 21.71 -16.14 -7.78
N THR A 395 21.13 -15.45 -8.75
CA THR A 395 19.76 -14.95 -8.64
C THR A 395 19.10 -14.94 -10.01
N ASN A 396 17.81 -15.22 -10.06
CA ASN A 396 17.08 -15.02 -11.29
C ASN A 396 16.72 -13.56 -11.46
N TYR A 397 16.07 -13.25 -12.58
CA TYR A 397 15.74 -11.88 -12.97
C TYR A 397 14.92 -11.10 -11.91
N LYS A 398 14.40 -11.85 -10.94
CA LYS A 398 13.58 -11.35 -9.83
C LYS A 398 14.37 -11.26 -8.51
N ALA A 399 15.65 -11.64 -8.57
CA ALA A 399 16.60 -11.45 -7.46
C ALA A 399 16.44 -12.50 -6.38
N GLN A 400 16.16 -13.72 -6.80
CA GLN A 400 15.94 -14.81 -5.88
C GLN A 400 17.04 -15.81 -6.06
N VAL A 401 17.67 -16.14 -4.95
CA VAL A 401 18.83 -17.01 -4.94
C VAL A 401 18.52 -18.36 -5.60
N ILE A 402 19.53 -18.97 -6.21
CA ILE A 402 19.34 -20.24 -6.89
C ILE A 402 20.38 -21.31 -6.61
N LYS A 403 19.87 -22.50 -6.33
CA LYS A 403 20.63 -23.72 -6.50
C LYS A 403 20.44 -24.19 -7.97
N TYR A 404 21.39 -24.99 -8.47
CA TYR A 404 21.36 -25.50 -9.84
C TYR A 404 22.27 -26.75 -10.06
N THR A 405 21.65 -27.93 -10.13
CA THR A 405 22.28 -29.15 -10.68
C THR A 405 22.18 -29.09 -12.21
N LYS A 406 23.20 -29.60 -12.90
CA LYS A 406 23.11 -29.82 -14.34
C LYS A 406 21.68 -30.24 -14.77
N GLU A 407 21.08 -31.18 -14.02
CA GLU A 407 19.76 -31.78 -14.35
C GLU A 407 18.53 -30.85 -14.35
N GLY A 408 17.89 -30.72 -13.19
CA GLY A 408 16.59 -30.04 -13.12
C GLY A 408 16.68 -28.53 -13.08
N GLY A 409 17.26 -27.97 -14.13
CA GLY A 409 17.53 -26.53 -14.22
C GLY A 409 18.09 -25.88 -12.96
N ASP A 410 17.80 -24.58 -12.83
CA ASP A 410 18.03 -23.80 -11.61
C ASP A 410 16.78 -23.67 -10.71
N LYS A 411 16.76 -24.47 -9.65
CA LYS A 411 15.69 -24.49 -8.65
C LYS A 411 15.79 -23.27 -7.72
N ILE A 412 14.69 -22.54 -7.53
CA ILE A 412 14.63 -21.42 -6.55
C ILE A 412 14.93 -21.91 -5.09
N VAL A 413 15.53 -21.03 -4.28
CA VAL A 413 15.68 -21.27 -2.84
C VAL A 413 14.71 -20.29 -2.12
N PRO A 414 13.56 -20.81 -1.69
CA PRO A 414 12.45 -20.01 -1.16
C PRO A 414 12.78 -19.29 0.14
N GLY A 415 12.28 -18.06 0.26
CA GLY A 415 12.52 -17.24 1.45
C GLY A 415 13.86 -16.48 1.47
N LEU A 416 14.53 -16.43 0.32
CA LEU A 416 15.88 -15.83 0.20
C LEU A 416 16.05 -15.07 -1.13
N TYR A 417 16.37 -13.79 -1.02
CA TYR A 417 16.81 -12.94 -2.14
C TYR A 417 18.26 -12.43 -1.83
N ALA A 418 18.81 -11.58 -2.70
CA ALA A 418 20.07 -10.92 -2.41
C ALA A 418 20.18 -9.92 -3.52
N CYS A 419 20.79 -8.76 -3.27
CA CYS A 419 21.04 -7.81 -4.36
C CYS A 419 22.23 -6.90 -4.09
N GLY A 420 22.56 -6.03 -5.06
CA GLY A 420 23.78 -5.22 -5.04
C GLY A 420 25.10 -5.96 -5.34
N GLU A 421 26.22 -5.24 -5.19
CA GLU A 421 27.57 -5.78 -5.42
C GLU A 421 27.66 -7.26 -5.05
N CYS A 422 27.10 -7.60 -3.89
CA CYS A 422 27.19 -8.95 -3.34
C CYS A 422 26.40 -10.00 -4.11
N ALA A 423 25.42 -9.57 -4.90
CA ALA A 423 24.54 -10.48 -5.62
C ALA A 423 25.12 -10.81 -6.97
N CYS A 424 24.57 -11.85 -7.63
CA CYS A 424 24.93 -12.15 -9.03
C CYS A 424 23.74 -12.49 -9.97
N HIS A 425 22.91 -11.50 -10.25
CA HIS A 425 21.94 -11.61 -11.33
C HIS A 425 22.73 -11.62 -12.64
N SER A 426 24.04 -11.60 -12.47
CA SER A 426 24.98 -10.96 -13.39
C SER A 426 24.31 -10.05 -14.42
N VAL A 427 23.95 -8.87 -13.93
CA VAL A 427 23.81 -7.66 -14.75
C VAL A 427 25.17 -7.09 -15.19
N HIS A 428 26.25 -7.85 -14.95
CA HIS A 428 27.61 -7.36 -15.15
C HIS A 428 28.48 -8.34 -15.87
N GLY A 429 28.22 -9.61 -15.63
CA GLY A 429 28.84 -10.67 -16.41
C GLY A 429 30.31 -10.75 -16.08
N ALA A 430 31.16 -10.35 -17.02
CA ALA A 430 32.59 -10.46 -16.81
C ALA A 430 33.22 -9.14 -16.41
N ASN A 431 32.65 -8.05 -16.90
CA ASN A 431 33.12 -6.73 -16.56
C ASN A 431 31.98 -5.80 -16.13
N ARG A 432 32.05 -5.25 -14.92
CA ARG A 432 31.05 -4.25 -14.49
C ARG A 432 31.12 -3.01 -15.37
N LEU A 433 29.98 -2.45 -15.70
CA LEU A 433 30.05 -1.16 -16.36
C LEU A 433 30.05 -0.03 -15.34
N GLY A 434 30.81 1.02 -15.63
CA GLY A 434 30.86 2.17 -14.73
C GLY A 434 29.50 2.77 -14.44
N ALA A 435 29.16 2.89 -13.15
CA ALA A 435 27.94 3.58 -12.73
C ALA A 435 26.69 2.69 -12.74
N ASN A 436 26.85 1.50 -13.28
CA ASN A 436 25.81 0.50 -13.23
C ASN A 436 25.52 0.03 -11.81
N SER A 437 26.54 0.03 -10.95
CA SER A 437 26.43 -0.65 -9.66
C SER A 437 25.45 -0.07 -8.65
N LEU A 438 25.54 1.24 -8.40
CA LEU A 438 24.56 1.94 -7.57
C LEU A 438 23.17 1.73 -8.12
N LEU A 439 23.02 1.78 -9.44
CA LEU A 439 21.79 1.50 -10.16
C LEU A 439 21.30 0.06 -9.89
N ASP A 440 22.24 -0.88 -9.81
CA ASP A 440 21.97 -2.31 -9.64
C ASP A 440 21.53 -2.67 -8.22
N ALA A 441 21.76 -1.74 -7.31
CA ALA A 441 21.30 -1.86 -5.94
C ALA A 441 19.93 -1.20 -5.81
N VAL A 442 19.86 0.08 -6.16
CA VAL A 442 18.61 0.82 -6.19
C VAL A 442 17.54 0.04 -6.95
N VAL A 443 17.92 -0.57 -8.07
CA VAL A 443 16.96 -1.17 -9.00
C VAL A 443 16.42 -2.51 -8.51
N PHE A 444 17.34 -3.41 -8.15
CA PHE A 444 16.96 -4.73 -7.69
C PHE A 444 16.58 -4.73 -6.23
N GLY A 445 17.21 -3.86 -5.46
CA GLY A 445 16.77 -3.59 -4.09
C GLY A 445 15.29 -3.26 -4.16
N ARG A 446 14.93 -2.37 -5.08
CA ARG A 446 13.54 -2.07 -5.42
C ARG A 446 12.81 -3.30 -5.99
N ALA A 447 13.52 -4.11 -6.77
CA ALA A 447 12.94 -5.34 -7.30
C ALA A 447 12.86 -6.47 -6.27
N CYS A 448 13.21 -6.18 -5.03
CA CYS A 448 12.86 -7.12 -3.97
C CYS A 448 11.50 -6.73 -3.43
N SER A 449 11.32 -5.45 -3.15
CA SER A 449 10.08 -4.94 -2.58
C SER A 449 8.92 -4.96 -3.56
N ILE A 450 9.20 -5.02 -4.86
CA ILE A 450 8.11 -5.15 -5.83
C ILE A 450 7.82 -6.62 -5.95
N ASN A 451 8.86 -7.43 -6.09
CA ASN A 451 8.64 -8.86 -6.31
C ASN A 451 8.23 -9.61 -5.02
N ILE A 452 8.13 -8.89 -3.91
CA ILE A 452 7.63 -9.49 -2.66
C ILE A 452 6.23 -9.00 -2.30
N LYS A 453 5.91 -7.76 -2.68
CA LYS A 453 4.51 -7.27 -2.71
C LYS A 453 3.71 -8.12 -3.72
N GLU A 454 4.39 -9.10 -4.31
CA GLU A 454 3.83 -10.08 -5.22
C GLU A 454 3.46 -11.35 -4.48
N GLU A 455 4.40 -12.29 -4.41
CA GLU A 455 4.09 -13.64 -3.93
C GLU A 455 4.26 -13.85 -2.40
N LEU A 456 3.92 -12.83 -1.62
CA LEU A 456 3.74 -13.05 -0.19
C LEU A 456 2.29 -12.71 0.24
N LYS A 457 1.48 -13.75 0.42
CA LYS A 457 0.05 -13.62 0.73
C LYS A 457 -0.18 -13.44 2.24
N PRO A 458 -0.95 -12.40 2.62
CA PRO A 458 -1.24 -12.06 4.05
C PRO A 458 -1.71 -13.22 4.99
N ASP A 459 -1.65 -14.47 4.51
CA ASP A 459 -1.89 -15.63 5.38
C ASP A 459 -0.57 -16.24 5.82
N GLU A 460 0.21 -16.79 4.87
CA GLU A 460 1.40 -17.63 5.16
C GLU A 460 2.22 -17.07 6.34
N LYS A 461 1.94 -17.53 7.56
CA LYS A 461 2.47 -16.83 8.75
C LYS A 461 3.93 -17.13 9.09
N ILE A 462 4.39 -16.49 10.16
CA ILE A 462 5.80 -16.38 10.53
C ILE A 462 6.47 -17.75 10.85
N PRO A 463 7.31 -18.26 9.91
CA PRO A 463 7.89 -19.58 10.06
C PRO A 463 8.53 -19.79 11.41
N GLU A 464 8.37 -20.99 11.93
CA GLU A 464 8.91 -21.38 13.23
C GLU A 464 10.32 -21.95 13.02
N LEU A 465 11.15 -21.86 14.05
CA LEU A 465 12.54 -22.25 13.93
C LEU A 465 12.83 -23.69 14.35
N PRO A 466 13.73 -24.38 13.63
CA PRO A 466 14.13 -25.74 14.03
C PRO A 466 14.73 -25.78 15.42
N GLU A 467 14.58 -26.90 16.11
CA GLU A 467 15.23 -27.04 17.40
C GLU A 467 16.75 -26.96 17.20
N GLY A 468 17.44 -26.17 18.02
CA GLY A 468 18.89 -26.00 17.91
C GLY A 468 19.33 -25.10 16.76
N ALA A 469 18.43 -24.18 16.38
CA ALA A 469 18.52 -23.37 15.15
C ALA A 469 19.73 -22.45 15.00
N GLY A 470 20.86 -23.05 14.65
CA GLY A 470 22.10 -22.31 14.46
C GLY A 470 22.93 -22.40 15.71
N GLU A 471 22.61 -23.36 16.57
CA GLU A 471 23.45 -23.67 17.72
C GLU A 471 24.90 -23.85 17.23
N GLU A 472 25.05 -24.31 16.00
CA GLU A 472 26.36 -24.48 15.37
C GLU A 472 26.94 -23.14 14.88
N SER A 473 26.07 -22.16 14.66
CA SER A 473 26.50 -20.81 14.37
C SER A 473 27.21 -20.26 15.58
N ILE A 474 26.58 -20.37 16.74
CA ILE A 474 27.19 -19.81 17.94
C ILE A 474 28.44 -20.62 18.35
N ALA A 475 28.41 -21.94 18.13
CA ALA A 475 29.54 -22.84 18.45
C ALA A 475 30.83 -22.42 17.75
N ASN A 476 30.68 -21.89 16.54
CA ASN A 476 31.75 -21.24 15.79
C ASN A 476 32.20 -19.97 16.49
N LEU A 477 31.26 -19.09 16.80
CA LEU A 477 31.56 -17.86 17.54
C LEU A 477 32.43 -18.14 18.78
N ASP A 478 32.01 -19.13 19.57
CA ASP A 478 32.75 -19.58 20.77
C ASP A 478 34.14 -20.04 20.39
N ALA A 479 34.22 -20.99 19.45
CA ALA A 479 35.50 -21.55 18.99
C ALA A 479 36.48 -20.44 18.70
N VAL A 480 36.00 -19.47 17.92
CA VAL A 480 36.74 -18.29 17.51
C VAL A 480 37.13 -17.41 18.71
N ARG A 481 36.15 -17.08 19.56
CA ARG A 481 36.33 -16.18 20.70
C ARG A 481 37.45 -16.62 21.62
N TYR A 482 37.51 -17.91 21.94
CA TYR A 482 38.56 -18.43 22.82
C TYR A 482 39.71 -19.07 22.06
N ALA A 483 39.58 -19.11 20.74
CA ALA A 483 40.66 -19.56 19.88
C ALA A 483 42.04 -19.30 20.50
N ASN A 484 42.62 -20.38 21.02
CA ASN A 484 43.97 -20.38 21.58
C ASN A 484 45.05 -20.29 20.49
N GLY A 485 45.26 -21.38 19.75
CA GLY A 485 46.15 -21.43 18.59
C GLY A 485 47.41 -20.58 18.62
N ASP A 486 48.03 -20.41 17.46
CA ASP A 486 49.34 -19.75 17.38
C ASP A 486 49.51 -18.78 16.21
N VAL A 487 48.45 -18.63 15.42
CA VAL A 487 48.51 -17.62 14.37
C VAL A 487 47.44 -16.52 14.58
N PRO A 488 47.91 -15.25 14.71
CA PRO A 488 46.99 -14.12 14.92
C PRO A 488 46.07 -13.88 13.75
N THR A 489 44.79 -13.87 14.07
CA THR A 489 43.75 -13.28 13.25
C THR A 489 44.32 -12.22 12.28
N ALA A 490 45.21 -11.37 12.78
CA ALA A 490 45.82 -10.30 12.02
C ALA A 490 46.72 -10.81 10.89
N GLU A 491 47.73 -11.59 11.26
CA GLU A 491 48.82 -12.03 10.38
C GLU A 491 48.25 -12.80 9.22
N LEU A 492 47.29 -13.67 9.56
CA LEU A 492 46.73 -14.64 8.64
C LEU A 492 46.14 -13.92 7.43
N ARG A 493 45.15 -13.08 7.69
CA ARG A 493 44.67 -12.14 6.69
C ARG A 493 45.84 -11.60 5.85
N LEU A 494 46.78 -10.92 6.52
CA LEU A 494 47.90 -10.26 5.85
C LEU A 494 48.50 -11.15 4.74
N THR A 495 48.81 -12.39 5.08
CA THR A 495 49.46 -13.27 4.12
C THR A 495 48.44 -13.70 3.06
N MET A 496 47.17 -13.86 3.43
CA MET A 496 46.18 -14.21 2.41
C MET A 496 46.12 -13.09 1.41
N GLN A 497 45.89 -11.88 1.91
CA GLN A 497 45.78 -10.70 1.07
C GLN A 497 46.98 -10.56 0.16
N LYS A 498 48.16 -10.87 0.69
CA LYS A 498 49.40 -10.72 -0.07
C LYS A 498 49.52 -11.78 -1.18
N THR A 499 49.19 -13.03 -0.86
CA THR A 499 49.12 -14.06 -1.90
C THR A 499 48.05 -13.60 -2.86
N MET A 500 46.81 -13.56 -2.39
CA MET A 500 45.68 -13.20 -3.24
C MET A 500 45.97 -12.09 -4.21
N GLN A 501 46.82 -11.15 -3.82
CA GLN A 501 47.15 -10.03 -4.70
C GLN A 501 48.20 -10.38 -5.74
N LYS A 502 49.13 -11.26 -5.38
CA LYS A 502 50.21 -11.67 -6.29
C LYS A 502 49.69 -12.69 -7.32
N HIS A 503 48.76 -13.55 -6.88
CA HIS A 503 48.35 -14.73 -7.62
C HIS A 503 47.07 -14.53 -8.42
N ALA A 504 46.23 -13.58 -8.02
CA ALA A 504 44.98 -13.35 -8.71
C ALA A 504 44.89 -11.96 -9.35
N GLY A 505 46.06 -11.39 -9.66
CA GLY A 505 46.19 -10.04 -10.21
C GLY A 505 45.48 -9.79 -11.52
N VAL A 506 45.86 -8.72 -12.20
CA VAL A 506 45.23 -8.40 -13.46
C VAL A 506 45.43 -9.53 -14.46
N PHE A 507 46.69 -9.94 -14.65
CA PHE A 507 47.10 -11.02 -15.56
C PHE A 507 47.52 -12.28 -14.83
N ARG A 508 46.82 -13.35 -15.15
CA ARG A 508 46.93 -14.61 -14.43
C ARG A 508 47.34 -15.71 -15.42
N ARG A 509 48.20 -16.63 -14.94
CA ARG A 509 48.71 -17.74 -15.74
C ARG A 509 48.56 -19.04 -14.93
N GLY A 510 48.59 -20.19 -15.62
CA GLY A 510 48.37 -21.51 -15.00
C GLY A 510 49.42 -21.85 -13.94
N ASP A 511 50.64 -21.36 -14.13
CA ASP A 511 51.73 -21.54 -13.17
C ASP A 511 51.58 -20.73 -11.86
N ILE A 512 51.26 -19.42 -11.99
CA ILE A 512 50.99 -18.52 -10.85
C ILE A 512 49.78 -19.03 -10.06
N LEU A 513 48.63 -19.07 -10.74
CA LEU A 513 47.34 -19.45 -10.14
C LEU A 513 47.34 -20.79 -9.45
N ALA A 514 47.90 -21.78 -10.12
CA ALA A 514 47.91 -23.19 -9.67
C ALA A 514 48.66 -23.39 -8.36
N GLU A 515 49.76 -22.65 -8.19
CA GLU A 515 50.51 -22.62 -6.94
C GLU A 515 49.75 -21.75 -5.93
N GLY A 516 49.09 -20.70 -6.42
CA GLY A 516 48.26 -19.85 -5.58
C GLY A 516 47.25 -20.68 -4.83
N VAL A 517 46.34 -21.26 -5.59
CA VAL A 517 45.32 -22.17 -5.07
C VAL A 517 45.90 -23.24 -4.14
N LYS A 518 47.20 -23.52 -4.22
CA LYS A 518 47.80 -24.48 -3.29
C LYS A 518 48.19 -23.82 -1.98
N LYS A 519 48.79 -22.62 -2.08
CA LYS A 519 49.10 -21.79 -0.91
C LYS A 519 47.81 -21.50 -0.17
N MET A 520 46.94 -20.73 -0.83
CA MET A 520 45.63 -20.34 -0.33
C MET A 520 44.96 -21.42 0.51
N MET A 521 44.99 -22.64 -0.01
CA MET A 521 44.24 -23.73 0.58
C MET A 521 44.96 -24.36 1.76
N ASP A 522 46.26 -24.18 1.85
CA ASP A 522 46.94 -24.54 3.10
C ASP A 522 46.55 -23.53 4.18
N LEU A 523 46.27 -22.30 3.77
CA LEU A 523 45.81 -21.27 4.68
C LEU A 523 44.46 -21.60 5.28
N SER A 524 43.47 -21.98 4.46
CA SER A 524 42.11 -22.34 4.95
C SER A 524 42.12 -23.53 5.93
N LYS A 525 43.32 -23.92 6.36
CA LYS A 525 43.55 -24.89 7.44
C LYS A 525 43.99 -24.15 8.71
N GLU A 526 44.86 -23.14 8.53
CA GLU A 526 45.42 -22.31 9.60
C GLU A 526 44.36 -21.69 10.53
N LEU A 527 43.13 -21.59 10.02
CA LEU A 527 41.96 -21.26 10.82
C LEU A 527 41.78 -22.19 12.02
N LYS A 528 42.29 -23.43 11.92
CA LYS A 528 42.34 -24.31 13.09
C LYS A 528 43.67 -24.15 13.85
N ARG A 529 44.50 -23.19 13.42
CA ARG A 529 45.61 -22.69 14.28
C ARG A 529 45.47 -21.18 14.70
N LEU A 530 44.26 -20.62 14.52
CA LEU A 530 43.94 -19.20 14.73
C LEU A 530 44.05 -18.71 16.17
N LYS A 531 44.34 -17.41 16.35
CA LYS A 531 44.67 -16.79 17.65
C LYS A 531 43.98 -15.44 17.89
N THR A 532 43.02 -15.45 18.81
CA THR A 532 42.44 -14.20 19.27
C THR A 532 43.13 -13.79 20.56
N THR A 533 42.67 -12.67 21.13
CA THR A 533 43.14 -12.18 22.42
C THR A 533 41.97 -11.59 23.20
N ASP A 534 41.15 -10.81 22.50
CA ASP A 534 40.00 -10.15 23.10
C ASP A 534 38.98 -11.19 23.37
N ARG A 535 38.83 -11.51 24.64
CA ARG A 535 38.09 -12.66 25.05
C ARG A 535 36.60 -12.34 25.13
N SER A 536 36.27 -11.05 25.11
CA SER A 536 34.95 -10.57 25.57
C SER A 536 33.82 -10.59 24.56
N LEU A 537 32.65 -10.19 25.01
CA LEU A 537 31.53 -9.97 24.12
C LEU A 537 31.39 -8.49 23.73
N ILE A 538 30.68 -7.69 24.56
CA ILE A 538 30.40 -6.27 24.28
C ILE A 538 31.52 -5.71 23.39
N TRP A 539 31.11 -5.23 22.21
CA TRP A 539 32.04 -4.80 21.20
C TRP A 539 33.28 -5.64 21.28
N ASN A 540 33.26 -6.74 20.58
CA ASN A 540 34.50 -7.43 20.38
C ASN A 540 34.98 -7.37 18.95
N SER A 541 35.76 -6.34 18.68
CA SER A 541 36.28 -6.07 17.37
C SER A 541 37.30 -7.12 16.94
N ASP A 542 38.08 -7.67 17.89
CA ASP A 542 39.04 -8.76 17.55
C ASP A 542 38.30 -9.96 17.01
N LEU A 543 37.28 -10.38 17.75
CA LEU A 543 36.43 -11.51 17.39
C LEU A 543 35.58 -11.30 16.13
N THR A 544 35.05 -10.10 15.89
CA THR A 544 34.29 -9.92 14.63
C THR A 544 35.24 -9.96 13.45
N GLU A 545 36.42 -9.37 13.58
CA GLU A 545 37.37 -9.40 12.48
C GLU A 545 37.89 -10.82 12.19
N SER A 546 37.97 -11.64 13.22
CA SER A 546 38.27 -13.05 13.02
C SER A 546 37.11 -13.78 12.31
N LEU A 547 35.87 -13.49 12.69
CA LEU A 547 34.73 -13.98 11.91
C LEU A 547 34.82 -13.48 10.48
N GLU A 548 35.18 -12.21 10.33
CA GLU A 548 35.32 -11.52 9.04
C GLU A 548 36.40 -12.13 8.16
N LEU A 549 37.40 -12.74 8.79
CA LEU A 549 38.46 -13.42 8.08
C LEU A 549 37.97 -14.78 7.63
N GLN A 550 37.44 -15.54 8.58
CA GLN A 550 36.77 -16.82 8.35
C GLN A 550 35.92 -16.80 7.09
N ASN A 551 35.13 -15.75 6.93
CA ASN A 551 34.30 -15.54 5.75
C ASN A 551 35.16 -15.28 4.55
N LEU A 552 36.01 -14.28 4.67
CA LEU A 552 36.88 -13.85 3.60
C LEU A 552 37.78 -14.93 3.01
N MET A 553 37.98 -16.04 3.74
CA MET A 553 38.76 -17.19 3.24
C MET A 553 37.92 -18.04 2.32
N LEU A 554 36.67 -18.28 2.74
CA LEU A 554 35.66 -18.93 1.89
C LEU A 554 35.44 -18.11 0.61
N ASN A 555 35.59 -16.80 0.70
CA ASN A 555 35.61 -15.90 -0.46
C ASN A 555 36.89 -16.05 -1.27
N ALA A 556 38.03 -15.86 -0.60
CA ALA A 556 39.33 -15.85 -1.25
C ALA A 556 39.44 -17.08 -2.10
N THR A 557 39.28 -18.25 -1.45
CA THR A 557 39.48 -19.55 -2.09
C THR A 557 38.65 -19.73 -3.35
N GLN A 558 37.33 -19.72 -3.18
CA GLN A 558 36.46 -19.97 -4.31
C GLN A 558 36.78 -19.03 -5.46
N THR A 559 37.28 -17.82 -5.15
CA THR A 559 37.63 -16.87 -6.21
C THR A 559 38.76 -17.44 -7.05
N ILE A 560 39.92 -17.65 -6.44
CA ILE A 560 41.11 -18.05 -7.20
C ILE A 560 40.99 -19.39 -7.89
N VAL A 561 40.32 -20.39 -7.27
CA VAL A 561 40.13 -21.70 -7.94
C VAL A 561 39.30 -21.60 -9.22
N ALA A 562 38.30 -20.69 -9.22
CA ALA A 562 37.49 -20.41 -10.39
C ALA A 562 38.34 -19.78 -11.48
N ALA A 563 39.16 -18.83 -11.06
CA ALA A 563 40.06 -18.11 -11.94
C ALA A 563 41.21 -18.97 -12.46
N GLU A 564 41.60 -19.99 -11.70
CA GLU A 564 42.64 -20.94 -12.15
C GLU A 564 42.10 -21.85 -13.25
N ASN A 565 40.84 -22.24 -13.13
CA ASN A 565 40.16 -23.14 -14.07
C ASN A 565 39.72 -22.48 -15.37
N ARG A 566 39.36 -21.22 -15.31
CA ARG A 566 38.97 -20.46 -16.49
C ARG A 566 40.10 -20.25 -17.50
N LYS A 567 40.11 -21.12 -18.48
CA LYS A 567 41.04 -21.09 -19.60
C LYS A 567 40.54 -20.15 -20.72
N GLU A 568 40.30 -18.89 -20.38
CA GLU A 568 39.92 -17.89 -21.39
C GLU A 568 40.35 -16.49 -20.99
N SER A 569 39.97 -15.50 -21.79
CA SER A 569 40.29 -14.09 -21.54
C SER A 569 39.11 -13.20 -21.92
N ARG A 570 38.38 -12.72 -20.92
CA ARG A 570 37.10 -12.04 -21.12
C ARG A 570 36.84 -11.23 -19.86
N GLY A 571 36.54 -9.94 -20.02
CA GLY A 571 36.31 -9.06 -18.87
C GLY A 571 37.51 -8.90 -17.96
N ALA A 572 37.23 -8.64 -16.68
CA ALA A 572 38.25 -8.33 -15.69
C ALA A 572 39.26 -9.45 -15.60
N HIS A 573 38.74 -10.67 -15.57
CA HIS A 573 39.55 -11.87 -15.73
C HIS A 573 40.24 -11.89 -17.12
N ALA A 574 41.56 -12.09 -17.09
CA ALA A 574 42.37 -12.16 -18.31
C ALA A 574 43.58 -13.05 -18.10
N ARG A 575 43.70 -14.06 -18.96
CA ARG A 575 44.82 -15.01 -18.94
C ARG A 575 45.88 -14.66 -20.00
N ASP A 576 47.13 -14.83 -19.60
CA ASP A 576 48.27 -14.68 -20.50
C ASP A 576 48.55 -15.99 -21.26
N ASP A 577 47.91 -17.07 -20.82
CA ASP A 577 48.04 -18.35 -21.48
C ASP A 577 46.73 -18.80 -22.10
N PHE A 578 45.71 -17.95 -22.09
CA PHE A 578 44.49 -18.27 -22.83
C PHE A 578 43.88 -17.03 -23.44
N PRO A 579 44.71 -16.21 -24.09
CA PRO A 579 44.47 -14.86 -24.51
C PRO A 579 43.27 -14.64 -25.41
N LYS A 580 42.77 -15.69 -26.05
CA LYS A 580 41.55 -15.54 -26.83
C LYS A 580 40.31 -15.62 -25.93
N ARG A 581 39.30 -14.79 -26.22
CA ARG A 581 37.95 -14.96 -25.63
C ARG A 581 37.25 -16.20 -26.25
N GLU A 582 36.92 -17.19 -25.43
CA GLU A 582 36.41 -18.47 -25.95
C GLU A 582 34.88 -18.64 -25.90
N ASP A 583 34.23 -18.57 -27.06
CA ASP A 583 32.77 -18.58 -27.18
C ASP A 583 32.27 -19.77 -27.99
N GLU A 584 30.96 -19.99 -27.94
CA GLU A 584 30.26 -21.10 -28.65
C GLU A 584 30.33 -21.05 -30.19
N TYR A 585 30.99 -20.02 -30.72
CA TYR A 585 31.32 -19.89 -32.12
C TYR A 585 32.67 -19.21 -32.20
N ASP A 586 32.74 -18.20 -33.07
CA ASP A 586 33.87 -17.30 -33.20
C ASP A 586 33.30 -16.10 -33.92
N TYR A 587 33.21 -14.98 -33.22
CA TYR A 587 32.47 -13.84 -33.73
C TYR A 587 33.34 -12.83 -34.44
N SER A 588 34.47 -13.32 -34.95
CA SER A 588 35.18 -12.65 -36.03
C SER A 588 34.70 -13.20 -37.41
N LYS A 589 34.89 -14.51 -37.67
CA LYS A 589 34.32 -15.18 -38.88
C LYS A 589 32.78 -15.24 -38.84
N PRO A 590 32.10 -14.49 -39.74
CA PRO A 590 30.67 -14.18 -39.64
C PRO A 590 29.73 -15.39 -39.51
N ILE A 591 30.07 -16.32 -38.60
CA ILE A 591 29.19 -17.41 -38.10
C ILE A 591 28.65 -18.36 -39.19
N GLU A 592 28.28 -17.76 -40.34
CA GLU A 592 27.72 -18.44 -41.51
C GLU A 592 28.25 -19.86 -41.71
N GLY A 593 27.44 -20.83 -41.32
CA GLY A 593 27.82 -22.24 -41.41
C GLY A 593 29.05 -22.57 -40.58
N GLN A 594 29.04 -22.13 -39.33
CA GLN A 594 29.92 -22.70 -38.32
C GLN A 594 29.07 -23.64 -37.49
N THR A 595 29.64 -24.80 -37.16
CA THR A 595 29.04 -25.67 -36.15
C THR A 595 29.33 -25.05 -34.79
N LYS A 596 28.28 -24.95 -33.96
CA LYS A 596 28.34 -24.50 -32.55
C LYS A 596 29.38 -25.32 -31.74
N ARG A 597 30.20 -24.64 -30.93
CA ARG A 597 31.12 -25.37 -30.05
C ARG A 597 30.30 -25.96 -28.89
N PRO A 598 30.71 -27.14 -28.37
CA PRO A 598 29.94 -27.81 -27.32
C PRO A 598 30.09 -27.18 -25.93
N PHE A 599 28.99 -27.04 -25.20
CA PHE A 599 28.95 -26.32 -23.90
C PHE A 599 30.13 -26.56 -22.95
N GLU A 600 30.72 -27.75 -22.98
CA GLU A 600 31.90 -28.00 -22.15
C GLU A 600 33.10 -27.17 -22.62
N LYS A 601 33.40 -27.23 -23.92
CA LYS A 601 34.67 -26.71 -24.48
C LYS A 601 34.73 -25.19 -24.77
N HIS A 602 33.67 -24.45 -24.41
CA HIS A 602 33.71 -22.98 -24.46
C HIS A 602 33.36 -22.33 -23.10
N TRP A 603 33.74 -21.08 -22.91
CA TRP A 603 33.65 -20.46 -21.59
C TRP A 603 32.61 -19.34 -21.51
N ARG A 604 31.80 -19.16 -22.56
CA ARG A 604 30.65 -18.27 -22.48
C ARG A 604 29.56 -18.89 -21.62
N LYS A 605 29.88 -19.01 -20.32
CA LYS A 605 29.09 -19.71 -19.33
C LYS A 605 29.46 -19.29 -17.90
N HIS A 606 28.52 -19.30 -16.95
CA HIS A 606 28.79 -18.90 -15.55
C HIS A 606 29.59 -19.94 -14.77
N THR A 607 30.21 -19.53 -13.66
CA THR A 607 31.03 -20.43 -12.81
C THR A 607 30.45 -20.63 -11.42
N LEU A 608 29.82 -21.77 -11.18
CA LEU A 608 29.27 -22.03 -9.86
C LEU A 608 30.23 -22.81 -8.97
N THR A 609 30.98 -22.07 -8.13
CA THR A 609 31.79 -22.65 -7.04
C THR A 609 30.95 -23.03 -5.84
N LYS A 610 31.05 -24.29 -5.44
CA LYS A 610 30.24 -24.85 -4.37
C LYS A 610 31.17 -25.42 -3.30
N GLN A 611 31.14 -24.85 -2.10
CA GLN A 611 32.06 -25.24 -1.04
C GLN A 611 31.36 -25.65 0.23
N ASP A 612 31.78 -26.79 0.77
CA ASP A 612 31.47 -27.14 2.13
C ASP A 612 32.53 -26.46 3.01
N PRO A 613 32.08 -25.64 3.99
CA PRO A 613 32.93 -24.75 4.78
C PRO A 613 33.69 -25.46 5.91
N ARG A 614 33.17 -26.62 6.34
CA ARG A 614 33.84 -27.49 7.28
C ARG A 614 35.23 -27.85 6.72
N THR A 615 35.29 -28.94 5.93
CA THR A 615 36.52 -29.42 5.27
C THR A 615 37.14 -28.26 4.53
N GLY A 616 36.31 -27.50 3.83
CA GLY A 616 36.77 -26.31 3.13
C GLY A 616 37.31 -26.62 1.77
N HIS A 617 36.68 -27.56 1.07
CA HIS A 617 37.06 -27.83 -0.30
C HIS A 617 35.95 -27.42 -1.27
N ILE A 618 36.38 -27.12 -2.50
CA ILE A 618 35.50 -26.61 -3.55
C ILE A 618 35.39 -27.60 -4.72
N THR A 619 34.19 -27.66 -5.30
CA THR A 619 33.89 -28.46 -6.47
C THR A 619 33.03 -27.61 -7.43
N LEU A 620 33.47 -27.48 -8.69
CA LEU A 620 32.83 -26.59 -9.65
C LEU A 620 31.65 -27.23 -10.40
N ASP A 621 31.16 -26.49 -11.41
CA ASP A 621 30.00 -26.83 -12.29
C ASP A 621 29.80 -25.53 -13.04
N TYR A 622 28.92 -25.50 -14.04
CA TYR A 622 28.75 -24.29 -14.85
C TYR A 622 27.31 -24.08 -15.35
N ARG A 623 26.70 -22.98 -14.93
CA ARG A 623 25.35 -22.66 -15.36
C ARG A 623 25.49 -22.03 -16.72
N PRO A 624 24.48 -22.19 -17.59
CA PRO A 624 24.51 -21.44 -18.85
C PRO A 624 24.11 -19.97 -18.68
N VAL A 625 24.78 -19.08 -19.40
CA VAL A 625 24.43 -17.67 -19.37
C VAL A 625 23.07 -17.56 -20.04
N ILE A 626 22.15 -16.85 -19.38
CA ILE A 626 20.80 -16.63 -19.93
C ILE A 626 20.85 -15.54 -21.01
N ASP A 627 20.53 -15.92 -22.24
CA ASP A 627 20.73 -15.04 -23.39
C ASP A 627 19.54 -14.20 -23.82
N LYS A 628 18.32 -14.68 -23.56
CA LYS A 628 17.09 -14.01 -24.00
C LYS A 628 16.67 -12.85 -23.11
N THR A 629 16.00 -11.87 -23.70
CA THR A 629 15.43 -10.73 -22.98
C THR A 629 14.26 -11.12 -22.06
N LEU A 630 13.83 -10.16 -21.24
CA LEU A 630 12.62 -10.29 -20.40
C LEU A 630 11.34 -10.27 -21.26
N ASP A 631 11.33 -9.45 -22.32
CA ASP A 631 10.22 -9.34 -23.29
C ASP A 631 10.78 -9.12 -24.72
N PRO A 632 10.95 -10.22 -25.50
CA PRO A 632 11.50 -10.09 -26.84
C PRO A 632 10.73 -9.11 -27.72
N ALA A 633 9.44 -8.95 -27.45
CA ALA A 633 8.57 -8.01 -28.19
C ALA A 633 8.94 -6.52 -28.00
N GLU A 634 9.42 -6.16 -26.82
CA GLU A 634 9.84 -4.79 -26.54
C GLU A 634 11.26 -4.48 -27.08
N VAL A 635 12.18 -5.45 -26.96
CA VAL A 635 13.55 -5.33 -27.52
C VAL A 635 14.25 -6.70 -27.68
N ASP A 636 15.28 -6.72 -28.55
CA ASP A 636 15.90 -7.96 -29.06
C ASP A 636 17.20 -8.28 -28.37
N TRP A 637 17.40 -9.58 -28.10
CA TRP A 637 18.65 -10.15 -27.55
C TRP A 637 19.88 -9.71 -28.37
N ILE A 638 20.74 -8.88 -27.77
CA ILE A 638 21.92 -8.35 -28.48
C ILE A 638 23.12 -9.32 -28.50
N PRO A 639 23.36 -9.93 -29.66
CA PRO A 639 24.16 -11.14 -29.77
C PRO A 639 25.66 -10.86 -29.82
N PRO A 640 26.47 -11.79 -29.26
CA PRO A 640 27.92 -11.68 -29.05
C PRO A 640 28.65 -11.08 -30.23
N ILE A 641 29.42 -10.02 -29.98
CA ILE A 641 30.27 -9.42 -31.01
C ILE A 641 31.74 -9.38 -30.58
N ILE A 642 32.57 -8.69 -31.35
CA ILE A 642 33.94 -8.43 -30.98
C ILE A 642 34.00 -7.46 -29.81
N ARG A 643 34.56 -7.91 -28.70
CA ARG A 643 34.81 -7.06 -27.54
C ARG A 643 35.97 -6.09 -27.87
N SER A 644 35.64 -4.92 -28.41
CA SER A 644 36.60 -3.94 -28.85
C SER A 644 36.12 -2.56 -28.53
N TYR A 645 36.85 -1.88 -27.66
CA TYR A 645 36.56 -0.48 -27.30
C TYR A 645 37.53 0.56 -27.94
N LYS B 33 65.73 5.06 14.42
CA LYS B 33 64.27 4.83 14.15
C LYS B 33 63.37 5.61 15.11
N ARG B 34 62.61 6.58 14.58
CA ARG B 34 61.75 7.45 15.39
C ARG B 34 60.44 6.74 15.82
N ILE B 35 60.25 6.68 17.14
CA ILE B 35 59.15 5.97 17.77
C ILE B 35 58.16 6.94 18.44
N LYS B 36 57.02 7.16 17.76
CA LYS B 36 55.90 8.01 18.21
C LYS B 36 55.06 7.32 19.27
N THR B 37 54.69 8.07 20.30
CA THR B 37 54.04 7.46 21.46
C THR B 37 52.61 8.00 21.66
N PHE B 38 51.65 7.07 21.60
CA PHE B 38 50.22 7.34 21.70
C PHE B 38 49.66 6.99 23.06
N GLU B 39 48.57 7.67 23.40
CA GLU B 39 47.94 7.57 24.71
C GLU B 39 46.45 7.49 24.51
N ILE B 40 45.84 6.31 24.69
CA ILE B 40 44.47 6.11 24.19
C ILE B 40 43.44 5.56 25.17
N TYR B 41 42.36 6.31 25.33
CA TYR B 41 41.28 6.00 26.29
C TYR B 41 40.98 4.51 26.21
N ARG B 42 40.99 3.82 27.35
CA ARG B 42 40.56 2.44 27.36
C ARG B 42 39.43 2.31 28.32
N PHE B 43 38.38 1.61 27.91
CA PHE B 43 37.35 1.21 28.83
C PHE B 43 36.99 -0.24 28.60
N ASN B 44 37.05 -1.06 29.64
CA ASN B 44 36.48 -2.40 29.50
C ASN B 44 35.19 -2.54 30.27
N PRO B 45 34.06 -2.59 29.57
CA PRO B 45 32.75 -2.75 30.21
C PRO B 45 32.43 -4.17 30.74
N GLU B 46 33.12 -5.21 30.27
CA GLU B 46 32.85 -6.58 30.75
C GLU B 46 33.39 -6.81 32.19
N GLU B 47 34.44 -6.08 32.56
CA GLU B 47 35.10 -6.22 33.86
C GLU B 47 34.25 -5.61 34.99
N PRO B 48 34.19 -6.28 36.20
CA PRO B 48 33.37 -5.75 37.34
C PRO B 48 33.82 -4.36 37.82
N GLY B 49 32.88 -3.40 37.82
CA GLY B 49 33.15 -1.99 38.08
C GLY B 49 34.55 -1.56 37.65
N ALA B 50 34.76 -1.32 36.36
CA ALA B 50 36.10 -0.98 35.86
C ALA B 50 36.21 0.49 35.61
N LYS B 51 37.39 1.05 35.84
CA LYS B 51 37.59 2.49 35.63
C LYS B 51 38.25 2.76 34.27
N PRO B 52 38.01 3.94 33.65
CA PRO B 52 38.60 4.16 32.34
C PRO B 52 40.04 4.61 32.46
N LYS B 53 40.95 3.76 31.99
CA LYS B 53 42.36 4.04 32.06
C LYS B 53 42.85 4.58 30.72
N LEU B 54 43.88 5.42 30.75
CA LEU B 54 44.56 5.90 29.56
C LEU B 54 45.80 5.06 29.26
N GLN B 55 45.81 4.39 28.10
CA GLN B 55 46.88 3.42 27.73
C GLN B 55 47.98 4.01 26.84
N LYS B 56 49.20 3.54 27.04
CA LYS B 56 50.40 4.08 26.41
C LYS B 56 50.91 3.09 25.37
N PHE B 57 51.03 3.52 24.11
CA PHE B 57 51.62 2.69 23.04
C PHE B 57 52.71 3.47 22.32
N ASP B 58 53.77 2.79 21.93
CA ASP B 58 54.75 3.39 21.02
C ASP B 58 54.49 2.77 19.71
N VAL B 59 54.76 3.48 18.63
CA VAL B 59 54.71 2.84 17.34
C VAL B 59 55.75 3.39 16.43
N ASP B 60 56.34 2.48 15.67
CA ASP B 60 57.39 2.79 14.76
C ASP B 60 56.83 3.48 13.51
N LEU B 61 57.10 4.79 13.38
CA LEU B 61 56.57 5.58 12.26
C LEU B 61 57.14 5.16 10.92
N ASP B 62 58.05 4.18 10.94
CA ASP B 62 58.77 3.70 9.77
C ASP B 62 58.06 2.49 9.17
N LYS B 63 57.52 1.63 10.02
CA LYS B 63 56.70 0.52 9.55
C LYS B 63 55.20 0.80 9.71
N CYS B 64 54.83 2.08 9.73
CA CYS B 64 53.43 2.47 9.78
C CYS B 64 53.07 3.60 8.82
N GLY B 65 51.86 3.49 8.27
CA GLY B 65 51.33 4.48 7.32
C GLY B 65 51.16 5.88 7.88
N THR B 66 50.80 6.79 6.97
CA THR B 66 50.79 8.23 7.22
C THR B 66 49.77 8.77 8.25
N MET B 67 48.53 8.29 8.19
CA MET B 67 47.46 8.74 9.08
C MET B 67 47.47 8.06 10.43
N VAL B 68 46.62 8.55 11.33
CA VAL B 68 46.50 7.97 12.65
C VAL B 68 45.81 6.62 12.69
N LEU B 69 44.68 6.52 11.98
CA LEU B 69 43.94 5.27 11.88
C LEU B 69 44.92 4.13 11.59
N ASP B 70 45.81 4.38 10.62
CA ASP B 70 46.85 3.45 10.19
C ASP B 70 47.56 2.89 11.43
N ALA B 71 47.89 3.83 12.32
CA ALA B 71 48.62 3.55 13.52
C ALA B 71 47.71 2.78 14.48
N LEU B 72 46.43 3.12 14.49
CA LEU B 72 45.50 2.36 15.32
C LEU B 72 45.34 0.90 14.88
N ILE B 73 45.35 0.64 13.56
CA ILE B 73 45.20 -0.76 13.10
C ILE B 73 46.49 -1.53 13.34
N LYS B 74 47.60 -0.82 13.19
CA LYS B 74 48.92 -1.32 13.60
C LYS B 74 48.96 -1.84 15.05
N ILE B 75 48.41 -1.09 15.99
CA ILE B 75 48.54 -1.45 17.39
C ILE B 75 47.58 -2.51 17.81
N LYS B 76 46.56 -2.75 16.98
CA LYS B 76 45.55 -3.76 17.27
C LYS B 76 46.04 -5.12 16.77
N ASN B 77 46.55 -5.08 15.55
CA ASN B 77 47.11 -6.24 14.88
C ASN B 77 48.41 -6.69 15.47
N GLU B 78 49.33 -5.74 15.65
CA GLU B 78 50.68 -6.02 16.15
C GLU B 78 50.82 -6.12 17.69
N VAL B 79 50.38 -5.09 18.43
CA VAL B 79 50.53 -5.10 19.90
C VAL B 79 49.35 -5.79 20.59
N ASP B 80 48.16 -5.21 20.43
CA ASP B 80 47.02 -5.46 21.31
C ASP B 80 45.69 -5.42 20.56
N PRO B 81 45.13 -6.60 20.26
CA PRO B 81 43.86 -6.70 19.54
C PRO B 81 42.61 -6.19 20.30
N THR B 82 42.72 -6.01 21.63
CA THR B 82 41.60 -5.54 22.46
C THR B 82 41.28 -4.04 22.28
N LEU B 83 42.19 -3.34 21.61
CA LEU B 83 42.08 -1.92 21.33
C LEU B 83 40.94 -1.65 20.35
N THR B 84 39.76 -1.35 20.86
CA THR B 84 38.57 -1.41 20.03
C THR B 84 38.07 -0.05 19.57
N PHE B 85 37.67 0.04 18.29
CA PHE B 85 37.12 1.27 17.69
C PHE B 85 36.28 0.99 16.42
N ARG B 86 35.79 2.07 15.78
CA ARG B 86 34.91 1.97 14.61
C ARG B 86 35.64 2.46 13.39
N ARG B 87 35.67 1.66 12.30
CA ARG B 87 36.32 2.09 11.02
C ARG B 87 35.81 1.46 9.73
N SER B 88 35.73 2.26 8.66
CA SER B 88 35.42 1.78 7.31
C SER B 88 36.14 2.54 6.15
N CYS B 89 35.36 3.08 5.21
CA CYS B 89 35.91 3.88 4.11
C CYS B 89 37.42 4.00 4.09
N ARG B 90 38.01 4.50 5.17
CA ARG B 90 39.44 4.77 5.25
C ARG B 90 39.89 5.99 4.36
N GLU B 91 38.92 6.61 3.65
CA GLU B 91 39.18 7.71 2.70
C GLU B 91 38.42 9.02 3.05
N GLY B 92 38.09 9.20 4.33
CA GLY B 92 37.47 10.43 4.85
C GLY B 92 35.99 10.64 4.57
N ILE B 93 35.27 9.55 4.35
CA ILE B 93 33.92 9.62 3.78
C ILE B 93 32.81 9.00 4.57
N CYS B 94 33.07 8.12 5.53
CA CYS B 94 31.96 7.49 6.24
C CYS B 94 31.66 8.15 7.59
N GLY B 95 32.72 8.54 8.29
CA GLY B 95 32.67 9.19 9.61
C GLY B 95 32.66 8.23 10.78
N SER B 96 33.06 6.99 10.53
CA SER B 96 32.95 5.97 11.55
C SER B 96 34.15 6.08 12.47
N CYS B 97 35.24 6.62 11.95
CA CYS B 97 36.43 6.77 12.77
C CYS B 97 36.44 8.03 13.63
N ALA B 98 35.40 8.87 13.55
CA ALA B 98 35.34 10.06 14.38
C ALA B 98 35.74 9.70 15.78
N MET B 99 36.68 10.47 16.30
CA MET B 99 37.15 10.37 17.66
C MET B 99 37.92 11.65 17.94
N ASN B 100 38.55 11.73 19.12
CA ASN B 100 39.21 12.97 19.59
C ASN B 100 40.75 12.92 19.67
N ILE B 101 41.36 13.30 18.56
CA ILE B 101 42.80 13.19 18.38
C ILE B 101 43.49 14.51 18.68
N ALA B 102 44.44 14.44 19.62
CA ALA B 102 45.22 15.59 20.08
C ALA B 102 44.32 16.78 20.41
N GLY B 103 43.35 16.50 21.28
CA GLY B 103 42.40 17.52 21.75
C GLY B 103 41.16 17.71 20.89
N GLU B 104 41.28 17.62 19.57
CA GLU B 104 40.16 17.96 18.66
C GLU B 104 39.35 16.78 18.14
N ASN B 105 38.07 17.03 17.87
CA ASN B 105 37.23 16.06 17.21
C ASN B 105 37.48 16.07 15.75
N THR B 106 37.94 14.94 15.25
CA THR B 106 38.25 14.83 13.85
C THR B 106 38.32 13.36 13.43
N LEU B 107 38.33 13.15 12.11
CA LEU B 107 38.40 11.82 11.51
C LEU B 107 39.80 11.15 11.62
N ALA B 108 39.94 10.20 12.55
CA ALA B 108 41.14 9.38 12.64
C ALA B 108 41.65 8.97 11.24
N CYS B 109 40.74 8.67 10.31
CA CYS B 109 41.17 8.16 9.02
C CYS B 109 41.96 9.14 8.17
N ILE B 110 41.62 10.42 8.20
CA ILE B 110 42.37 11.36 7.38
C ILE B 110 43.22 12.30 8.25
N CYS B 111 43.58 11.80 9.42
CA CYS B 111 44.34 12.59 10.35
C CYS B 111 45.80 12.20 10.23
N ASN B 112 46.65 13.17 9.87
CA ASN B 112 48.09 12.95 9.87
C ASN B 112 48.56 12.81 11.32
N ILE B 113 49.45 11.85 11.59
CA ILE B 113 50.04 11.70 12.93
C ILE B 113 50.95 12.91 13.12
N ASP B 114 51.17 13.31 14.37
CA ASP B 114 52.13 14.39 14.61
C ASP B 114 53.54 13.91 14.34
N GLN B 115 54.07 14.42 13.23
CA GLN B 115 55.34 14.00 12.68
C GLN B 115 56.54 14.21 13.66
N ASN B 116 56.30 15.05 14.69
CA ASN B 116 57.25 15.34 15.77
C ASN B 116 57.17 14.27 16.86
N THR B 117 58.24 13.50 17.00
CA THR B 117 58.21 12.33 17.86
C THR B 117 58.51 12.68 19.33
N SER B 118 58.96 13.91 19.57
CA SER B 118 59.19 14.42 20.93
C SER B 118 57.88 14.86 21.66
N LYS B 119 56.87 15.27 20.88
CA LYS B 119 55.48 15.41 21.39
C LYS B 119 54.92 14.00 21.61
N THR B 120 53.72 13.92 22.20
CA THR B 120 53.04 12.62 22.35
C THR B 120 51.53 12.70 22.12
N THR B 121 51.11 12.52 20.86
CA THR B 121 49.69 12.50 20.42
C THR B 121 48.74 11.59 21.25
N LYS B 122 47.59 12.11 21.69
CA LYS B 122 46.67 11.32 22.54
C LYS B 122 45.15 11.41 22.21
N ILE B 123 44.51 10.23 22.22
CA ILE B 123 43.25 9.97 21.53
C ILE B 123 42.10 9.62 22.45
N TYR B 124 40.97 10.30 22.23
CA TYR B 124 39.79 10.18 23.09
C TYR B 124 38.52 10.02 22.25
N PRO B 125 37.48 9.37 22.80
CA PRO B 125 36.29 9.22 21.98
C PRO B 125 35.46 10.49 22.05
N LEU B 126 34.74 10.78 20.98
CA LEU B 126 33.91 12.01 20.92
C LEU B 126 33.42 12.46 22.31
N PRO B 127 33.71 13.73 22.69
CA PRO B 127 33.39 14.28 23.99
C PRO B 127 31.93 14.18 24.42
N HIS B 128 31.74 13.96 25.72
CA HIS B 128 30.45 13.79 26.34
C HIS B 128 29.51 12.88 25.58
N MET B 129 30.04 11.72 25.25
CA MET B 129 29.26 10.66 24.70
C MET B 129 29.39 9.50 25.63
N PHE B 130 28.37 8.67 25.69
CA PHE B 130 28.49 7.50 26.52
C PHE B 130 29.31 6.45 25.77
N VAL B 131 30.48 6.12 26.29
CA VAL B 131 31.31 5.06 25.71
C VAL B 131 30.76 3.65 26.01
N ILE B 132 30.44 2.91 24.94
CA ILE B 132 30.21 1.46 25.02
C ILE B 132 31.55 0.83 25.37
N LYS B 133 32.55 1.05 24.50
CA LYS B 133 33.89 0.52 24.68
C LYS B 133 35.01 1.34 24.03
N ASP B 134 36.16 1.33 24.71
CA ASP B 134 37.44 1.88 24.24
C ASP B 134 37.26 3.17 23.50
N LEU B 135 37.08 3.11 22.20
CA LEU B 135 36.86 4.34 21.48
C LEU B 135 35.47 4.49 20.90
N VAL B 136 34.59 3.55 21.20
CA VAL B 136 33.30 3.49 20.54
C VAL B 136 32.17 4.14 21.34
N PRO B 137 31.78 5.37 20.98
CA PRO B 137 30.77 5.98 21.82
C PRO B 137 29.38 5.51 21.40
N ASP B 138 28.48 5.37 22.37
CA ASP B 138 27.07 5.16 22.06
C ASP B 138 26.55 6.32 21.26
N MET B 139 26.48 6.08 19.98
CA MET B 139 26.10 7.10 19.05
C MET B 139 24.56 7.27 19.02
N ASN B 140 23.83 6.20 19.36
CA ASN B 140 22.35 6.16 19.23
C ASN B 140 21.57 7.45 19.47
N LEU B 141 22.03 8.29 20.40
CA LEU B 141 21.29 9.51 20.64
C LEU B 141 21.42 10.32 19.38
N PHE B 142 22.64 10.80 19.14
CA PHE B 142 22.93 11.54 17.93
C PHE B 142 22.11 11.08 16.69
N TYR B 143 22.12 9.76 16.43
CA TYR B 143 21.35 9.13 15.35
C TYR B 143 19.82 9.36 15.44
N ALA B 144 19.24 9.19 16.61
CA ALA B 144 17.81 9.41 16.78
C ALA B 144 17.45 10.87 16.50
N GLN B 145 18.25 11.76 17.07
CA GLN B 145 18.11 13.19 16.89
C GLN B 145 18.07 13.53 15.42
N TYR B 146 18.97 12.93 14.64
CA TYR B 146 18.86 13.02 13.21
C TYR B 146 17.44 12.67 12.88
N ALA B 147 17.08 11.40 13.04
CA ALA B 147 15.79 10.90 12.58
C ALA B 147 14.61 11.90 12.78
N SER B 148 14.57 12.57 13.94
CA SER B 148 13.63 13.69 14.24
C SER B 148 13.25 14.62 13.08
N ILE B 149 14.27 15.16 12.40
CA ILE B 149 14.13 16.29 11.46
C ILE B 149 13.42 15.94 10.16
N GLN B 150 13.07 14.67 10.05
CA GLN B 150 12.29 14.09 8.94
C GLN B 150 13.08 14.25 7.65
N PRO B 151 14.27 13.61 7.55
CA PRO B 151 15.25 13.91 6.49
C PRO B 151 14.97 13.30 5.14
N TRP B 152 13.76 13.45 4.63
CA TRP B 152 13.40 13.08 3.25
C TRP B 152 12.73 14.26 2.55
N LEU B 153 12.46 14.13 1.26
CA LEU B 153 11.72 15.18 0.56
C LEU B 153 10.23 15.05 0.85
N GLN B 154 9.59 16.21 0.99
CA GLN B 154 8.14 16.27 1.11
C GLN B 154 7.50 17.44 0.31
N LYS B 155 6.35 17.15 -0.31
CA LYS B 155 5.62 18.15 -1.11
C LYS B 155 4.12 18.36 -0.68
N LYS B 156 3.55 19.54 -0.99
CA LYS B 156 2.18 19.94 -0.54
C LYS B 156 1.04 19.21 -1.27
N THR B 157 1.27 18.81 -2.53
CA THR B 157 0.38 17.83 -3.20
C THR B 157 1.23 16.64 -3.55
N LYS B 158 0.66 15.45 -3.37
CA LYS B 158 1.35 14.21 -3.76
C LYS B 158 1.87 14.30 -5.20
N ILE B 159 2.95 13.57 -5.48
CA ILE B 159 3.45 13.51 -6.83
C ILE B 159 3.81 12.05 -7.10
N ASN B 160 3.81 11.70 -8.39
CA ASN B 160 4.02 10.34 -8.90
C ASN B 160 5.48 9.84 -8.75
N LEU B 161 5.72 8.99 -7.74
CA LEU B 161 7.08 8.68 -7.27
C LEU B 161 8.10 8.35 -8.35
N GLY B 162 7.65 7.70 -9.42
CA GLY B 162 8.52 7.42 -10.58
C GLY B 162 8.16 8.14 -11.88
N GLU B 163 8.03 9.47 -11.84
CA GLU B 163 7.59 10.20 -13.03
C GLU B 163 8.59 11.23 -13.53
N LYS B 164 8.43 12.50 -13.18
CA LYS B 164 9.39 13.47 -13.71
C LYS B 164 10.29 14.14 -12.65
N GLN B 165 11.34 14.79 -13.13
CA GLN B 165 12.28 15.48 -12.27
C GLN B 165 11.71 16.83 -11.88
N GLN B 166 11.55 17.08 -10.59
CA GLN B 166 11.18 18.42 -10.16
C GLN B 166 12.28 19.40 -10.56
N TYR B 167 11.86 20.50 -11.17
CA TYR B 167 12.79 21.51 -11.64
C TYR B 167 13.54 22.03 -10.44
N GLN B 168 14.84 22.16 -10.59
CA GLN B 168 15.60 22.96 -9.64
C GLN B 168 16.76 23.57 -10.39
N SER B 169 16.73 24.90 -10.55
CA SER B 169 17.74 25.61 -11.34
C SER B 169 19.05 25.43 -10.63
N ILE B 170 20.14 25.64 -11.35
CA ILE B 170 21.46 25.41 -10.75
C ILE B 170 21.65 26.27 -9.48
N LYS B 171 21.13 27.50 -9.53
CA LYS B 171 21.33 28.50 -8.49
C LYS B 171 20.60 28.11 -7.20
N GLU B 172 19.48 27.41 -7.34
CA GLU B 172 18.75 26.89 -6.18
C GLU B 172 19.58 25.83 -5.45
N GLN B 173 20.17 24.90 -6.22
CA GLN B 173 20.83 23.75 -5.64
C GLN B 173 22.22 24.10 -5.13
N GLU B 174 22.75 25.28 -5.47
CA GLU B 174 24.00 25.76 -4.85
C GLU B 174 23.78 26.04 -3.36
N LYS B 175 22.52 26.26 -2.99
CA LYS B 175 22.16 26.47 -1.59
C LYS B 175 22.38 25.22 -0.74
N LEU B 176 22.27 24.04 -1.36
CA LEU B 176 22.49 22.78 -0.65
C LEU B 176 23.97 22.46 -0.56
N ASP B 177 24.78 23.27 -1.22
CA ASP B 177 26.23 23.13 -1.17
C ASP B 177 26.76 23.72 0.11
N GLY B 178 27.57 22.94 0.81
CA GLY B 178 27.97 23.26 2.16
C GLY B 178 27.16 22.35 3.07
N LEU B 179 26.16 21.68 2.51
CA LEU B 179 25.15 21.05 3.34
C LEU B 179 24.98 19.52 3.21
N TYR B 180 24.98 18.99 1.99
CA TYR B 180 24.70 17.56 1.76
C TYR B 180 25.88 16.68 2.11
N GLU B 181 27.09 17.13 1.82
CA GLU B 181 28.33 16.43 2.18
C GLU B 181 28.44 15.84 3.62
N CYS B 182 27.91 16.54 4.63
CA CYS B 182 27.98 16.12 6.04
C CYS B 182 27.93 14.64 6.04
N ILE B 183 28.98 13.99 6.54
CA ILE B 183 29.05 12.52 6.69
C ILE B 183 28.35 11.94 7.95
N LEU B 184 27.91 12.85 8.86
CA LEU B 184 27.26 12.55 10.15
C LEU B 184 28.25 11.87 11.10
N CYS B 185 29.43 12.47 11.21
CA CYS B 185 30.53 11.87 11.94
C CYS B 185 30.35 12.19 13.40
N ALA B 186 29.63 13.30 13.66
CA ALA B 186 29.22 13.80 15.00
C ALA B 186 30.33 14.51 15.76
N CYS B 187 31.36 14.92 15.03
CA CYS B 187 32.51 15.62 15.59
C CYS B 187 32.03 16.91 16.15
N CYS B 188 31.33 17.66 15.30
CA CYS B 188 30.82 18.98 15.69
C CYS B 188 30.03 18.86 16.95
N SER B 189 28.87 18.23 16.83
CA SER B 189 28.08 17.90 17.98
C SER B 189 28.91 17.57 19.22
N ALA B 190 29.71 16.50 19.19
CA ALA B 190 30.42 16.09 20.40
C ALA B 190 31.49 17.06 20.85
N SER B 191 31.54 18.23 20.19
CA SER B 191 32.52 19.29 20.47
C SER B 191 31.85 20.55 21.04
N CYS B 192 30.56 20.65 20.83
CA CYS B 192 29.79 21.79 21.23
C CYS B 192 29.42 21.59 22.70
N PRO B 193 29.96 22.42 23.59
CA PRO B 193 29.70 22.16 25.00
C PRO B 193 28.21 22.30 25.34
N SER B 194 27.44 23.02 24.52
CA SER B 194 26.00 23.01 24.64
C SER B 194 25.50 21.58 24.61
N TYR B 195 25.97 20.84 23.62
CA TYR B 195 25.53 19.48 23.40
C TYR B 195 25.97 18.55 24.52
N TRP B 196 27.22 18.69 24.96
CA TRP B 196 27.73 17.93 26.12
C TRP B 196 26.73 18.00 27.28
N TRP B 197 26.36 19.24 27.63
CA TRP B 197 25.52 19.54 28.79
C TRP B 197 24.05 19.17 28.63
N ASN B 198 23.44 19.52 27.48
CA ASN B 198 22.01 19.26 27.27
C ASN B 198 21.65 18.43 26.04
N ALA B 199 22.46 17.41 25.78
CA ALA B 199 22.24 16.56 24.63
C ALA B 199 20.78 16.10 24.51
N ASP B 200 20.13 15.82 25.65
CA ASP B 200 18.74 15.38 25.64
C ASP B 200 17.90 16.33 24.82
N LYS B 201 18.09 17.62 25.01
CA LYS B 201 17.13 18.56 24.46
C LYS B 201 17.67 19.39 23.31
N TYR B 202 18.97 19.68 23.32
CA TYR B 202 19.61 20.38 22.19
C TYR B 202 19.94 19.47 20.99
N LEU B 203 19.34 19.71 19.81
CA LEU B 203 19.59 18.86 18.62
C LEU B 203 21.07 18.76 18.29
N GLY B 204 21.74 19.92 18.30
CA GLY B 204 23.21 20.01 18.15
C GLY B 204 23.74 19.97 16.72
N PRO B 205 24.71 20.85 16.41
CA PRO B 205 25.25 21.27 15.11
C PRO B 205 25.00 20.30 13.94
N ALA B 206 25.67 19.16 13.94
CA ALA B 206 25.46 18.21 12.87
C ALA B 206 23.96 18.16 12.56
N VAL B 207 23.16 17.83 13.58
CA VAL B 207 21.78 17.46 13.31
C VAL B 207 20.95 18.64 12.80
N LEU B 208 21.16 19.82 13.36
CA LEU B 208 20.45 21.05 12.94
C LEU B 208 20.71 21.39 11.48
N MET B 209 22.00 21.51 11.16
CA MET B 209 22.48 21.84 9.82
C MET B 209 21.79 21.01 8.78
N GLN B 210 21.58 19.74 9.07
CA GLN B 210 20.85 18.90 8.14
C GLN B 210 19.39 19.36 7.98
N ALA B 211 18.73 19.71 9.08
CA ALA B 211 17.33 20.15 9.06
C ALA B 211 17.15 21.37 8.19
N TYR B 212 18.12 22.28 8.29
CA TYR B 212 18.17 23.47 7.47
C TYR B 212 18.25 23.09 6.02
N ARG B 213 19.04 22.07 5.72
CA ARG B 213 19.26 21.60 4.35
C ARG B 213 17.92 21.20 3.73
N TRP B 214 17.01 20.77 4.59
CA TRP B 214 15.67 20.41 4.15
C TRP B 214 14.71 21.61 4.08
N ILE B 215 15.01 22.71 4.75
CA ILE B 215 14.08 23.81 4.63
C ILE B 215 14.39 24.78 3.46
N ILE B 216 15.66 24.86 3.06
CA ILE B 216 16.02 25.55 1.82
C ILE B 216 16.24 24.63 0.66
N ASP B 217 15.75 23.39 0.70
CA ASP B 217 15.64 22.66 -0.56
C ASP B 217 14.43 23.25 -1.27
N SER B 218 14.71 23.99 -2.34
CA SER B 218 13.69 24.70 -3.10
C SER B 218 12.56 23.78 -3.52
N ARG B 219 12.70 22.50 -3.20
CA ARG B 219 11.75 21.54 -3.67
C ARG B 219 10.88 21.06 -2.52
N ASP B 220 11.23 21.44 -1.29
CA ASP B 220 10.55 20.96 -0.08
C ASP B 220 9.57 21.96 0.59
N ASP B 221 8.28 21.61 0.57
CA ASP B 221 7.18 22.46 1.02
C ASP B 221 6.91 22.47 2.53
N SER B 222 7.71 21.72 3.27
CA SER B 222 7.50 21.60 4.69
C SER B 222 8.30 22.63 5.47
N ALA B 223 8.99 23.53 4.76
CA ALA B 223 9.66 24.68 5.40
C ALA B 223 8.91 25.12 6.67
N ALA B 224 7.67 25.58 6.46
CA ALA B 224 6.69 25.91 7.50
C ALA B 224 6.79 25.05 8.76
N GLU B 225 6.21 23.85 8.70
CA GLU B 225 6.19 22.91 9.84
C GLU B 225 7.56 22.38 10.25
N ARG B 226 8.49 22.24 9.32
CA ARG B 226 9.80 21.70 9.67
C ARG B 226 10.51 22.68 10.58
N LEU B 227 10.09 23.93 10.47
CA LEU B 227 10.58 24.94 11.39
C LEU B 227 9.82 24.89 12.71
N ALA B 228 8.55 24.51 12.64
CA ALA B 228 7.72 24.41 13.84
C ALA B 228 8.26 23.37 14.84
N ARG B 229 8.97 22.37 14.33
CA ARG B 229 9.51 21.24 15.14
C ARG B 229 10.60 21.65 16.11
N MET B 230 11.26 22.75 15.79
CA MET B 230 12.39 23.22 16.57
C MET B 230 12.18 24.67 16.96
N GLN B 231 10.95 24.99 17.37
CA GLN B 231 10.61 26.33 17.77
C GLN B 231 11.02 26.65 19.20
N ASP B 232 10.87 25.68 20.09
CA ASP B 232 11.11 25.84 21.53
C ASP B 232 12.51 26.31 21.92
N GLY B 233 12.67 26.65 23.19
CA GLY B 233 13.89 27.30 23.65
C GLY B 233 15.17 26.48 23.73
N PHE B 234 15.04 25.16 23.75
CA PHE B 234 16.20 24.27 23.91
C PHE B 234 16.63 23.65 22.59
N SER B 235 15.72 22.93 21.94
CA SER B 235 16.08 22.10 20.77
C SER B 235 16.87 22.89 19.75
N ALA B 236 16.39 24.10 19.41
CA ALA B 236 17.04 24.90 18.41
C ALA B 236 17.96 26.00 18.98
N PHE B 237 17.35 26.93 19.71
CA PHE B 237 17.99 28.14 20.22
C PHE B 237 18.99 27.94 21.30
N LYS B 238 19.40 26.69 21.54
CA LYS B 238 20.38 26.50 22.61
C LYS B 238 21.81 26.67 22.10
N CYS B 239 21.92 27.29 20.93
CA CYS B 239 23.21 27.70 20.41
C CYS B 239 23.62 29.03 21.02
N HIS B 240 24.49 28.95 22.01
CA HIS B 240 25.03 30.16 22.59
C HIS B 240 26.19 30.67 21.75
N THR B 241 26.19 30.20 20.50
CA THR B 241 27.05 30.71 19.42
C THR B 241 28.56 30.60 19.60
N ILE B 242 28.98 29.46 20.16
CA ILE B 242 30.37 29.22 20.54
C ILE B 242 31.29 29.13 19.34
N MET B 243 30.80 28.49 18.29
CA MET B 243 31.52 28.30 17.01
C MET B 243 32.49 27.13 16.93
N ASN B 244 32.66 26.42 18.05
CA ASN B 244 33.47 25.21 18.13
C ASN B 244 33.18 24.18 17.01
N CYS B 245 31.92 24.11 16.60
CA CYS B 245 31.43 23.10 15.66
C CYS B 245 31.96 23.23 14.24
N THR B 246 32.05 24.45 13.73
CA THR B 246 32.58 24.74 12.38
C THR B 246 34.11 24.62 12.32
N LYS B 247 34.75 24.99 13.41
CA LYS B 247 36.18 24.82 13.56
C LYS B 247 36.60 23.34 13.55
N THR B 248 35.71 22.43 13.91
CA THR B 248 36.21 21.07 14.12
C THR B 248 35.80 20.14 13.00
N CYS B 249 34.77 20.55 12.25
CA CYS B 249 34.26 19.74 11.15
C CYS B 249 35.46 19.43 10.28
N PRO B 250 35.73 18.13 10.07
CA PRO B 250 36.81 17.66 9.18
C PRO B 250 36.47 17.84 7.71
N LYS B 251 35.18 17.98 7.40
CA LYS B 251 34.73 18.08 6.04
C LYS B 251 34.64 19.52 5.62
N HIS B 252 35.12 20.41 6.48
CA HIS B 252 35.22 21.83 6.16
C HIS B 252 33.88 22.41 5.69
N LEU B 253 32.80 21.95 6.31
CA LEU B 253 31.51 22.56 6.08
C LEU B 253 31.34 23.58 7.17
N ASN B 254 30.13 24.12 7.27
CA ASN B 254 29.87 25.15 8.26
C ASN B 254 28.49 25.03 8.85
N PRO B 255 28.37 24.38 10.03
CA PRO B 255 27.08 24.26 10.75
C PRO B 255 26.60 25.59 11.37
N ALA B 256 27.49 26.37 11.96
CA ALA B 256 27.05 27.66 12.51
C ALA B 256 26.26 28.47 11.50
N ARG B 257 26.86 28.76 10.34
CA ARG B 257 26.22 29.44 9.19
C ARG B 257 24.76 29.04 8.99
N ALA B 258 24.50 27.73 9.05
CA ALA B 258 23.13 27.26 9.00
C ALA B 258 22.41 27.72 10.25
N ILE B 259 22.80 27.23 11.42
CA ILE B 259 22.11 27.59 12.66
C ILE B 259 21.69 29.06 12.62
N GLY B 260 22.67 29.93 12.38
CA GLY B 260 22.45 31.34 12.07
C GLY B 260 21.22 31.50 11.21
N GLU B 261 21.32 31.11 9.94
CA GLU B 261 20.19 31.18 9.01
C GLU B 261 18.87 30.62 9.55
N ILE B 262 18.92 29.70 10.52
CA ILE B 262 17.70 29.10 11.08
C ILE B 262 17.10 30.06 12.11
N LYS B 263 17.96 30.65 12.93
CA LYS B 263 17.56 31.68 13.89
C LYS B 263 16.80 32.84 13.19
N MET B 264 17.27 33.14 11.98
CA MET B 264 16.69 34.13 11.09
C MET B 264 15.33 33.67 10.57
N LEU B 265 15.14 32.36 10.52
CA LEU B 265 13.88 31.83 10.05
C LEU B 265 12.88 31.78 11.20
N LEU B 266 13.37 31.38 12.37
CA LEU B 266 12.58 31.38 13.62
C LEU B 266 12.16 32.77 14.08
N THR B 267 12.81 33.78 13.55
CA THR B 267 12.44 35.14 13.90
C THR B 267 12.07 35.96 12.65
N LYS B 268 13.03 36.70 12.10
CA LYS B 268 12.73 37.67 11.05
C LYS B 268 12.51 37.13 9.64
N MET B 269 13.58 36.76 8.94
CA MET B 269 13.57 36.53 7.47
C MET B 269 13.07 35.17 6.95
N LYS B 270 12.76 35.13 5.65
CA LYS B 270 12.02 34.02 4.99
C LYS B 270 12.79 33.08 4.03
N THR B 271 12.21 31.90 3.86
CA THR B 271 12.50 30.96 2.78
C THR B 271 11.74 31.43 1.52
N LYS B 272 12.34 31.32 0.34
CA LYS B 272 11.72 31.86 -0.89
C LYS B 272 11.51 30.78 -1.96
N PRO B 273 10.23 30.52 -2.39
CA PRO B 273 9.97 29.35 -3.26
C PRO B 273 10.60 29.45 -4.65
N ALA B 274 10.54 28.36 -5.41
CA ALA B 274 11.28 28.21 -6.66
C ALA B 274 10.50 28.77 -7.84
N PRO B 275 11.21 29.18 -8.93
CA PRO B 275 10.53 29.51 -10.20
C PRO B 275 9.94 28.24 -10.82
N LEU B 276 8.66 28.26 -11.19
CA LEU B 276 7.91 27.03 -11.61
C LEU B 276 8.60 26.22 -12.76
N PRO B 277 8.43 24.86 -12.76
CA PRO B 277 9.02 24.03 -13.82
C PRO B 277 8.81 24.63 -15.21
N THR B 278 9.66 25.59 -15.56
CA THR B 278 9.59 26.33 -16.83
C THR B 278 9.28 25.39 -18.02
N PRO B 279 8.08 25.54 -18.65
CA PRO B 279 7.44 24.51 -19.52
C PRO B 279 8.27 23.93 -20.69
N ALA B 280 7.93 22.69 -21.06
CA ALA B 280 8.83 21.70 -21.66
C ALA B 280 9.54 20.88 -20.53
N ASN B 281 8.86 20.77 -19.38
CA ASN B 281 9.42 20.19 -18.16
C ASN B 281 8.37 19.37 -17.41
N GLU C 34 7.44 21.44 28.74
CA GLU C 34 6.79 20.82 27.56
C GLU C 34 7.77 20.36 26.48
N LYS C 35 8.15 19.09 26.59
CA LYS C 35 9.16 18.50 25.72
C LYS C 35 8.60 18.03 24.39
N THR C 36 9.34 18.36 23.33
CA THR C 36 9.05 17.91 21.98
C THR C 36 9.38 16.43 21.84
N PRO C 37 8.51 15.68 21.16
CA PRO C 37 8.61 14.24 20.89
C PRO C 37 10.00 13.65 21.06
N ILE C 38 11.00 14.25 20.39
CA ILE C 38 12.42 13.83 20.44
C ILE C 38 13.06 13.94 21.83
N GLN C 39 12.83 15.06 22.52
CA GLN C 39 13.46 15.29 23.81
C GLN C 39 12.91 14.38 24.88
N VAL C 40 11.65 13.95 24.75
CA VAL C 40 11.10 12.89 25.61
C VAL C 40 12.05 11.76 25.47
N TRP C 41 12.13 11.22 24.24
CA TRP C 41 13.04 10.14 23.88
C TRP C 41 14.45 10.40 24.43
N GLY C 42 14.89 11.65 24.26
CA GLY C 42 16.20 12.09 24.70
C GLY C 42 16.41 11.79 26.15
N TRP C 43 15.46 12.24 26.97
CA TRP C 43 15.49 11.93 28.40
C TRP C 43 15.63 10.38 28.69
N ASP C 44 14.70 9.59 28.17
CA ASP C 44 14.74 8.11 28.26
C ASP C 44 16.13 7.52 27.98
N TYR C 45 16.82 8.03 26.95
CA TYR C 45 18.19 7.61 26.58
C TYR C 45 19.10 7.89 27.74
N LEU C 46 19.05 9.11 28.21
CA LEU C 46 19.91 9.44 29.30
C LEU C 46 19.67 8.50 30.49
N MET C 47 18.43 8.05 30.66
CA MET C 47 18.12 7.10 31.75
C MET C 47 18.77 5.75 31.57
N ARG C 48 18.52 5.13 30.42
CA ARG C 48 19.26 3.94 30.04
C ARG C 48 20.75 4.16 30.33
N GLN C 49 21.35 5.12 29.62
CA GLN C 49 22.78 5.25 29.62
C GLN C 49 23.36 5.37 31.01
N ARG C 50 22.53 5.81 31.95
CA ARG C 50 22.98 5.86 33.35
C ARG C 50 22.85 4.50 34.01
N ALA C 51 21.64 3.91 33.93
CA ALA C 51 21.35 2.57 34.46
C ALA C 51 22.39 1.52 34.00
N LEU C 52 22.99 1.78 32.83
CA LEU C 52 24.02 0.91 32.29
C LEU C 52 25.39 1.24 32.86
N LYS C 53 25.47 2.18 33.81
CA LYS C 53 26.74 2.46 34.52
C LYS C 53 27.87 2.84 33.54
N ARG C 54 27.51 3.01 32.28
CA ARG C 54 28.45 3.41 31.27
C ARG C 54 28.97 4.80 31.65
N PRO C 55 30.29 5.07 31.48
CA PRO C 55 30.88 6.40 31.78
C PRO C 55 30.67 7.44 30.67
N ILE C 56 31.24 8.62 30.85
CA ILE C 56 31.03 9.75 29.94
C ILE C 56 32.37 10.10 29.36
N ALA C 57 32.42 10.22 28.04
CA ALA C 57 33.65 10.61 27.37
C ALA C 57 34.14 11.97 27.85
N PRO C 58 35.36 12.01 28.42
CA PRO C 58 36.12 13.19 28.74
C PRO C 58 35.98 14.26 27.72
N HIS C 59 35.59 15.43 28.22
CA HIS C 59 35.35 16.68 27.44
C HIS C 59 36.32 17.81 27.80
N LEU C 60 35.82 18.88 28.44
CA LEU C 60 36.64 20.09 28.66
C LEU C 60 38.01 19.80 29.28
N THR C 61 38.08 18.81 30.16
CA THR C 61 39.36 18.33 30.67
C THR C 61 40.35 18.19 29.54
N ILE C 62 39.91 17.48 28.50
CA ILE C 62 40.79 16.92 27.48
C ILE C 62 40.73 17.64 26.14
N TYR C 63 39.68 18.42 25.94
CA TYR C 63 39.50 19.12 24.69
C TYR C 63 40.47 20.29 24.67
N LYS C 64 41.16 20.47 23.54
CA LYS C 64 42.19 21.48 23.34
C LYS C 64 41.65 22.90 23.44
N PRO C 65 42.37 23.76 24.17
CA PRO C 65 42.08 25.18 24.16
C PRO C 65 41.93 25.70 22.73
N GLN C 66 40.96 26.57 22.48
CA GLN C 66 40.73 27.12 21.14
C GLN C 66 40.16 28.54 21.16
N MET C 67 40.34 29.28 20.08
CA MET C 67 39.76 30.63 20.00
C MET C 67 38.24 30.67 19.84
N THR C 68 37.61 29.53 19.58
CA THR C 68 36.16 29.51 19.50
C THR C 68 35.57 29.53 20.90
N TRP C 69 35.70 28.41 21.61
CA TRP C 69 35.00 28.24 22.89
C TRP C 69 35.51 29.19 23.95
N MET C 70 36.80 29.49 23.90
CA MET C 70 37.39 30.31 24.93
C MET C 70 37.03 31.76 24.89
N VAL C 71 36.91 32.31 23.68
CA VAL C 71 36.19 33.55 23.44
C VAL C 71 34.81 33.50 24.10
N SER C 72 33.99 32.53 23.70
CA SER C 72 32.67 32.39 24.29
C SER C 72 32.74 32.29 25.82
N GLY C 73 33.58 31.39 26.31
CA GLY C 73 33.76 31.19 27.73
C GLY C 73 34.16 32.46 28.46
N LEU C 74 35.11 33.19 27.88
CA LEU C 74 35.41 34.52 28.36
C LEU C 74 34.17 35.39 28.28
N HIS C 75 33.38 35.24 27.22
CA HIS C 75 32.18 36.06 27.12
C HIS C 75 31.25 35.69 28.23
N ARG C 76 31.17 34.38 28.54
CA ARG C 76 30.53 33.87 29.78
C ARG C 76 31.09 34.50 31.03
N VAL C 77 32.34 34.15 31.36
CA VAL C 77 32.92 34.65 32.61
C VAL C 77 32.69 36.16 32.84
N THR C 78 33.09 37.01 31.89
CA THR C 78 32.82 38.45 32.01
C THR C 78 31.36 38.71 32.37
N GLY C 79 30.46 38.24 31.50
CA GLY C 79 29.02 38.46 31.62
C GLY C 79 28.52 38.26 33.02
N CYS C 80 28.84 37.09 33.57
CA CYS C 80 28.49 36.73 34.93
C CYS C 80 29.27 37.52 35.95
N ALA C 81 30.59 37.39 35.92
CA ALA C 81 31.47 38.11 36.85
C ALA C 81 31.10 39.61 36.99
N MET C 82 30.58 40.23 35.92
CA MET C 82 30.07 41.60 36.03
C MET C 82 28.77 41.61 36.83
N ALA C 83 27.76 40.89 36.34
CA ALA C 83 26.52 40.76 37.08
C ALA C 83 26.84 40.20 38.45
N GLY C 84 27.97 39.52 38.55
CA GLY C 84 28.39 38.93 39.82
C GLY C 84 28.68 40.01 40.82
N THR C 85 29.51 40.92 40.38
CA THR C 85 29.77 42.15 41.09
C THR C 85 28.49 42.96 41.38
N LEU C 86 27.64 43.12 40.37
CA LEU C 86 26.49 43.97 40.55
C LEU C 86 25.55 43.42 41.63
N LEU C 87 25.79 42.18 42.08
CA LEU C 87 25.00 41.67 43.22
C LEU C 87 25.76 41.82 44.53
N ILE C 88 26.95 41.22 44.63
CA ILE C 88 27.74 41.35 45.86
C ILE C 88 28.14 42.81 46.06
N GLY C 89 27.97 43.63 45.03
CA GLY C 89 28.20 45.05 45.17
C GLY C 89 26.90 45.69 45.57
N GLY C 90 25.91 45.55 44.68
CA GLY C 90 24.58 46.12 44.83
C GLY C 90 24.09 45.86 46.22
N VAL C 91 23.52 44.67 46.39
CA VAL C 91 23.08 44.20 47.68
C VAL C 91 24.21 44.30 48.71
N GLY C 92 25.39 43.78 48.37
CA GLY C 92 26.54 43.90 49.25
C GLY C 92 26.50 45.14 50.13
N PHE C 93 26.39 46.32 49.52
CA PHE C 93 26.48 47.60 50.27
C PHE C 93 25.22 48.03 50.97
N SER C 94 24.07 47.57 50.47
CA SER C 94 22.84 47.84 51.19
C SER C 94 22.89 47.11 52.50
N VAL C 95 23.02 45.80 52.45
CA VAL C 95 22.89 45.00 53.65
C VAL C 95 24.16 45.08 54.56
N LEU C 96 25.10 45.95 54.20
CA LEU C 96 26.21 46.26 55.10
C LEU C 96 26.17 47.67 55.65
N PRO C 97 26.86 47.92 56.77
CA PRO C 97 27.14 49.31 57.20
C PRO C 97 28.02 50.00 56.12
N LEU C 98 29.30 50.21 56.44
CA LEU C 98 30.38 50.36 55.45
C LEU C 98 30.00 50.81 54.02
N ASP C 99 29.58 52.06 53.86
CA ASP C 99 29.18 52.60 52.57
C ASP C 99 30.34 52.66 51.58
N PHE C 100 30.03 52.87 50.30
CA PHE C 100 31.01 52.80 49.23
C PHE C 100 32.09 53.87 49.32
N THR C 101 31.76 55.03 49.87
CA THR C 101 32.76 56.08 50.04
C THR C 101 33.77 55.77 51.16
N THR C 102 33.35 55.08 52.23
CA THR C 102 34.33 54.50 53.17
C THR C 102 35.23 53.52 52.45
N PHE C 103 34.66 52.67 51.60
CA PHE C 103 35.41 51.62 50.88
C PHE C 103 36.51 52.14 49.96
N VAL C 104 36.30 53.30 49.33
CA VAL C 104 37.35 53.90 48.51
C VAL C 104 38.54 54.39 49.38
N GLU C 105 38.22 54.93 50.55
CA GLU C 105 39.22 55.38 51.51
C GLU C 105 39.88 54.21 52.28
N PHE C 106 39.09 53.26 52.83
CA PHE C 106 39.63 52.00 53.44
C PHE C 106 40.33 51.13 52.37
N ILE C 107 40.66 51.74 51.22
CA ILE C 107 41.66 51.19 50.28
C ILE C 107 42.81 52.17 49.97
N ARG C 108 42.45 53.41 49.58
CA ARG C 108 43.43 54.48 49.31
C ARG C 108 44.23 54.79 50.58
N GLY C 109 43.75 54.25 51.70
CA GLY C 109 44.36 54.39 53.02
C GLY C 109 45.58 53.52 53.26
N LEU C 110 45.68 52.44 52.48
CA LEU C 110 46.97 51.83 52.18
C LEU C 110 47.14 51.75 50.66
N GLY C 111 47.04 52.93 50.05
CA GLY C 111 47.30 53.17 48.64
C GLY C 111 48.57 52.44 48.23
N ILE C 112 48.40 51.60 47.24
CA ILE C 112 49.46 50.78 46.72
C ILE C 112 49.90 51.52 45.46
N PRO C 113 51.19 51.39 45.05
CA PRO C 113 51.69 52.12 43.86
C PRO C 113 50.77 52.07 42.63
N TRP C 114 50.56 53.24 42.02
CA TRP C 114 49.55 53.49 40.95
C TRP C 114 49.37 52.36 39.96
N VAL C 115 50.47 51.74 39.55
CA VAL C 115 50.48 50.68 38.51
C VAL C 115 49.60 49.50 38.89
N ILE C 116 49.83 48.96 40.08
CA ILE C 116 48.89 48.02 40.71
C ILE C 116 47.44 48.54 40.55
N LEU C 117 47.16 49.71 41.11
CA LEU C 117 45.82 50.25 41.06
C LEU C 117 45.36 50.42 39.62
N ASP C 118 46.18 51.04 38.79
CA ASP C 118 45.87 51.20 37.38
C ASP C 118 45.77 49.89 36.61
N THR C 119 45.85 48.76 37.33
CA THR C 119 45.60 47.46 36.71
C THR C 119 44.24 46.95 37.10
N PHE C 120 43.86 47.18 38.35
CA PHE C 120 42.51 46.93 38.77
C PHE C 120 41.53 47.76 37.94
N LYS C 121 41.85 49.03 37.73
CA LYS C 121 41.17 49.79 36.69
C LYS C 121 41.04 48.94 35.41
N PHE C 122 42.18 48.46 34.85
CA PHE C 122 42.24 47.69 33.58
C PHE C 122 41.40 46.43 33.57
N ILE C 123 41.51 45.67 34.66
CA ILE C 123 40.69 44.50 34.89
C ILE C 123 39.22 44.89 34.95
N ILE C 124 38.88 45.93 35.71
CA ILE C 124 37.46 46.30 35.85
C ILE C 124 36.90 46.75 34.50
N ALA C 125 37.69 47.53 33.75
CA ALA C 125 37.26 48.06 32.46
C ALA C 125 37.13 46.97 31.40
N PHE C 126 38.18 46.12 31.29
CA PHE C 126 38.25 45.09 30.25
C PHE C 126 36.98 44.24 30.15
N PRO C 127 36.62 43.52 31.23
CA PRO C 127 35.38 42.79 31.20
C PRO C 127 34.25 43.52 30.51
N ILE C 128 34.14 44.84 30.70
CA ILE C 128 33.08 45.59 30.04
C ILE C 128 33.48 45.84 28.61
N ALA C 129 34.73 46.26 28.47
CA ALA C 129 35.35 46.52 27.16
C ALA C 129 35.16 45.33 26.21
N PHE C 130 35.60 44.17 26.68
CA PHE C 130 35.47 42.93 25.95
C PHE C 130 34.00 42.51 25.78
N HIS C 131 33.28 42.24 26.87
CA HIS C 131 31.95 41.58 26.78
C HIS C 131 31.05 42.34 25.84
N THR C 132 31.31 43.64 25.71
CA THR C 132 30.51 44.45 24.84
C THR C 132 30.95 44.21 23.41
N LEU C 133 32.26 44.31 23.16
CA LEU C 133 32.80 44.01 21.84
C LEU C 133 32.31 42.64 21.37
N ASN C 134 32.77 41.58 22.01
CA ASN C 134 32.35 40.21 21.69
C ASN C 134 30.84 40.06 21.58
N GLY C 135 30.12 40.93 22.27
CA GLY C 135 28.66 40.96 22.24
C GLY C 135 28.16 41.24 20.85
N ILE C 136 28.38 42.47 20.38
CA ILE C 136 27.96 42.85 19.03
C ILE C 136 28.33 41.71 18.10
N ARG C 137 29.54 41.18 18.29
CA ARG C 137 30.09 40.08 17.49
C ARG C 137 29.17 38.85 17.47
N PHE C 138 28.90 38.30 18.66
CA PHE C 138 28.11 37.10 18.80
C PHE C 138 26.80 37.25 18.09
N ILE C 139 26.18 38.40 18.20
CA ILE C 139 24.94 38.62 17.49
C ILE C 139 25.09 38.37 15.98
N GLY C 140 26.22 38.80 15.42
CA GLY C 140 26.53 38.52 14.01
C GLY C 140 26.37 37.04 13.70
N PHE C 141 27.04 36.22 14.50
CA PHE C 141 26.99 34.76 14.42
C PHE C 141 25.54 34.23 14.52
N ASP C 142 24.74 34.93 15.34
CA ASP C 142 23.33 34.60 15.53
C ASP C 142 22.57 34.91 14.25
N MET C 143 23.12 35.81 13.45
CA MET C 143 22.45 36.17 12.21
C MET C 143 23.12 35.60 10.96
N ALA C 144 23.76 34.44 11.15
CA ALA C 144 24.46 33.76 10.05
C ALA C 144 25.68 34.54 9.56
N LYS C 145 25.76 35.82 9.90
CA LYS C 145 26.82 36.65 9.35
C LYS C 145 28.18 36.36 9.99
N GLY C 146 29.20 36.22 9.15
CA GLY C 146 30.59 36.18 9.63
C GLY C 146 30.94 34.89 10.31
N THR C 147 30.36 33.79 9.82
CA THR C 147 30.48 32.49 10.44
C THR C 147 31.48 31.54 9.77
N ASP C 148 32.34 32.07 8.92
CA ASP C 148 33.43 31.28 8.32
C ASP C 148 34.69 31.39 9.17
N ILE C 149 35.48 30.32 9.23
CA ILE C 149 36.72 30.22 10.02
C ILE C 149 37.78 31.32 9.90
N PRO C 150 37.95 31.93 8.70
CA PRO C 150 38.81 33.11 8.68
C PRO C 150 38.08 34.29 9.31
N SER C 151 36.94 34.69 8.75
CA SER C 151 36.23 35.85 9.29
C SER C 151 35.75 35.59 10.73
N ILE C 152 35.99 34.38 11.23
CA ILE C 152 35.74 34.10 12.65
C ILE C 152 36.92 34.48 13.47
N TYR C 153 38.05 33.93 13.13
CA TYR C 153 39.26 34.21 13.81
C TYR C 153 39.63 35.74 13.76
N ARG C 154 39.39 36.42 12.64
CA ARG C 154 39.49 37.89 12.60
C ARG C 154 38.69 38.47 13.78
N GLY C 155 37.35 38.29 13.69
CA GLY C 155 36.41 38.49 14.79
C GLY C 155 37.13 38.41 16.11
N ALA C 156 37.55 37.19 16.51
CA ALA C 156 38.18 36.93 17.81
C ALA C 156 39.32 37.89 18.15
N TYR C 157 40.12 38.21 17.14
CA TYR C 157 41.30 39.06 17.34
C TYR C 157 40.91 40.55 17.41
N LEU C 158 40.24 41.04 16.35
CA LEU C 158 39.77 42.44 16.24
C LEU C 158 38.86 42.92 17.40
N VAL C 159 38.38 41.95 18.18
CA VAL C 159 37.58 42.16 19.40
C VAL C 159 38.49 42.09 20.64
N LEU C 160 39.05 40.91 20.89
CA LEU C 160 40.07 40.74 21.91
C LEU C 160 41.15 41.83 21.83
N GLY C 161 41.29 42.42 20.64
CA GLY C 161 42.25 43.49 20.40
C GLY C 161 41.66 44.81 20.85
N LEU C 162 40.62 45.24 20.14
CA LEU C 162 39.90 46.51 20.38
C LEU C 162 39.49 46.74 21.85
N ALA C 163 39.45 45.64 22.60
CA ALA C 163 39.10 45.65 24.01
C ALA C 163 40.35 46.03 24.76
N ALA C 164 41.27 45.08 24.88
CA ALA C 164 42.51 45.29 25.63
C ALA C 164 43.14 46.67 25.37
N LEU C 165 42.88 47.20 24.17
CA LEU C 165 43.34 48.51 23.70
C LEU C 165 42.60 49.70 24.33
N ILE C 166 41.26 49.65 24.26
CA ILE C 166 40.35 50.60 24.93
C ILE C 166 40.51 50.55 26.44
N SER C 167 40.52 49.34 26.99
CA SER C 167 40.68 49.15 28.43
C SER C 167 41.94 49.76 29.04
N LEU C 168 43.03 49.72 28.28
CA LEU C 168 44.28 50.39 28.67
C LEU C 168 44.20 51.88 28.34
N ALA C 169 43.58 52.22 27.22
CA ALA C 169 43.41 53.60 26.79
C ALA C 169 42.36 54.39 27.58
N VAL C 170 41.81 53.75 28.60
CA VAL C 170 40.74 54.33 29.37
C VAL C 170 41.17 54.38 30.82
N VAL C 171 42.17 53.59 31.10
CA VAL C 171 42.82 53.57 32.38
C VAL C 171 44.05 54.45 32.34
N VAL C 172 44.79 54.39 31.23
CA VAL C 172 46.06 55.13 31.06
C VAL C 172 45.90 56.58 30.58
N TYR C 173 44.87 56.87 29.79
CA TYR C 173 44.66 58.26 29.37
C TYR C 173 44.26 59.27 30.48
N PRO C 174 43.39 58.88 31.44
CA PRO C 174 43.21 59.89 32.48
C PRO C 174 44.20 59.74 33.65
N ARG C 175 45.13 58.79 33.55
CA ARG C 175 46.31 58.76 34.43
C ARG C 175 47.38 59.63 33.76
N TRP C 176 47.06 60.06 32.53
CA TRP C 176 47.91 60.98 31.77
C TRP C 176 47.62 62.42 32.19
N GLU C 177 46.41 62.91 31.94
CA GLU C 177 46.02 64.26 32.38
C GLU C 177 46.00 64.39 33.92
N ARG C 178 46.44 63.35 34.64
CA ARG C 178 46.68 63.43 36.09
C ARG C 178 48.17 63.44 36.36
N HIS C 179 48.96 63.45 35.29
CA HIS C 179 50.41 63.69 35.35
C HIS C 179 50.82 64.99 34.63
N LYS C 180 50.18 65.29 33.50
CA LYS C 180 50.36 66.56 32.75
C LYS C 180 49.97 67.75 33.64
N LYS C 181 49.11 67.46 34.61
CA LYS C 181 48.68 68.42 35.64
C LYS C 181 49.54 68.34 36.90
N ALA C 182 50.29 67.25 37.07
CA ALA C 182 51.23 67.09 38.20
C ALA C 182 52.35 68.13 38.13
N THR C 183 52.76 68.47 36.92
CA THR C 183 53.67 69.59 36.65
C THR C 183 53.19 70.43 35.44
N LEU C 184 52.58 71.61 35.72
CA LEU C 184 52.05 72.52 34.67
C LEU C 184 53.16 73.41 34.05
N PRO C 185 53.61 73.07 32.80
CA PRO C 185 54.80 73.67 32.13
C PRO C 185 54.91 75.22 32.19
N THR C 186 53.80 75.91 31.92
CA THR C 186 53.75 77.39 31.92
C THR C 186 53.77 77.96 33.35
N THR D 28 22.72 -23.81 24.97
CA THR D 28 21.33 -23.84 24.47
C THR D 28 21.04 -22.57 23.71
N SER D 29 20.45 -22.76 22.54
CA SER D 29 19.61 -21.74 21.94
C SER D 29 18.21 -22.02 22.50
N ALA D 30 18.07 -21.87 23.83
CA ALA D 30 16.80 -22.02 24.55
C ALA D 30 16.62 -20.92 25.62
N ALA D 31 16.28 -19.71 25.16
CA ALA D 31 16.10 -18.54 26.04
C ALA D 31 15.04 -17.54 25.48
N VAL D 32 14.75 -16.48 26.24
CA VAL D 32 13.60 -15.58 26.01
C VAL D 32 13.49 -14.93 24.63
N THR D 33 12.24 -14.59 24.28
CA THR D 33 11.87 -13.83 23.10
C THR D 33 12.04 -12.37 23.41
N GLY D 34 12.78 -11.68 22.55
CA GLY D 34 13.23 -10.31 22.83
C GLY D 34 12.37 -9.24 22.21
N ALA D 35 12.70 -8.00 22.54
CA ALA D 35 11.92 -6.86 22.09
C ALA D 35 12.74 -6.04 21.14
N ALA D 36 12.03 -5.47 20.16
CA ALA D 36 12.59 -4.56 19.16
C ALA D 36 13.36 -3.44 19.86
N PRO D 37 14.56 -3.06 19.35
CA PRO D 37 15.41 -2.17 20.11
C PRO D 37 14.88 -0.73 20.17
N PRO D 38 15.06 -0.07 21.34
CA PRO D 38 14.68 1.32 21.49
C PRO D 38 15.16 2.16 20.30
N GLN D 39 14.21 2.59 19.48
CA GLN D 39 14.46 3.40 18.29
C GLN D 39 13.44 4.54 18.19
N PHE D 40 13.82 5.66 17.61
CA PHE D 40 12.85 6.75 17.48
C PHE D 40 12.02 6.53 16.24
N ASP D 41 10.85 7.15 16.20
CA ASP D 41 9.96 6.98 15.06
C ASP D 41 9.32 8.30 14.68
N PRO D 42 10.02 9.09 13.84
CA PRO D 42 9.74 10.49 13.65
C PRO D 42 8.29 10.80 13.32
N ILE D 43 7.59 9.87 12.64
CA ILE D 43 6.21 10.06 12.15
C ILE D 43 5.14 9.65 13.15
N ALA D 44 5.20 8.41 13.63
CA ALA D 44 4.21 7.96 14.60
C ALA D 44 4.37 8.75 15.92
N ALA D 45 5.60 9.12 16.26
CA ALA D 45 5.83 9.99 17.43
C ALA D 45 5.51 11.47 17.13
N GLU D 46 5.11 11.73 15.90
CA GLU D 46 4.63 13.05 15.52
C GLU D 46 3.16 13.17 15.88
N LYS D 47 2.37 12.15 15.51
CA LYS D 47 0.89 12.20 15.60
C LYS D 47 0.34 12.99 16.78
N GLY D 48 0.35 12.42 17.98
CA GLY D 48 -0.13 13.12 19.16
C GLY D 48 0.95 13.87 19.95
N PHE D 49 1.19 15.14 19.56
CA PHE D 49 2.10 16.17 20.22
C PHE D 49 2.43 17.40 19.28
N LYS D 50 1.43 18.22 18.93
CA LYS D 50 1.58 19.30 17.90
C LYS D 50 1.68 20.81 18.34
N PRO D 51 1.98 21.14 19.62
CA PRO D 51 1.96 22.57 19.97
C PRO D 51 3.03 23.42 19.27
N LEU D 52 2.65 24.63 18.85
CA LEU D 52 3.61 25.65 18.36
C LEU D 52 3.92 26.71 19.49
N HIS D 53 4.94 26.44 20.34
CA HIS D 53 5.41 27.49 21.29
C HIS D 53 6.77 28.15 21.05
N SER D 54 6.82 28.89 19.96
CA SER D 54 8.02 29.48 19.41
C SER D 54 8.69 30.46 20.34
N HIS D 55 9.85 30.08 20.86
CA HIS D 55 10.69 30.99 21.63
C HIS D 55 11.24 32.06 20.71
N GLY D 56 10.86 32.01 19.44
CA GLY D 56 11.43 32.89 18.43
C GLY D 56 11.37 34.37 18.79
N THR D 57 10.16 34.91 18.69
CA THR D 57 9.82 36.28 19.07
C THR D 57 10.57 36.82 20.32
N LEU D 58 10.57 36.08 21.43
CA LEU D 58 11.34 36.48 22.61
C LEU D 58 12.85 36.62 22.34
N PHE D 59 13.38 35.79 21.46
CA PHE D 59 14.81 35.78 21.27
C PHE D 59 15.16 36.97 20.42
N LYS D 60 14.40 37.16 19.34
CA LYS D 60 14.50 38.34 18.46
C LYS D 60 14.57 39.65 19.22
N ILE D 61 13.94 39.72 20.39
CA ILE D 61 13.99 40.97 21.13
C ILE D 61 15.25 41.11 21.98
N GLU D 62 15.62 40.07 22.71
CA GLU D 62 16.70 40.22 23.68
C GLU D 62 18.09 40.31 23.08
N ARG D 63 18.19 39.99 21.79
CA ARG D 63 19.32 40.41 20.96
C ARG D 63 19.18 41.92 20.65
N TYR D 64 18.09 42.26 19.94
CA TYR D 64 17.77 43.65 19.64
C TYR D 64 17.97 44.51 20.87
N PHE D 65 17.77 43.92 22.05
CA PHE D 65 17.97 44.65 23.30
C PHE D 65 19.43 44.87 23.63
N ALA D 66 20.24 43.81 23.51
CA ALA D 66 21.68 43.94 23.70
C ALA D 66 22.30 44.72 22.53
N ALA D 67 21.64 44.61 21.38
CA ALA D 67 21.94 45.48 20.24
C ALA D 67 21.51 46.95 20.45
N ALA D 68 20.52 47.20 21.31
CA ALA D 68 20.25 48.57 21.69
C ALA D 68 20.96 48.93 23.00
N MET D 69 21.65 47.96 23.60
CA MET D 69 22.47 48.26 24.79
C MET D 69 23.85 48.82 24.42
N VAL D 70 24.17 48.73 23.12
CA VAL D 70 25.48 49.16 22.60
C VAL D 70 25.72 50.67 22.75
N PRO D 71 24.88 51.50 22.09
CA PRO D 71 25.16 52.92 22.18
C PRO D 71 25.04 53.36 23.64
N LEU D 72 24.34 52.57 24.45
CA LEU D 72 24.12 52.90 25.87
C LEU D 72 25.40 52.90 26.68
N ILE D 73 26.30 51.98 26.36
CA ILE D 73 27.50 51.76 27.18
C ILE D 73 28.68 52.73 26.96
N PRO D 74 28.77 53.37 25.77
CA PRO D 74 29.85 54.34 25.64
C PRO D 74 29.37 55.74 26.02
N ALA D 75 28.05 55.94 25.91
CA ALA D 75 27.38 57.12 26.45
C ALA D 75 27.59 57.14 27.97
N ALA D 76 27.82 55.96 28.56
CA ALA D 76 28.05 55.81 30.01
C ALA D 76 29.44 56.26 30.44
N TYR D 77 30.44 56.08 29.58
CA TYR D 77 31.78 56.65 29.85
C TYR D 77 31.72 58.18 29.95
N PHE D 78 30.77 58.75 29.20
CA PHE D 78 30.64 60.18 29.01
C PHE D 78 29.57 60.82 29.91
N ILE D 79 28.29 60.71 29.56
CA ILE D 79 27.26 61.29 30.39
C ILE D 79 27.16 60.56 31.74
N HIS D 80 27.09 61.32 32.83
CA HIS D 80 27.05 60.76 34.18
C HIS D 80 25.84 61.23 35.02
N GLY D 81 25.93 61.01 36.34
CA GLY D 81 24.90 61.45 37.29
C GLY D 81 23.69 60.54 37.46
N ARG D 82 22.82 60.94 38.37
CA ARG D 82 21.78 60.06 38.89
C ARG D 82 20.77 59.59 37.83
N GLU D 83 20.66 60.33 36.71
CA GLU D 83 19.73 59.97 35.61
C GLU D 83 20.27 58.86 34.70
N MET D 84 21.58 58.85 34.42
CA MET D 84 22.20 57.68 33.79
C MET D 84 22.09 56.49 34.70
N ASP D 85 22.79 56.58 35.83
CA ASP D 85 22.73 55.63 36.94
C ASP D 85 21.50 54.77 37.01
N LEU D 86 20.33 55.42 37.01
CA LEU D 86 19.05 54.73 37.04
C LEU D 86 19.04 53.73 35.89
N CYS D 87 18.94 54.24 34.66
CA CYS D 87 18.70 53.38 33.52
C CYS D 87 19.94 52.62 32.99
N LEU D 88 21.10 52.82 33.59
CA LEU D 88 22.17 51.81 33.42
C LEU D 88 21.63 50.59 34.12
N ALA D 89 21.52 50.73 35.45
CA ALA D 89 21.01 49.71 36.36
C ALA D 89 19.63 49.19 36.01
N LEU D 90 18.86 49.98 35.26
CA LEU D 90 17.55 49.53 34.85
C LEU D 90 17.69 48.66 33.65
N ALA D 91 18.65 48.95 32.78
CA ALA D 91 18.77 48.14 31.56
C ALA D 91 19.71 46.96 31.73
N LEU D 92 20.77 47.15 32.52
CA LEU D 92 21.64 46.06 32.97
C LEU D 92 20.85 44.93 33.60
N THR D 93 19.97 45.28 34.54
CA THR D 93 19.05 44.31 35.13
C THR D 93 18.39 43.39 34.09
N LEU D 94 17.64 43.97 33.15
CA LEU D 94 16.95 43.19 32.13
C LEU D 94 17.84 42.23 31.29
N HIS D 95 18.96 42.73 30.78
CA HIS D 95 19.94 41.88 30.10
C HIS D 95 20.37 40.72 31.02
N VAL D 96 20.80 41.06 32.25
CA VAL D 96 21.37 40.08 33.19
C VAL D 96 20.40 39.01 33.70
N HIS D 97 19.18 39.43 33.98
CA HIS D 97 18.06 38.52 34.28
C HIS D 97 17.92 37.41 33.24
N TRP D 98 17.88 37.81 31.96
CA TRP D 98 17.89 36.88 30.82
C TRP D 98 19.18 36.13 30.76
N GLY D 99 20.29 36.85 30.88
CA GLY D 99 21.61 36.25 30.85
C GLY D 99 21.73 35.06 31.78
N VAL D 100 21.52 35.31 33.08
CA VAL D 100 21.69 34.28 34.10
C VAL D 100 20.57 33.27 34.09
N TRP D 101 19.52 33.58 33.36
CA TRP D 101 18.56 32.55 33.06
C TRP D 101 19.23 31.59 32.05
N GLY D 102 19.63 32.15 30.89
CA GLY D 102 20.39 31.44 29.85
C GLY D 102 21.44 30.55 30.48
N VAL D 103 22.30 31.14 31.33
CA VAL D 103 23.36 30.38 32.04
C VAL D 103 22.75 29.29 32.87
N VAL D 104 21.76 29.65 33.68
CA VAL D 104 21.20 28.69 34.63
C VAL D 104 20.46 27.52 33.94
N ASN D 105 19.86 27.79 32.78
CA ASN D 105 19.27 26.72 32.00
C ASN D 105 20.27 25.75 31.37
N ASP D 106 21.52 26.20 31.25
CA ASP D 106 22.57 25.37 30.72
C ASP D 106 23.03 24.46 31.82
N TYR D 107 23.87 24.99 32.69
CA TYR D 107 24.57 24.18 33.67
C TYR D 107 23.60 23.48 34.60
N GLY D 108 22.46 24.11 34.87
CA GLY D 108 21.43 23.55 35.74
C GLY D 108 20.69 22.42 35.07
N ARG D 109 21.45 21.46 34.52
CA ARG D 109 20.92 20.28 33.86
C ARG D 109 20.01 19.54 34.82
N PRO D 110 18.76 19.27 34.43
CA PRO D 110 17.95 18.32 35.18
C PRO D 110 18.52 16.91 35.25
N PHE D 111 19.31 16.47 34.26
CA PHE D 111 19.95 15.15 34.33
C PHE D 111 20.75 15.04 35.63
N VAL D 112 21.82 15.84 35.69
CA VAL D 112 22.82 15.80 36.77
C VAL D 112 22.34 16.37 38.09
N LEU D 113 21.20 17.09 38.06
CA LEU D 113 20.66 17.78 39.24
C LEU D 113 19.42 17.17 39.85
N GLY D 114 18.64 16.47 39.04
CA GLY D 114 17.38 15.91 39.52
C GLY D 114 16.31 17.00 39.54
N ASP D 115 15.07 16.58 39.31
CA ASP D 115 14.01 17.51 38.95
C ASP D 115 13.74 18.67 39.94
N THR D 116 13.59 18.35 41.24
CA THR D 116 13.25 19.37 42.26
C THR D 116 14.40 20.39 42.44
N LEU D 117 15.64 19.89 42.56
CA LEU D 117 16.80 20.76 42.75
C LEU D 117 17.18 21.60 41.51
N ALA D 118 16.55 21.28 40.39
CA ALA D 118 16.69 22.03 39.11
C ALA D 118 15.60 23.09 38.92
N ALA D 119 14.44 22.89 39.53
CA ALA D 119 13.46 23.95 39.65
C ALA D 119 14.06 24.97 40.58
N ALA D 120 14.85 24.50 41.54
CA ALA D 120 15.38 25.34 42.61
C ALA D 120 16.56 26.22 42.19
N VAL D 121 17.28 25.84 41.16
CA VAL D 121 18.19 26.78 40.49
C VAL D 121 17.45 27.68 39.51
N ARG D 122 16.39 27.16 38.90
CA ARG D 122 15.52 28.00 38.08
C ARG D 122 14.69 29.02 38.88
N VAL D 123 14.19 28.65 40.05
CA VAL D 123 13.53 29.67 40.82
C VAL D 123 14.62 30.68 41.16
N GLY D 124 15.70 30.24 41.83
CA GLY D 124 16.77 31.12 42.31
C GLY D 124 17.30 32.15 41.31
N ALA D 125 17.00 31.93 40.04
CA ALA D 125 17.43 32.80 38.95
C ALA D 125 16.57 34.07 38.79
N TYR D 126 15.30 34.01 39.18
CA TYR D 126 14.53 35.23 39.37
C TYR D 126 14.92 35.88 40.71
N ILE D 127 15.18 35.08 41.74
CA ILE D 127 15.63 35.63 43.03
C ILE D 127 16.95 36.33 42.84
N PHE D 128 17.73 35.93 41.83
CA PHE D 128 18.97 36.65 41.46
C PHE D 128 18.66 37.99 40.83
N THR D 129 17.72 37.94 39.88
CA THR D 129 17.32 39.09 39.07
C THR D 129 16.73 40.12 39.99
N ALA D 130 15.69 39.70 40.70
CA ALA D 130 14.99 40.61 41.57
C ALA D 130 15.96 41.27 42.55
N CYS D 131 16.88 40.50 43.11
CA CYS D 131 17.83 41.03 44.08
C CYS D 131 18.77 42.06 43.51
N LEU D 132 19.46 41.68 42.44
CA LEU D 132 20.47 42.56 41.85
C LEU D 132 19.90 43.98 41.83
N LEU D 133 18.63 44.08 41.41
CA LEU D 133 17.90 45.34 41.24
C LEU D 133 17.71 46.10 42.55
N ALA D 134 17.08 45.45 43.53
CA ALA D 134 16.95 46.01 44.87
C ALA D 134 18.30 46.57 45.26
N GLY D 135 19.36 45.78 45.06
CA GLY D 135 20.74 46.17 45.40
C GLY D 135 21.29 47.36 44.63
N LEU D 136 20.92 47.43 43.34
CA LEU D 136 21.32 48.53 42.49
C LEU D 136 20.48 49.74 42.82
N LEU D 137 19.16 49.63 42.67
CA LEU D 137 18.24 50.70 43.06
C LEU D 137 18.71 51.34 44.34
N TYR D 138 18.91 50.53 45.37
CA TYR D 138 19.42 51.03 46.62
C TYR D 138 20.71 51.80 46.42
N PHE D 139 21.65 51.20 45.69
CA PHE D 139 22.98 51.82 45.53
C PHE D 139 22.93 53.24 45.00
N ASN D 140 22.13 53.49 43.96
CA ASN D 140 21.92 54.84 43.37
C ASN D 140 21.05 55.76 44.20
N GLU D 141 20.51 55.22 45.27
CA GLU D 141 19.60 55.97 46.08
C GLU D 141 20.27 56.33 47.41
N HIS D 142 21.11 55.47 47.96
CA HIS D 142 21.67 55.77 49.28
C HIS D 142 23.15 55.60 49.33
N ASP D 143 23.73 55.24 48.18
CA ASP D 143 25.15 55.37 47.97
C ASP D 143 25.34 56.21 46.72
N VAL D 144 26.54 56.16 46.16
CA VAL D 144 27.00 57.18 45.25
C VAL D 144 26.40 57.05 43.83
N GLY D 145 25.70 55.95 43.57
CA GLY D 145 25.26 55.65 42.21
C GLY D 145 26.43 55.09 41.43
N LEU D 146 26.15 54.40 40.34
CA LEU D 146 27.18 53.69 39.55
C LEU D 146 28.12 54.61 38.79
N THR D 147 27.58 55.70 38.26
CA THR D 147 28.39 56.62 37.51
C THR D 147 29.30 57.47 38.38
N ARG D 148 28.92 57.73 39.63
CA ARG D 148 29.88 58.38 40.53
C ARG D 148 30.73 57.38 41.28
N ALA D 149 30.41 56.10 41.13
CA ALA D 149 31.28 55.06 41.65
C ALA D 149 32.45 54.92 40.69
N PHE D 150 32.11 54.72 39.42
CA PHE D 150 33.08 54.52 38.38
C PHE D 150 33.97 55.74 38.15
N GLU D 151 33.53 56.89 38.68
CA GLU D 151 34.40 58.06 38.82
C GLU D 151 35.43 57.74 39.88
N MET D 152 34.94 57.39 41.07
CA MET D 152 35.77 57.29 42.27
C MET D 152 36.88 56.31 42.10
N VAL D 153 36.53 55.12 41.63
CA VAL D 153 37.51 54.09 41.54
C VAL D 153 38.60 54.60 40.59
N TRP D 154 38.16 55.22 39.49
CA TRP D 154 39.09 55.86 38.54
C TRP D 154 39.76 57.14 39.04
N GLU D 155 40.28 57.12 40.26
CA GLU D 155 40.94 58.30 40.81
C GLU D 155 41.98 58.01 41.84
N LEU D 156 42.23 56.74 42.12
CA LEU D 156 43.29 56.43 43.06
C LEU D 156 44.63 56.17 42.36
N ALA E 33 -29.89 -19.14 27.87
CA ALA E 33 -29.12 -20.33 27.32
C ALA E 33 -27.58 -20.10 27.14
N GLN E 34 -26.85 -21.07 26.55
CA GLN E 34 -25.38 -20.92 26.39
C GLN E 34 -24.86 -20.65 24.96
N TYR E 35 -24.25 -19.47 24.81
CA TYR E 35 -23.79 -18.90 23.51
C TYR E 35 -22.31 -19.13 23.22
N LYS E 36 -22.01 -19.93 22.18
CA LYS E 36 -20.62 -20.09 21.76
C LYS E 36 -20.10 -18.80 21.13
N VAL E 37 -18.83 -18.48 21.38
CA VAL E 37 -18.26 -17.20 20.94
C VAL E 37 -16.95 -17.41 20.17
N ILE E 38 -16.70 -16.51 19.21
CA ILE E 38 -15.54 -16.59 18.31
C ILE E 38 -14.84 -15.22 18.12
N ASP E 39 -13.49 -15.25 18.04
CA ASP E 39 -12.60 -14.06 17.89
C ASP E 39 -11.75 -14.05 16.59
N HIS E 40 -11.49 -12.85 16.05
CA HIS E 40 -10.75 -12.68 14.79
C HIS E 40 -9.69 -11.55 14.82
N ALA E 41 -8.60 -11.71 14.06
CA ALA E 41 -7.56 -10.69 13.97
C ALA E 41 -7.63 -9.91 12.65
N TYR E 42 -8.07 -8.65 12.70
CA TYR E 42 -8.14 -7.81 11.49
C TYR E 42 -7.53 -6.40 11.52
N ASP E 43 -6.74 -6.10 10.50
CA ASP E 43 -6.18 -4.77 10.31
C ASP E 43 -7.33 -3.73 10.21
N VAL E 44 -8.43 -4.13 9.59
CA VAL E 44 -9.63 -3.26 9.40
C VAL E 44 -10.89 -4.09 9.14
N VAL E 45 -11.97 -3.74 9.83
CA VAL E 45 -13.25 -4.43 9.65
C VAL E 45 -14.29 -3.44 9.18
N ILE E 46 -15.21 -3.95 8.36
CA ILE E 46 -16.21 -3.17 7.66
C ILE E 46 -17.62 -3.75 7.78
N ILE E 47 -18.45 -3.05 8.53
CA ILE E 47 -19.88 -3.26 8.49
C ILE E 47 -20.49 -2.48 7.29
N GLY E 48 -20.98 -3.24 6.31
CA GLY E 48 -21.51 -2.69 5.09
C GLY E 48 -20.80 -3.27 3.89
N ALA E 49 -21.58 -3.74 2.92
CA ALA E 49 -21.06 -4.13 1.63
C ALA E 49 -21.92 -3.54 0.52
N GLY E 50 -22.34 -2.30 0.70
CA GLY E 50 -23.09 -1.63 -0.33
C GLY E 50 -22.08 -0.95 -1.21
N GLY E 51 -22.46 0.22 -1.74
CA GLY E 51 -21.54 1.10 -2.48
C GLY E 51 -20.23 1.32 -1.73
N ALA E 52 -20.23 2.34 -0.86
CA ALA E 52 -19.13 2.60 0.08
C ALA E 52 -18.54 1.32 0.63
N GLY E 53 -19.38 0.49 1.28
CA GLY E 53 -18.97 -0.82 1.77
C GLY E 53 -17.78 -1.43 1.02
N LEU E 54 -17.97 -1.74 -0.28
CA LEU E 54 -16.97 -2.46 -1.05
C LEU E 54 -15.91 -1.56 -1.59
N ARG E 55 -16.29 -0.42 -2.16
CA ARG E 55 -15.28 0.56 -2.57
C ARG E 55 -14.17 0.64 -1.48
N ALA E 56 -14.59 0.73 -0.21
CA ALA E 56 -13.70 0.70 0.94
C ALA E 56 -12.94 -0.57 0.86
N ALA E 57 -13.62 -1.67 1.03
CA ALA E 57 -12.94 -2.94 1.07
C ALA E 57 -11.98 -3.12 -0.08
N MET E 58 -12.21 -2.48 -1.22
CA MET E 58 -11.34 -2.79 -2.37
C MET E 58 -10.13 -1.85 -2.58
N GLY E 59 -10.07 -0.80 -1.76
CA GLY E 59 -8.91 0.06 -1.71
C GLY E 59 -7.96 -0.48 -0.66
N LEU E 60 -8.51 -1.03 0.39
CA LEU E 60 -7.70 -1.60 1.46
C LEU E 60 -7.25 -3.00 1.08
N GLY E 61 -7.92 -3.55 0.07
CA GLY E 61 -7.60 -4.88 -0.44
C GLY E 61 -6.30 -4.82 -1.20
N GLU E 62 -6.19 -3.77 -2.02
CA GLU E 62 -5.02 -3.46 -2.85
C GLU E 62 -3.90 -2.75 -2.06
N ALA E 63 -4.27 -1.99 -1.03
CA ALA E 63 -3.31 -1.37 -0.12
C ALA E 63 -2.78 -2.40 0.89
N GLY E 64 -3.33 -3.60 0.80
CA GLY E 64 -2.79 -4.77 1.48
C GLY E 64 -2.91 -4.86 2.99
N PHE E 65 -4.05 -4.44 3.54
CA PHE E 65 -4.37 -4.68 4.96
C PHE E 65 -5.22 -5.92 5.09
N LYS E 66 -5.17 -6.58 6.24
CA LYS E 66 -6.10 -7.68 6.54
C LYS E 66 -7.54 -7.11 6.82
N THR E 67 -8.34 -7.12 5.75
CA THR E 67 -9.66 -6.49 5.72
C THR E 67 -10.75 -7.54 5.81
N ALA E 68 -11.66 -7.36 6.77
CA ALA E 68 -12.85 -8.22 6.84
C ALA E 68 -14.16 -7.46 6.57
N VAL E 69 -15.07 -8.09 5.81
CA VAL E 69 -16.36 -7.46 5.48
C VAL E 69 -17.59 -8.15 6.07
N VAL E 70 -18.05 -7.53 7.16
CA VAL E 70 -19.28 -7.90 7.85
C VAL E 70 -20.41 -7.28 7.06
N THR E 71 -21.40 -8.13 6.77
CA THR E 71 -22.56 -7.78 5.99
C THR E 71 -23.68 -8.77 6.31
N LYS E 72 -24.84 -8.22 6.62
CA LYS E 72 -26.00 -9.04 6.97
C LYS E 72 -26.57 -9.69 5.75
N MET E 73 -26.81 -8.95 4.67
CA MET E 73 -27.28 -9.59 3.44
C MET E 73 -26.10 -9.79 2.46
N PHE E 74 -26.20 -10.72 1.51
CA PHE E 74 -25.13 -10.91 0.51
C PHE E 74 -24.84 -9.64 -0.30
N PRO E 75 -23.55 -9.22 -0.40
CA PRO E 75 -23.26 -7.80 -0.74
C PRO E 75 -24.11 -7.20 -1.86
N THR E 76 -24.59 -8.07 -2.75
CA THR E 76 -25.34 -7.70 -3.94
C THR E 76 -26.80 -7.33 -3.62
N ARG E 77 -27.39 -8.06 -2.67
CA ARG E 77 -28.76 -7.80 -2.17
C ARG E 77 -28.90 -6.45 -1.47
N SER E 78 -27.80 -5.70 -1.42
CA SER E 78 -27.76 -4.44 -0.74
C SER E 78 -28.52 -3.41 -1.53
N HIS E 79 -28.95 -2.36 -0.86
CA HIS E 79 -29.77 -1.37 -1.51
C HIS E 79 -29.13 -0.59 -2.67
N THR E 80 -27.82 -0.28 -2.62
CA THR E 80 -27.12 0.31 -3.78
C THR E 80 -27.56 -0.34 -5.10
N THR E 81 -27.73 -1.67 -5.10
CA THR E 81 -28.17 -2.42 -6.29
C THR E 81 -29.49 -1.90 -6.83
N ALA E 82 -30.21 -1.20 -5.97
CA ALA E 82 -31.50 -0.65 -6.31
C ALA E 82 -31.41 0.74 -6.94
N ALA E 83 -30.21 1.35 -6.94
CA ALA E 83 -30.09 2.71 -7.43
C ALA E 83 -30.42 2.70 -8.91
N GLN E 84 -31.12 3.73 -9.36
CA GLN E 84 -31.47 3.86 -10.78
C GLN E 84 -30.72 5.04 -11.42
N GLY E 85 -31.21 6.24 -11.18
CA GLY E 85 -30.90 7.41 -11.98
C GLY E 85 -29.52 7.58 -12.58
N GLY E 86 -28.51 7.24 -11.80
CA GLY E 86 -27.13 7.48 -12.23
C GLY E 86 -26.17 8.06 -11.21
N ILE E 87 -25.05 8.57 -11.71
CA ILE E 87 -23.94 8.97 -10.87
C ILE E 87 -23.28 10.22 -11.47
N ASN E 88 -23.02 11.19 -10.60
CA ASN E 88 -22.61 12.50 -11.08
C ASN E 88 -21.09 12.53 -11.33
N ALA E 89 -20.67 13.39 -12.29
CA ALA E 89 -19.27 13.69 -12.65
C ALA E 89 -19.31 14.62 -13.85
N ALA E 90 -18.34 15.52 -13.94
CA ALA E 90 -18.30 16.43 -15.09
C ALA E 90 -17.40 15.88 -16.21
N LEU E 91 -17.93 15.03 -17.07
CA LEU E 91 -17.03 14.34 -17.97
C LEU E 91 -17.14 14.93 -19.35
N GLY E 92 -17.70 16.14 -19.41
CA GLY E 92 -17.92 16.84 -20.68
C GLY E 92 -18.48 15.97 -21.78
N SER E 93 -19.34 15.04 -21.43
CA SER E 93 -19.65 13.98 -22.36
C SER E 93 -20.85 14.25 -23.21
N MET E 94 -21.41 15.44 -23.08
CA MET E 94 -22.51 15.86 -23.96
C MET E 94 -22.39 17.35 -24.27
N ASN E 95 -21.58 18.02 -23.47
CA ASN E 95 -21.29 19.45 -23.57
C ASN E 95 -20.08 19.71 -22.67
N PRO E 96 -19.29 20.76 -22.93
CA PRO E 96 -18.18 21.06 -22.01
C PRO E 96 -18.70 21.27 -20.59
N ASP E 97 -17.87 21.09 -19.57
CA ASP E 97 -18.40 20.98 -18.21
C ASP E 97 -17.30 20.89 -17.18
N ASP E 98 -17.43 21.59 -16.06
CA ASP E 98 -16.32 21.73 -15.10
C ASP E 98 -16.64 21.13 -13.74
N TRP E 99 -15.64 20.62 -13.02
CA TRP E 99 -15.93 20.04 -11.70
C TRP E 99 -16.27 21.10 -10.66
N LYS E 100 -15.86 22.34 -10.92
CA LYS E 100 -16.33 23.48 -10.15
C LYS E 100 -17.86 23.73 -10.32
N TRP E 101 -18.39 23.69 -11.55
CA TRP E 101 -19.83 23.91 -11.75
C TRP E 101 -20.69 22.92 -10.96
N HIS E 102 -20.14 21.73 -10.81
CA HIS E 102 -20.77 20.56 -10.17
C HIS E 102 -20.91 20.84 -8.68
N PHE E 103 -19.74 21.18 -8.12
CA PHE E 103 -19.55 21.62 -6.75
C PHE E 103 -20.53 22.71 -6.36
N TYR E 104 -20.67 23.71 -7.23
CA TYR E 104 -21.63 24.75 -7.00
C TYR E 104 -23.05 24.20 -6.91
N ASP E 105 -23.44 23.38 -7.86
CA ASP E 105 -24.79 22.89 -7.90
C ASP E 105 -25.11 22.11 -6.66
N THR E 106 -24.05 21.69 -5.97
CA THR E 106 -24.14 20.95 -4.72
C THR E 106 -24.21 21.77 -3.42
N ALA E 107 -23.37 22.80 -3.26
CA ALA E 107 -23.56 23.72 -2.12
C ALA E 107 -24.99 24.19 -2.22
N LYS E 108 -25.32 24.83 -3.34
CA LYS E 108 -26.69 25.27 -3.64
C LYS E 108 -27.81 24.23 -3.39
N GLY E 109 -27.48 22.96 -3.62
CA GLY E 109 -28.45 21.87 -3.44
C GLY E 109 -28.59 21.47 -1.99
N SER E 110 -27.50 21.64 -1.25
CA SER E 110 -27.45 21.30 0.15
C SER E 110 -28.13 22.36 1.00
N ASP E 111 -28.61 23.43 0.35
CA ASP E 111 -29.20 24.62 1.02
C ASP E 111 -28.29 25.21 2.11
N TRP E 112 -27.01 25.26 1.79
CA TRP E 112 -25.91 25.72 2.65
C TRP E 112 -25.70 25.07 4.00
N LEU E 113 -26.49 24.07 4.35
CA LEU E 113 -26.12 23.34 5.56
C LEU E 113 -24.91 22.44 5.32
N GLY E 114 -24.58 22.22 4.05
CA GLY E 114 -23.51 21.31 3.63
C GLY E 114 -22.09 21.73 3.99
N ASP E 115 -21.26 20.74 4.31
CA ASP E 115 -19.86 20.96 4.68
C ASP E 115 -18.97 21.17 3.46
N GLN E 116 -18.73 22.46 3.19
CA GLN E 116 -18.02 22.94 1.99
C GLN E 116 -16.70 22.22 1.73
N ASN E 117 -15.96 21.89 2.79
CA ASN E 117 -14.72 21.16 2.61
C ASN E 117 -15.05 19.79 2.02
N ALA E 118 -16.14 19.21 2.49
CA ALA E 118 -16.48 17.85 2.15
C ALA E 118 -17.21 17.78 0.85
N MET E 119 -17.88 18.87 0.49
CA MET E 119 -18.53 18.99 -0.81
C MET E 119 -17.49 19.26 -1.89
N HIS E 120 -16.34 19.81 -1.48
CA HIS E 120 -15.19 20.04 -2.34
C HIS E 120 -14.67 18.68 -2.74
N TYR E 121 -14.08 17.97 -1.77
CA TYR E 121 -13.52 16.62 -1.94
C TYR E 121 -14.38 15.82 -2.88
N LEU E 122 -15.66 15.64 -2.50
CA LEU E 122 -16.62 14.90 -3.31
C LEU E 122 -16.63 15.30 -4.76
N THR E 123 -16.86 16.58 -5.04
CA THR E 123 -17.06 17.00 -6.43
C THR E 123 -15.77 17.08 -7.27
N ARG E 124 -14.66 17.51 -6.66
CA ARG E 124 -13.39 17.50 -7.35
C ARG E 124 -13.12 16.10 -7.96
N ASN E 125 -13.19 15.13 -7.07
CA ASN E 125 -12.85 13.78 -7.41
C ASN E 125 -13.99 13.06 -8.13
N ALA E 126 -14.92 13.80 -8.72
CA ALA E 126 -16.04 13.16 -9.46
C ALA E 126 -15.49 12.39 -10.67
N VAL E 127 -15.06 13.17 -11.69
CA VAL E 127 -14.28 12.72 -12.86
C VAL E 127 -13.53 11.45 -12.57
N GLU E 128 -12.45 11.59 -11.83
CA GLU E 128 -11.62 10.48 -11.42
C GLU E 128 -12.42 9.26 -10.96
N ALA E 129 -12.98 9.31 -9.77
CA ALA E 129 -13.58 8.10 -9.23
C ALA E 129 -14.73 7.49 -10.05
N VAL E 130 -15.40 8.27 -10.92
CA VAL E 130 -16.37 7.72 -11.88
C VAL E 130 -15.62 7.02 -12.99
N THR E 131 -14.56 7.65 -13.45
CA THR E 131 -13.72 7.05 -14.47
C THR E 131 -13.23 5.70 -13.96
N GLU E 132 -12.60 5.68 -12.79
CA GLU E 132 -12.26 4.42 -12.14
C GLU E 132 -13.32 3.34 -12.35
N LEU E 133 -14.59 3.67 -12.17
CA LEU E 133 -15.61 2.65 -12.18
C LEU E 133 -15.68 2.00 -13.54
N GLU E 134 -15.43 2.79 -14.57
CA GLU E 134 -15.47 2.31 -15.92
C GLU E 134 -14.19 1.56 -16.19
N ASN E 135 -13.19 1.84 -15.38
CA ASN E 135 -11.94 1.11 -15.42
C ASN E 135 -11.93 -0.18 -14.63
N PHE E 136 -12.91 -0.38 -13.77
CA PHE E 136 -13.18 -1.69 -13.18
C PHE E 136 -14.14 -2.45 -14.09
N GLY E 137 -14.60 -1.75 -15.13
CA GLY E 137 -15.42 -2.30 -16.21
C GLY E 137 -16.91 -2.08 -16.12
N MET E 138 -17.32 -0.98 -15.51
CA MET E 138 -18.73 -0.77 -15.31
C MET E 138 -19.33 -0.34 -16.64
N PRO E 139 -20.19 -1.21 -17.21
CA PRO E 139 -20.72 -1.17 -18.60
C PRO E 139 -21.56 0.03 -18.91
N PHE E 140 -20.97 1.23 -18.84
CA PHE E 140 -21.71 2.48 -18.95
C PHE E 140 -22.37 2.65 -20.29
N SER E 141 -23.64 3.06 -20.28
CA SER E 141 -24.34 3.38 -21.53
C SER E 141 -23.46 4.39 -22.23
N ARG E 142 -23.62 4.49 -23.55
CA ARG E 142 -22.61 5.15 -24.38
C ARG E 142 -23.08 6.24 -25.37
N THR E 143 -22.22 7.27 -25.57
CA THR E 143 -22.47 8.29 -26.58
C THR E 143 -21.93 7.79 -27.91
N PRO E 144 -22.35 8.40 -29.05
CA PRO E 144 -21.72 7.80 -30.21
C PRO E 144 -20.26 8.22 -30.38
N GLU E 145 -19.78 9.22 -29.63
CA GLU E 145 -18.32 9.51 -29.62
C GLU E 145 -17.55 8.43 -28.84
N GLY E 146 -18.25 7.39 -28.42
CA GLY E 146 -17.63 6.34 -27.61
C GLY E 146 -17.30 6.81 -26.21
N LYS E 147 -18.09 7.76 -25.72
CA LYS E 147 -17.96 8.27 -24.36
C LYS E 147 -19.08 7.79 -23.41
N ILE E 148 -18.82 7.87 -22.10
CA ILE E 148 -19.80 7.50 -21.09
C ILE E 148 -21.02 8.40 -21.25
N TYR E 149 -22.21 7.81 -21.35
CA TYR E 149 -23.43 8.60 -21.60
C TYR E 149 -24.01 9.20 -20.33
N GLN E 150 -24.16 10.52 -20.33
CA GLN E 150 -24.77 11.24 -19.22
C GLN E 150 -26.18 11.73 -19.57
N ARG E 151 -26.96 12.03 -18.52
CA ARG E 151 -28.29 12.62 -18.69
C ARG E 151 -28.47 13.78 -17.73
N SER E 152 -29.52 14.58 -17.99
CA SER E 152 -29.95 15.66 -17.11
C SER E 152 -30.58 15.09 -15.83
N PHE E 153 -30.54 15.86 -14.75
CA PHE E 153 -31.19 15.41 -13.52
C PHE E 153 -32.02 16.45 -12.72
N GLY E 154 -32.29 16.12 -11.47
CA GLY E 154 -32.88 17.06 -10.55
C GLY E 154 -31.82 17.97 -9.96
N GLY E 155 -31.85 19.24 -10.39
CA GLY E 155 -31.14 20.35 -9.71
C GLY E 155 -29.69 20.63 -10.05
N GLN E 156 -29.34 20.44 -11.30
CA GLN E 156 -28.00 20.78 -11.75
C GLN E 156 -28.09 21.72 -12.95
N SER E 157 -27.05 22.55 -13.09
CA SER E 157 -26.87 23.43 -14.26
C SER E 157 -25.51 24.16 -14.34
N ASN E 158 -25.16 24.52 -15.58
CA ASN E 158 -23.82 24.92 -15.99
C ASN E 158 -23.37 26.27 -15.53
N ASN E 159 -22.05 26.43 -15.44
CA ASN E 159 -21.45 27.68 -15.04
C ASN E 159 -22.08 28.22 -13.77
N TYR E 160 -21.98 27.49 -12.66
CA TYR E 160 -22.45 28.03 -11.39
C TYR E 160 -23.85 28.66 -11.55
N GLY E 161 -24.82 27.89 -12.03
CA GLY E 161 -26.20 28.37 -12.12
C GLY E 161 -26.60 29.17 -13.36
N LYS E 162 -25.78 30.10 -13.81
CA LYS E 162 -26.17 30.99 -14.90
C LYS E 162 -26.34 30.31 -16.29
N GLY E 163 -25.57 29.25 -16.52
CA GLY E 163 -25.54 28.50 -17.81
C GLY E 163 -26.78 27.69 -18.18
N GLY E 164 -26.58 26.61 -18.94
CA GLY E 164 -27.70 25.76 -19.33
C GLY E 164 -28.06 24.79 -18.20
N VAL E 165 -29.20 24.09 -18.31
CA VAL E 165 -29.59 22.98 -17.40
C VAL E 165 -28.54 21.85 -17.59
N ALA E 166 -28.04 21.23 -16.52
CA ALA E 166 -26.80 20.39 -16.64
C ALA E 166 -26.92 18.90 -17.00
N LYS E 167 -25.83 18.37 -17.56
CA LYS E 167 -25.76 17.01 -18.09
C LYS E 167 -24.56 16.20 -17.58
N ARG E 168 -24.59 15.84 -16.29
CA ARG E 168 -23.44 15.27 -15.58
C ARG E 168 -23.68 13.87 -15.00
N THR E 169 -24.89 13.35 -15.18
CA THR E 169 -25.25 12.10 -14.57
C THR E 169 -24.93 10.95 -15.48
N CYS E 170 -23.80 10.30 -15.22
CA CYS E 170 -23.43 9.08 -15.94
C CYS E 170 -24.26 7.92 -15.45
N CYS E 171 -24.82 7.17 -16.38
CA CYS E 171 -25.71 6.08 -16.03
C CYS E 171 -25.52 4.83 -16.91
N VAL E 172 -25.88 3.67 -16.38
CA VAL E 172 -25.90 2.45 -17.16
C VAL E 172 -27.37 2.24 -17.54
N ALA E 173 -27.86 3.24 -18.25
CA ALA E 173 -29.23 3.34 -18.63
C ALA E 173 -30.01 3.76 -17.41
N ASP E 174 -30.46 2.77 -16.66
CA ASP E 174 -31.55 2.94 -15.75
C ASP E 174 -31.25 2.08 -14.54
N ARG E 175 -30.31 1.17 -14.74
CA ARG E 175 -30.00 0.13 -13.77
C ARG E 175 -28.66 0.43 -13.09
N THR E 176 -28.30 1.70 -13.02
CA THR E 176 -26.92 2.08 -12.72
C THR E 176 -26.46 1.41 -11.46
N GLY E 177 -27.23 1.58 -10.40
CA GLY E 177 -26.81 1.16 -9.09
C GLY E 177 -26.46 -0.28 -9.16
N HIS E 178 -27.42 -1.05 -9.63
CA HIS E 178 -27.27 -2.47 -9.82
C HIS E 178 -25.94 -2.81 -10.44
N SER E 179 -25.69 -2.25 -11.61
CA SER E 179 -24.43 -2.38 -12.32
C SER E 179 -23.20 -2.11 -11.41
N MET E 180 -22.97 -0.84 -11.09
CA MET E 180 -21.94 -0.36 -10.15
C MET E 180 -21.66 -1.36 -9.06
N LEU E 181 -22.69 -1.70 -8.30
CA LEU E 181 -22.52 -2.60 -7.18
C LEU E 181 -22.01 -3.97 -7.62
N HIS E 182 -22.49 -4.51 -8.74
CA HIS E 182 -21.95 -5.83 -9.19
C HIS E 182 -20.50 -5.69 -9.64
N THR E 183 -20.28 -4.71 -10.51
CA THR E 183 -18.95 -4.26 -10.86
C THR E 183 -18.04 -4.18 -9.62
N LEU E 184 -18.34 -3.31 -8.66
CA LEU E 184 -17.56 -3.16 -7.41
C LEU E 184 -17.32 -4.48 -6.69
N TYR E 185 -18.39 -5.27 -6.57
CA TYR E 185 -18.32 -6.55 -5.90
C TYR E 185 -17.33 -7.51 -6.57
N GLY E 186 -17.45 -7.66 -7.89
CA GLY E 186 -16.52 -8.47 -8.65
C GLY E 186 -15.13 -8.01 -8.28
N ASN E 187 -14.90 -6.71 -8.48
CA ASN E 187 -13.59 -6.13 -8.28
C ASN E 187 -13.04 -6.20 -6.87
N SER E 188 -13.95 -6.40 -5.92
CA SER E 188 -13.56 -6.66 -4.55
C SER E 188 -13.15 -8.13 -4.35
N LEU E 189 -13.41 -8.97 -5.37
CA LEU E 189 -13.05 -10.39 -5.35
C LEU E 189 -11.61 -10.61 -5.80
N ARG E 190 -11.12 -9.68 -6.63
CA ARG E 190 -9.69 -9.53 -6.96
C ARG E 190 -8.79 -9.23 -5.72
N CYS E 191 -9.36 -8.68 -4.65
CA CYS E 191 -8.53 -8.07 -3.59
C CYS E 191 -8.65 -8.55 -2.12
N HIS E 192 -8.46 -9.87 -1.94
CA HIS E 192 -8.08 -10.51 -0.66
C HIS E 192 -8.86 -10.08 0.57
N CYS E 193 -9.98 -9.43 0.34
CA CYS E 193 -10.91 -9.12 1.40
C CYS E 193 -11.61 -10.41 1.81
N THR E 194 -11.57 -10.69 3.10
CA THR E 194 -12.27 -11.84 3.60
C THR E 194 -13.69 -11.39 4.05
N PHE E 195 -14.70 -12.07 3.49
CA PHE E 195 -16.13 -11.71 3.61
C PHE E 195 -16.86 -12.54 4.63
N PHE E 196 -17.70 -11.84 5.40
CA PHE E 196 -18.57 -12.41 6.42
C PHE E 196 -20.02 -12.17 6.04
N ILE E 197 -20.60 -13.15 5.36
CA ILE E 197 -21.90 -13.01 4.73
C ILE E 197 -23.05 -13.50 5.62
N GLU E 198 -24.04 -12.64 5.79
CA GLU E 198 -25.20 -12.91 6.66
C GLU E 198 -24.75 -13.07 8.14
N TYR E 199 -23.94 -12.13 8.57
CA TYR E 199 -23.65 -11.90 9.98
C TYR E 199 -24.27 -10.54 10.30
N PHE E 200 -25.12 -10.49 11.34
CA PHE E 200 -25.75 -9.24 11.79
C PHE E 200 -24.88 -8.59 12.86
N ALA E 201 -24.49 -7.34 12.63
CA ALA E 201 -23.68 -6.61 13.60
C ALA E 201 -24.54 -6.22 14.79
N LEU E 202 -24.21 -6.79 15.93
CA LEU E 202 -24.87 -6.42 17.15
C LEU E 202 -24.41 -5.06 17.67
N ASP E 203 -23.10 -4.89 17.84
CA ASP E 203 -22.55 -3.63 18.34
C ASP E 203 -21.08 -3.36 18.07
N LEU E 204 -20.72 -2.09 18.18
CA LEU E 204 -19.33 -1.64 18.07
C LEU E 204 -18.56 -1.94 19.37
N LEU E 205 -17.35 -2.47 19.24
CA LEU E 205 -16.53 -2.77 20.41
C LEU E 205 -15.74 -1.55 20.91
N MET E 206 -16.01 -1.13 22.17
CA MET E 206 -15.31 -0.01 22.81
C MET E 206 -14.40 -0.37 24.02
N ASP E 207 -13.12 0.02 23.93
CA ASP E 207 -12.24 0.20 25.10
C ASP E 207 -12.02 1.70 25.27
N LYS E 208 -12.44 2.24 26.42
CA LYS E 208 -12.18 3.63 26.79
C LYS E 208 -12.45 4.59 25.61
N GLY E 209 -13.70 4.60 25.13
CA GLY E 209 -14.14 5.46 24.03
C GLY E 209 -13.27 5.50 22.77
N ARG E 210 -12.68 4.34 22.42
CA ARG E 210 -11.85 4.12 21.19
C ARG E 210 -12.19 2.77 20.48
N CYS E 211 -12.42 2.81 19.16
CA CYS E 211 -12.96 1.63 18.48
C CYS E 211 -11.95 0.57 18.13
N VAL E 212 -12.24 -0.64 18.61
CA VAL E 212 -11.36 -1.78 18.50
C VAL E 212 -12.03 -2.96 17.79
N GLY E 213 -13.24 -2.74 17.28
CA GLY E 213 -13.93 -3.79 16.56
C GLY E 213 -15.44 -3.82 16.61
N VAL E 214 -15.99 -4.96 16.22
CA VAL E 214 -17.42 -5.15 16.02
C VAL E 214 -17.77 -6.58 16.37
N ILE E 215 -19.05 -6.79 16.66
CA ILE E 215 -19.53 -8.06 17.16
C ILE E 215 -20.86 -8.46 16.47
N ALA E 216 -20.92 -9.66 15.90
CA ALA E 216 -22.11 -10.03 15.11
C ALA E 216 -22.66 -11.44 15.40
N LEU E 217 -23.90 -11.66 14.99
CA LEU E 217 -24.53 -12.98 15.08
C LEU E 217 -24.45 -13.66 13.72
N CYS E 218 -23.66 -14.72 13.64
CA CYS E 218 -23.49 -15.43 12.38
C CYS E 218 -24.79 -16.08 12.06
N LEU E 219 -25.50 -15.63 11.03
CA LEU E 219 -26.85 -16.17 10.83
C LEU E 219 -26.87 -17.64 10.52
N GLU E 220 -25.87 -18.08 9.75
CA GLU E 220 -25.82 -19.47 9.29
C GLU E 220 -25.84 -20.49 10.46
N ASP E 221 -24.82 -20.48 11.31
CA ASP E 221 -24.78 -21.44 12.42
C ASP E 221 -24.98 -20.78 13.75
N GLY E 222 -25.41 -19.52 13.72
CA GLY E 222 -25.93 -18.85 14.92
C GLY E 222 -24.96 -18.69 16.06
N THR E 223 -23.67 -18.54 15.73
CA THR E 223 -22.60 -18.17 16.66
C THR E 223 -22.54 -16.65 16.89
N ILE E 224 -21.61 -16.20 17.74
CA ILE E 224 -21.36 -14.77 17.96
C ILE E 224 -19.94 -14.43 17.54
N HIS E 225 -19.73 -13.29 16.90
CA HIS E 225 -18.42 -13.01 16.33
C HIS E 225 -17.77 -11.66 16.69
N ARG E 226 -16.55 -11.76 17.24
CA ARG E 226 -15.80 -10.63 17.80
C ARG E 226 -14.60 -10.26 16.93
N PHE E 227 -14.68 -9.07 16.32
CA PHE E 227 -13.62 -8.60 15.41
C PHE E 227 -12.68 -7.55 16.01
N ARG E 228 -11.58 -8.04 16.57
CA ARG E 228 -10.50 -7.22 17.06
C ARG E 228 -9.86 -6.61 15.82
N SER E 229 -9.82 -5.27 15.76
CA SER E 229 -9.51 -4.55 14.51
C SER E 229 -8.94 -3.13 14.62
N LYS E 230 -7.84 -2.89 13.91
CA LYS E 230 -7.19 -1.56 13.93
C LYS E 230 -8.14 -0.45 13.58
N ARG E 231 -8.72 -0.48 12.40
CA ARG E 231 -9.87 0.40 12.16
C ARG E 231 -11.21 -0.33 12.15
N THR E 232 -12.26 0.46 11.92
CA THR E 232 -13.55 -0.09 11.51
C THR E 232 -14.28 0.93 10.65
N ILE E 233 -14.97 0.42 9.62
CA ILE E 233 -15.76 1.25 8.71
C ILE E 233 -17.25 0.86 8.77
N VAL E 234 -18.06 1.83 9.15
CA VAL E 234 -19.49 1.68 9.23
C VAL E 234 -20.14 2.25 7.96
N ALA E 235 -20.68 1.39 7.10
CA ALA E 235 -21.42 1.84 5.91
C ALA E 235 -22.70 1.04 5.75
N THR E 236 -23.70 1.39 6.56
CA THR E 236 -24.81 0.49 6.86
C THR E 236 -26.12 0.88 6.20
N GLY E 237 -26.00 1.88 5.34
CA GLY E 237 -27.15 2.54 4.75
C GLY E 237 -28.06 3.26 5.73
N GLY E 238 -29.31 3.38 5.29
CA GLY E 238 -30.24 4.27 5.96
C GLY E 238 -31.30 3.62 6.81
N TYR E 239 -32.23 4.44 7.22
CA TYR E 239 -33.30 4.03 8.09
C TYR E 239 -34.56 4.59 7.44
N GLY E 240 -34.69 4.42 6.13
CA GLY E 240 -35.94 4.77 5.45
C GLY E 240 -37.10 3.87 5.88
N ARG E 241 -36.78 2.65 6.31
CA ARG E 241 -37.74 1.76 6.95
C ARG E 241 -38.37 2.35 8.20
N ALA E 242 -37.78 3.40 8.75
CA ALA E 242 -38.39 4.11 9.86
C ALA E 242 -39.58 4.90 9.37
N TYR E 243 -40.10 4.56 8.21
CA TYR E 243 -41.37 5.10 7.79
C TYR E 243 -42.36 4.02 7.35
N PHE E 244 -43.57 4.43 6.96
CA PHE E 244 -44.54 3.49 6.42
C PHE E 244 -44.31 3.37 4.91
N SER E 245 -44.05 4.52 4.29
CA SER E 245 -43.78 4.61 2.86
C SER E 245 -42.40 5.22 2.66
N CYS E 246 -41.45 4.33 2.40
CA CYS E 246 -40.13 4.71 1.97
C CYS E 246 -40.01 4.07 0.64
N THR E 247 -38.88 4.30 -0.04
CA THR E 247 -38.51 3.56 -1.27
C THR E 247 -37.35 2.61 -1.00
N THR E 248 -36.78 2.70 0.21
CA THR E 248 -35.68 1.82 0.63
C THR E 248 -36.14 0.38 0.85
N ALA E 249 -35.18 -0.52 1.02
CA ALA E 249 -35.47 -1.94 1.12
C ALA E 249 -35.82 -2.37 2.55
N HIS E 250 -36.33 -3.59 2.71
CA HIS E 250 -36.60 -4.15 4.02
C HIS E 250 -35.39 -4.19 4.93
N MET E 251 -34.27 -3.72 4.43
CA MET E 251 -33.05 -3.88 5.16
C MET E 251 -32.48 -2.57 5.61
N ASN E 252 -33.02 -1.48 5.06
CA ASN E 252 -32.68 -0.13 5.49
C ASN E 252 -33.18 0.31 6.91
N THR E 253 -32.62 -0.33 7.94
CA THR E 253 -33.03 -0.15 9.33
C THR E 253 -32.06 0.71 10.13
N GLY E 254 -31.19 1.45 9.43
CA GLY E 254 -30.15 2.29 10.05
C GLY E 254 -29.44 1.65 11.23
N ASP E 255 -29.04 0.39 11.04
CA ASP E 255 -28.43 -0.41 12.09
C ASP E 255 -27.09 0.14 12.49
N GLY E 256 -26.47 0.87 11.57
CA GLY E 256 -25.12 1.33 11.79
C GLY E 256 -25.26 2.45 12.74
N THR E 257 -26.15 3.37 12.35
CA THR E 257 -26.47 4.61 13.08
C THR E 257 -26.97 4.36 14.52
N ALA E 258 -27.65 3.24 14.73
CA ALA E 258 -27.92 2.73 16.06
C ALA E 258 -26.60 2.35 16.70
N LEU E 259 -25.91 1.36 16.15
CA LEU E 259 -24.56 0.95 16.62
C LEU E 259 -23.73 2.10 17.20
N ALA E 260 -23.76 3.23 16.50
CA ALA E 260 -23.17 4.49 16.93
C ALA E 260 -23.72 4.93 18.30
N THR E 261 -24.91 5.53 18.31
CA THR E 261 -25.57 5.94 19.54
C THR E 261 -25.12 5.02 20.68
N ARG E 262 -25.32 3.72 20.48
CA ARG E 262 -25.12 2.65 21.45
C ARG E 262 -23.67 2.43 21.90
N ALA E 263 -22.73 3.03 21.20
CA ALA E 263 -21.34 3.03 21.66
C ALA E 263 -20.96 4.47 22.01
N GLY E 264 -21.98 5.31 22.11
CA GLY E 264 -21.84 6.65 22.66
C GLY E 264 -21.27 7.67 21.72
N ILE E 265 -21.94 7.87 20.59
CA ILE E 265 -21.66 8.98 19.67
C ILE E 265 -22.98 9.68 19.42
N ALA E 266 -22.95 10.98 19.15
CA ALA E 266 -24.18 11.62 18.71
C ALA E 266 -24.27 11.47 17.22
N LEU E 267 -25.49 11.48 16.71
CA LEU E 267 -25.72 11.49 15.25
C LEU E 267 -26.04 12.92 14.81
N GLU E 268 -25.90 13.23 13.54
CA GLU E 268 -26.28 14.55 13.19
C GLU E 268 -27.28 14.67 12.06
N ASP E 269 -27.84 15.87 11.94
CA ASP E 269 -28.88 16.26 10.96
C ASP E 269 -29.99 15.25 10.69
N LEU E 270 -30.10 14.25 11.55
CA LEU E 270 -31.10 13.21 11.44
C LEU E 270 -32.41 13.73 10.92
N GLU E 271 -32.80 14.92 11.39
CA GLU E 271 -34.09 15.51 11.06
C GLU E 271 -34.25 15.91 9.61
N PHE E 272 -33.23 15.58 8.82
CA PHE E 272 -33.24 15.87 7.38
C PHE E 272 -33.55 14.60 6.59
N ILE E 273 -34.82 14.42 6.27
CA ILE E 273 -35.24 13.23 5.57
C ILE E 273 -35.73 13.69 4.22
N GLN E 274 -35.00 13.29 3.17
CA GLN E 274 -35.29 13.65 1.78
C GLN E 274 -36.41 12.82 1.18
N PHE E 275 -37.46 13.47 0.72
CA PHE E 275 -38.54 12.76 0.05
C PHE E 275 -38.24 12.76 -1.41
N HIS E 276 -38.17 11.57 -1.99
CA HIS E 276 -38.12 11.48 -3.44
C HIS E 276 -39.47 11.95 -3.99
N PRO E 277 -39.46 12.79 -5.03
CA PRO E 277 -40.70 13.26 -5.64
C PRO E 277 -41.55 12.16 -6.31
N THR E 278 -40.90 11.16 -6.91
CA THR E 278 -41.62 10.15 -7.66
C THR E 278 -41.42 8.75 -7.10
N GLY E 279 -42.50 8.19 -6.57
CA GLY E 279 -42.54 6.81 -6.07
C GLY E 279 -43.93 6.32 -6.39
N ILE E 280 -44.10 5.02 -6.64
CA ILE E 280 -45.41 4.50 -7.07
C ILE E 280 -46.46 4.64 -5.98
N TYR E 281 -47.59 5.25 -6.33
CA TYR E 281 -48.50 5.71 -5.30
C TYR E 281 -48.87 4.63 -4.27
N GLY E 282 -49.20 3.43 -4.75
CA GLY E 282 -49.60 2.37 -3.81
C GLY E 282 -48.42 1.84 -2.99
N VAL E 283 -47.37 1.44 -3.70
CA VAL E 283 -46.41 0.49 -3.19
C VAL E 283 -45.05 1.10 -2.76
N GLY E 284 -44.82 2.36 -3.17
CA GLY E 284 -43.56 3.09 -2.93
C GLY E 284 -42.34 2.38 -3.52
N CYS E 285 -42.20 2.42 -4.85
CA CYS E 285 -41.02 1.88 -5.54
C CYS E 285 -40.45 3.02 -6.33
N LEU E 286 -39.14 3.13 -6.40
CA LEU E 286 -38.57 4.35 -6.95
C LEU E 286 -38.71 4.50 -8.47
N ILE E 287 -39.37 5.56 -8.93
CA ILE E 287 -39.36 5.84 -10.37
C ILE E 287 -38.33 6.93 -10.68
N THR E 288 -37.05 6.54 -10.80
CA THR E 288 -35.89 7.44 -11.05
C THR E 288 -36.14 8.94 -11.29
N GLU E 289 -35.26 9.78 -10.74
CA GLU E 289 -35.37 11.20 -11.03
C GLU E 289 -35.23 11.35 -12.54
N GLY E 290 -34.30 10.59 -13.11
CA GLY E 290 -33.94 10.68 -14.52
C GLY E 290 -35.10 10.69 -15.50
N SER E 291 -36.17 9.96 -15.19
CA SER E 291 -37.30 9.86 -16.09
C SER E 291 -37.74 11.26 -16.49
N ARG E 292 -37.54 12.21 -15.58
CA ARG E 292 -37.75 13.63 -15.87
C ARG E 292 -36.65 14.15 -16.78
N GLY E 293 -35.41 13.91 -16.39
CA GLY E 293 -34.24 14.40 -17.12
C GLY E 293 -34.20 14.07 -18.59
N GLU E 294 -34.85 12.97 -18.97
CA GLU E 294 -34.93 12.54 -20.37
C GLU E 294 -35.89 13.42 -21.15
N GLY E 295 -36.94 13.87 -20.45
CA GLY E 295 -37.97 14.73 -21.03
C GLY E 295 -39.34 14.59 -20.38
N GLY E 296 -39.44 13.72 -19.38
CA GLY E 296 -40.68 13.50 -18.64
C GLY E 296 -41.04 14.68 -17.77
N PHE E 297 -42.30 14.77 -17.36
CA PHE E 297 -42.76 15.80 -16.40
C PHE E 297 -43.85 15.33 -15.45
N LEU E 298 -44.21 16.22 -14.53
CA LEU E 298 -45.25 15.98 -13.54
C LEU E 298 -46.55 16.62 -14.01
N VAL E 299 -47.64 15.86 -13.92
CA VAL E 299 -48.95 16.32 -14.41
C VAL E 299 -49.99 16.25 -13.28
N ASN E 300 -50.81 17.31 -13.15
CA ASN E 300 -51.82 17.43 -12.05
C ASN E 300 -53.28 17.17 -12.43
N SER E 301 -54.14 17.06 -11.42
CA SER E 301 -55.54 16.70 -11.64
C SER E 301 -56.24 17.59 -12.67
N GLU E 302 -55.61 18.70 -13.04
CA GLU E 302 -56.14 19.62 -14.04
C GLU E 302 -55.73 19.20 -15.44
N GLY E 303 -54.44 18.95 -15.60
CA GLY E 303 -53.82 18.74 -16.90
C GLY E 303 -52.78 19.81 -17.15
N GLU E 304 -52.14 20.23 -16.06
CA GLU E 304 -51.17 21.30 -16.10
C GLU E 304 -49.79 20.83 -15.63
N ARG E 305 -48.76 21.25 -16.36
CA ARG E 305 -47.37 21.09 -15.93
C ARG E 305 -47.13 21.92 -14.66
N PHE E 306 -47.53 21.36 -13.52
CA PHE E 306 -47.56 22.13 -12.30
C PHE E 306 -46.19 22.48 -11.76
N MET E 307 -45.14 21.94 -12.37
CA MET E 307 -43.79 22.36 -12.00
C MET E 307 -43.39 23.67 -12.66
N GLU E 308 -44.09 24.04 -13.72
CA GLU E 308 -43.77 25.25 -14.45
C GLU E 308 -44.01 26.52 -13.65
N ARG E 309 -44.96 26.42 -12.70
CA ARG E 309 -45.27 27.51 -11.74
C ARG E 309 -44.38 27.52 -10.50
N TYR E 310 -44.31 26.40 -9.78
CA TYR E 310 -43.51 26.33 -8.55
C TYR E 310 -42.02 26.49 -8.78
N ALA E 311 -41.60 26.41 -10.05
CA ALA E 311 -40.24 26.70 -10.49
C ALA E 311 -40.30 27.06 -11.98
N PRO E 312 -40.09 28.35 -12.31
CA PRO E 312 -40.24 28.79 -13.71
C PRO E 312 -39.01 28.46 -14.56
N LYS E 313 -37.84 28.43 -13.90
CA LYS E 313 -36.56 28.16 -14.59
C LYS E 313 -36.22 26.67 -14.78
N ALA E 314 -35.79 25.97 -13.72
CA ALA E 314 -35.39 24.55 -13.86
C ALA E 314 -36.54 23.55 -13.70
N LYS E 315 -37.77 24.06 -13.73
CA LYS E 315 -38.97 23.24 -14.02
C LYS E 315 -39.08 21.89 -13.29
N ASP E 316 -39.41 20.81 -14.02
CA ASP E 316 -39.55 19.47 -13.40
C ASP E 316 -38.24 18.85 -12.94
N LEU E 317 -37.14 19.58 -13.20
CA LEU E 317 -35.78 19.18 -12.86
C LEU E 317 -35.21 20.03 -11.73
N ALA E 318 -36.08 20.78 -11.05
CA ALA E 318 -35.71 21.55 -9.86
C ALA E 318 -35.37 20.55 -8.75
N SER E 319 -34.64 20.98 -7.73
CA SER E 319 -34.15 20.06 -6.67
C SER E 319 -35.26 19.29 -5.94
N ARG E 320 -34.91 18.12 -5.40
CA ARG E 320 -35.91 17.19 -4.88
C ARG E 320 -36.89 17.80 -3.87
N ASP E 321 -36.38 18.58 -2.92
CA ASP E 321 -37.27 19.25 -1.97
C ASP E 321 -38.35 20.08 -2.66
N VAL E 322 -37.98 21.03 -3.52
CA VAL E 322 -38.98 21.91 -4.18
C VAL E 322 -40.02 21.10 -4.95
N VAL E 323 -39.57 20.08 -5.67
CA VAL E 323 -40.46 19.19 -6.40
C VAL E 323 -41.39 18.40 -5.47
N SER E 324 -40.81 17.81 -4.43
CA SER E 324 -41.60 17.06 -3.45
C SER E 324 -42.64 17.94 -2.77
N ARG E 325 -42.26 19.19 -2.50
CA ARG E 325 -43.15 20.11 -1.82
C ARG E 325 -44.22 20.44 -2.78
N ALA E 326 -43.89 21.27 -3.76
CA ALA E 326 -44.72 21.45 -4.95
C ALA E 326 -45.82 20.38 -5.12
N GLU E 327 -45.38 19.13 -5.28
CA GLU E 327 -46.25 17.97 -5.42
C GLU E 327 -47.32 17.91 -4.35
N THR E 328 -46.90 17.99 -3.08
CA THR E 328 -47.82 17.82 -1.95
C THR E 328 -48.59 19.11 -1.67
N ILE E 329 -48.05 20.26 -2.07
CA ILE E 329 -48.86 21.48 -2.09
C ILE E 329 -49.97 21.31 -3.15
N GLU E 330 -49.63 20.68 -4.28
CA GLU E 330 -50.60 20.46 -5.36
C GLU E 330 -51.71 19.41 -5.08
N ILE E 331 -51.45 18.49 -4.15
CA ILE E 331 -52.47 17.57 -3.68
C ILE E 331 -53.42 18.37 -2.78
N MET E 332 -52.83 19.14 -1.87
CA MET E 332 -53.54 19.88 -0.82
C MET E 332 -54.41 20.99 -1.33
N GLU E 333 -54.02 21.59 -2.46
CA GLU E 333 -54.78 22.68 -3.12
C GLU E 333 -55.99 22.14 -3.90
N GLY E 334 -56.26 20.85 -3.70
CA GLY E 334 -57.39 20.14 -4.28
C GLY E 334 -56.94 19.19 -5.38
N ARG E 335 -56.11 19.71 -6.27
CA ARG E 335 -55.83 19.12 -7.59
C ARG E 335 -54.76 18.04 -7.63
N GLY E 336 -54.90 17.09 -6.71
CA GLY E 336 -54.21 15.82 -6.77
C GLY E 336 -55.02 14.78 -7.54
N VAL E 337 -54.37 13.71 -7.96
CA VAL E 337 -54.97 12.80 -8.93
C VAL E 337 -55.26 11.40 -8.35
N GLY E 338 -56.08 10.65 -9.08
CA GLY E 338 -56.56 9.34 -8.67
C GLY E 338 -57.92 9.40 -8.00
N PRO E 339 -58.67 8.28 -8.04
CA PRO E 339 -59.84 7.95 -7.20
C PRO E 339 -59.91 8.57 -5.78
N GLU E 340 -58.77 8.96 -5.19
CA GLU E 340 -58.79 9.65 -3.89
C GLU E 340 -58.25 11.07 -4.02
N LYS E 341 -57.72 11.38 -5.20
CA LYS E 341 -57.18 12.71 -5.48
C LYS E 341 -56.00 13.04 -4.56
N ASP E 342 -55.18 12.03 -4.27
CA ASP E 342 -54.13 12.14 -3.24
C ASP E 342 -52.67 11.99 -3.72
N HIS E 343 -52.49 11.70 -5.00
CA HIS E 343 -51.16 11.56 -5.63
C HIS E 343 -51.16 12.19 -7.03
N ILE E 344 -49.98 12.37 -7.63
CA ILE E 344 -49.94 12.94 -8.99
C ILE E 344 -49.26 12.05 -10.03
N TYR E 345 -49.48 12.40 -11.29
CA TYR E 345 -48.99 11.66 -12.47
C TYR E 345 -47.62 12.12 -12.95
N LEU E 346 -46.77 11.16 -13.33
CA LEU E 346 -45.49 11.43 -13.98
C LEU E 346 -45.62 11.01 -15.44
N GLN E 347 -45.68 12.00 -16.31
CA GLN E 347 -46.02 11.78 -17.70
C GLN E 347 -44.81 11.39 -18.51
N LEU E 348 -44.90 10.33 -19.31
CA LEU E 348 -43.76 9.92 -20.12
C LEU E 348 -44.12 9.63 -21.56
N HIS E 349 -45.38 9.27 -21.80
CA HIS E 349 -45.83 8.76 -23.11
C HIS E 349 -45.60 9.68 -24.33
N HIS E 350 -45.40 10.97 -24.03
CA HIS E 350 -45.07 12.03 -24.99
C HIS E 350 -43.63 11.93 -25.53
N LEU E 351 -42.82 11.07 -24.92
CA LEU E 351 -41.43 10.85 -25.34
C LEU E 351 -41.40 9.73 -26.41
N PRO E 352 -40.38 9.73 -27.30
CA PRO E 352 -40.24 8.65 -28.27
C PRO E 352 -40.01 7.31 -27.57
N ALA E 353 -40.82 6.31 -27.92
CA ALA E 353 -40.74 4.97 -27.33
C ALA E 353 -39.29 4.38 -27.36
N GLU E 354 -38.52 4.80 -28.36
CA GLU E 354 -37.07 4.52 -28.54
C GLU E 354 -36.14 4.83 -27.35
N GLN E 355 -35.98 6.14 -27.13
CA GLN E 355 -35.33 6.76 -25.96
C GLN E 355 -35.97 6.28 -24.64
N LEU E 356 -37.26 5.95 -24.71
CA LEU E 356 -37.97 5.42 -23.55
C LEU E 356 -37.51 3.98 -23.29
N HIS E 357 -36.98 3.32 -24.29
CA HIS E 357 -36.51 1.97 -24.09
C HIS E 357 -35.01 1.88 -23.77
N GLN E 358 -34.20 2.61 -24.53
CA GLN E 358 -32.76 2.59 -24.28
C GLN E 358 -32.33 3.40 -23.06
N ARG E 359 -33.15 4.36 -22.64
CA ARG E 359 -32.83 5.16 -21.44
C ARG E 359 -33.57 4.71 -20.19
N LEU E 360 -34.87 4.42 -20.29
CA LEU E 360 -35.64 4.06 -19.08
C LEU E 360 -36.31 2.65 -19.04
N PRO E 361 -35.53 1.56 -19.21
CA PRO E 361 -36.14 0.25 -19.29
C PRO E 361 -36.58 -0.24 -17.93
N GLY E 362 -35.74 -0.05 -16.93
CA GLY E 362 -36.03 -0.50 -15.56
C GLY E 362 -37.38 -0.05 -15.04
N ILE E 363 -37.72 1.21 -15.28
CA ILE E 363 -39.03 1.74 -14.86
C ILE E 363 -40.13 1.30 -15.79
N SER E 364 -39.98 1.56 -17.10
CA SER E 364 -40.88 1.01 -18.14
C SER E 364 -41.47 -0.29 -17.60
N GLU E 365 -40.57 -1.13 -17.09
CA GLU E 365 -40.86 -2.46 -16.59
C GLU E 365 -41.46 -2.44 -15.17
N THR E 366 -40.75 -1.88 -14.18
CA THR E 366 -41.24 -1.97 -12.80
C THR E 366 -42.41 -1.01 -12.58
N ALA E 367 -42.74 -0.27 -13.62
CA ALA E 367 -43.95 0.55 -13.69
C ALA E 367 -45.15 -0.27 -14.17
N LYS E 368 -44.91 -1.22 -15.07
CA LYS E 368 -45.95 -2.16 -15.54
C LYS E 368 -46.30 -3.15 -14.42
N ILE E 369 -45.26 -3.54 -13.69
CA ILE E 369 -45.34 -4.61 -12.72
C ILE E 369 -46.06 -4.18 -11.43
N PHE E 370 -46.07 -2.89 -11.11
CA PHE E 370 -46.61 -2.45 -9.80
C PHE E 370 -47.77 -1.48 -9.85
N ALA E 371 -48.00 -0.93 -11.04
CA ALA E 371 -49.04 0.06 -11.26
C ALA E 371 -49.88 -0.33 -12.47
N GLY E 372 -49.36 -1.27 -13.25
CA GLY E 372 -50.08 -1.77 -14.43
C GLY E 372 -50.05 -0.80 -15.60
N VAL E 373 -48.93 -0.09 -15.70
CA VAL E 373 -48.82 1.03 -16.61
C VAL E 373 -47.80 0.77 -17.73
N ASP E 374 -48.28 0.76 -18.97
CA ASP E 374 -47.40 0.91 -20.12
C ASP E 374 -47.06 2.40 -20.17
N VAL E 375 -45.77 2.71 -20.09
CA VAL E 375 -45.34 4.10 -19.97
C VAL E 375 -45.55 4.96 -21.24
N THR E 376 -45.58 4.33 -22.43
CA THR E 376 -45.94 5.02 -23.69
C THR E 376 -47.43 5.13 -23.97
N LYS E 377 -48.25 5.07 -22.93
CA LYS E 377 -49.67 5.38 -23.07
C LYS E 377 -50.13 6.24 -21.88
N GLU E 378 -50.11 5.68 -20.67
CA GLU E 378 -50.45 6.43 -19.47
C GLU E 378 -49.22 6.88 -18.67
N PRO E 379 -49.47 7.77 -17.69
CA PRO E 379 -48.47 8.22 -16.73
C PRO E 379 -48.37 7.32 -15.49
N ILE E 380 -47.42 7.59 -14.64
CA ILE E 380 -47.23 6.76 -13.48
C ILE E 380 -47.81 7.46 -12.26
N PRO E 381 -48.68 6.75 -11.49
CA PRO E 381 -49.06 7.21 -10.17
C PRO E 381 -47.84 7.41 -9.24
N VAL E 382 -47.41 8.65 -9.06
CA VAL E 382 -46.26 8.93 -8.17
C VAL E 382 -46.52 9.94 -6.99
N ILE E 383 -46.53 9.42 -5.76
CA ILE E 383 -46.60 10.22 -4.52
C ILE E 383 -45.13 10.43 -4.10
N PRO E 384 -44.85 11.51 -3.36
CA PRO E 384 -43.44 11.57 -2.97
C PRO E 384 -43.17 10.61 -1.81
N THR E 385 -41.99 9.99 -1.79
CA THR E 385 -41.67 9.04 -0.72
C THR E 385 -40.31 9.11 0.02
N VAL E 386 -40.29 8.70 1.30
CA VAL E 386 -39.07 8.68 2.09
C VAL E 386 -38.08 7.79 1.38
N HIS E 387 -36.81 8.20 1.36
CA HIS E 387 -35.88 7.71 0.34
C HIS E 387 -34.42 7.77 0.73
N TYR E 388 -33.99 8.92 1.24
CA TYR E 388 -32.58 9.13 1.60
C TYR E 388 -32.36 9.89 2.92
N ASN E 389 -31.44 9.38 3.75
CA ASN E 389 -31.11 9.94 5.06
C ASN E 389 -29.79 10.71 4.98
N MET E 390 -29.86 12.03 4.76
CA MET E 390 -28.62 12.81 4.62
C MET E 390 -27.77 12.45 5.83
N GLY E 391 -28.23 12.96 6.97
CA GLY E 391 -27.73 12.65 8.30
C GLY E 391 -27.20 11.23 8.52
N GLY E 392 -26.89 10.96 9.78
CA GLY E 392 -26.16 9.75 10.20
C GLY E 392 -24.90 10.08 11.00
N ILE E 393 -24.05 9.07 11.19
CA ILE E 393 -22.84 9.19 12.00
C ILE E 393 -21.96 10.29 11.42
N PRO E 394 -21.71 11.36 12.19
CA PRO E 394 -20.94 12.51 11.71
C PRO E 394 -19.50 12.12 11.37
N THR E 395 -18.98 12.74 10.32
CA THR E 395 -17.55 12.67 9.97
C THR E 395 -16.94 14.01 9.60
N ASN E 396 -15.62 14.07 9.67
CA ASN E 396 -14.88 15.11 8.98
C ASN E 396 -14.60 14.63 7.57
N TYR E 397 -14.16 15.56 6.71
CA TYR E 397 -13.88 15.28 5.29
C TYR E 397 -13.04 14.02 5.05
N LYS E 398 -12.32 13.57 6.08
CA LYS E 398 -11.47 12.39 5.97
C LYS E 398 -12.19 11.13 6.46
N ALA E 399 -13.52 11.21 6.55
CA ALA E 399 -14.43 10.08 6.86
C ALA E 399 -14.26 9.49 8.25
N GLN E 400 -14.04 10.36 9.23
CA GLN E 400 -13.91 9.92 10.61
C GLN E 400 -15.05 10.42 11.47
N VAL E 401 -15.59 9.49 12.25
CA VAL E 401 -16.59 9.76 13.27
C VAL E 401 -16.07 10.87 14.22
N ILE E 402 -16.81 11.97 14.30
CA ILE E 402 -16.44 13.04 15.19
C ILE E 402 -17.49 13.19 16.25
N LYS E 403 -17.04 13.40 17.50
CA LYS E 403 -17.92 13.83 18.60
C LYS E 403 -17.63 15.29 18.82
N TYR E 404 -18.67 16.12 18.91
CA TYR E 404 -18.44 17.56 19.08
C TYR E 404 -19.04 18.18 20.31
N THR E 405 -18.14 18.73 21.10
CA THR E 405 -18.42 19.39 22.34
C THR E 405 -18.01 20.83 22.03
N LYS E 406 -18.91 21.81 22.24
CA LYS E 406 -18.56 23.18 21.81
C LYS E 406 -17.25 23.61 22.45
N GLU E 407 -17.13 23.27 23.73
CA GLU E 407 -15.96 23.59 24.53
C GLU E 407 -14.66 23.12 23.88
N GLY E 408 -14.47 21.81 23.71
CA GLY E 408 -13.22 21.30 23.14
C GLY E 408 -13.16 20.94 21.65
N GLY E 409 -13.99 21.57 20.81
CA GLY E 409 -14.03 21.27 19.35
C GLY E 409 -14.45 19.84 19.00
N ASP E 410 -14.13 19.38 17.79
CA ASP E 410 -14.52 18.02 17.38
C ASP E 410 -13.46 16.95 17.49
N LYS E 411 -13.58 16.17 18.56
CA LYS E 411 -12.72 15.02 18.86
C LYS E 411 -12.99 13.79 17.95
N ILE E 412 -12.06 13.54 17.04
CA ILE E 412 -12.03 12.39 16.15
C ILE E 412 -11.92 11.16 17.01
N VAL E 413 -12.93 10.32 17.05
CA VAL E 413 -12.85 9.08 17.81
C VAL E 413 -11.65 8.28 17.29
N PRO E 414 -10.99 7.50 18.17
CA PRO E 414 -9.87 6.76 17.59
C PRO E 414 -10.26 5.53 16.76
N GLY E 415 -9.84 5.58 15.49
CA GLY E 415 -9.86 4.44 14.58
C GLY E 415 -11.23 3.97 14.17
N LEU E 416 -12.18 4.91 14.20
CA LEU E 416 -13.53 4.68 13.67
C LEU E 416 -13.86 5.62 12.49
N TYR E 417 -14.21 4.99 11.37
CA TYR E 417 -14.41 5.63 10.09
C TYR E 417 -15.78 5.19 9.65
N ALA E 418 -16.57 6.09 9.05
CA ALA E 418 -17.85 5.69 8.44
C ALA E 418 -18.14 6.48 7.17
N CYS E 419 -18.86 5.87 6.24
CA CYS E 419 -19.13 6.42 4.89
C CYS E 419 -20.44 5.96 4.25
N GLY E 420 -20.91 6.70 3.24
CA GLY E 420 -22.09 6.24 2.51
C GLY E 420 -23.34 6.96 2.91
N GLU E 421 -24.48 6.26 2.93
CA GLU E 421 -25.78 6.86 3.31
C GLU E 421 -25.74 7.21 4.82
N CYS E 422 -25.26 6.21 5.57
CA CYS E 422 -25.31 6.19 7.03
C CYS E 422 -24.36 7.16 7.65
N ALA E 423 -23.33 7.56 6.93
CA ALA E 423 -22.49 8.60 7.47
C ALA E 423 -23.00 9.97 7.02
N CYS E 424 -22.32 10.99 7.53
CA CYS E 424 -22.74 12.37 7.39
C CYS E 424 -21.57 13.33 7.43
N HIS E 425 -20.63 13.19 6.47
CA HIS E 425 -19.62 14.21 6.19
C HIS E 425 -20.40 15.48 5.88
N SER E 426 -21.72 15.26 5.81
CA SER E 426 -22.74 16.14 5.27
C SER E 426 -22.25 16.75 3.97
N VAL E 427 -22.07 15.87 2.99
CA VAL E 427 -21.81 16.30 1.64
C VAL E 427 -23.09 16.83 0.96
N HIS E 428 -24.24 16.54 1.58
CA HIS E 428 -25.58 16.94 1.07
C HIS E 428 -26.36 17.90 1.97
N GLY E 429 -25.75 18.30 3.10
CA GLY E 429 -26.37 19.27 3.99
C GLY E 429 -27.82 18.94 4.25
N ALA E 430 -28.72 19.67 3.60
CA ALA E 430 -30.16 19.57 3.86
C ALA E 430 -31.00 18.95 2.74
N ASN E 431 -30.49 18.97 1.50
CA ASN E 431 -31.20 18.43 0.32
C ASN E 431 -30.24 17.78 -0.67
N ARG E 432 -29.87 16.52 -0.40
CA ARG E 432 -28.98 15.74 -1.28
C ARG E 432 -29.31 15.98 -2.74
N LEU E 433 -28.25 16.19 -3.53
CA LEU E 433 -28.48 16.36 -4.93
C LEU E 433 -28.71 14.98 -5.54
N GLY E 434 -29.67 14.93 -6.47
CA GLY E 434 -29.86 13.74 -7.25
C GLY E 434 -28.58 13.24 -7.90
N ALA E 435 -28.29 11.97 -7.69
CA ALA E 435 -27.12 11.30 -8.25
C ALA E 435 -25.84 11.80 -7.65
N ASN E 436 -25.89 12.26 -6.42
CA ASN E 436 -24.66 12.60 -5.72
C ASN E 436 -24.29 11.56 -4.67
N SER E 437 -25.13 10.53 -4.60
CA SER E 437 -25.12 9.59 -3.50
C SER E 437 -24.29 8.34 -3.73
N LEU E 438 -24.44 7.69 -4.89
CA LEU E 438 -23.47 6.67 -5.28
C LEU E 438 -22.10 7.36 -5.26
N LEU E 439 -21.90 8.36 -6.14
CA LEU E 439 -20.70 9.23 -6.19
C LEU E 439 -20.13 9.47 -4.80
N ASP E 440 -20.98 9.93 -3.90
CA ASP E 440 -20.68 9.94 -2.48
C ASP E 440 -20.00 8.64 -2.08
N ALA E 441 -20.76 7.56 -2.05
CA ALA E 441 -20.32 6.31 -1.47
C ALA E 441 -19.04 5.77 -2.06
N VAL E 442 -18.78 6.10 -3.32
CA VAL E 442 -17.58 5.63 -4.02
C VAL E 442 -16.42 6.55 -3.64
N VAL E 443 -16.64 7.87 -3.69
CA VAL E 443 -15.63 8.86 -3.35
C VAL E 443 -15.11 8.65 -1.94
N PHE E 444 -16.03 8.57 -0.99
CA PHE E 444 -15.69 8.57 0.43
C PHE E 444 -15.32 7.23 0.91
N GLY E 445 -15.93 6.21 0.29
CA GLY E 445 -15.60 4.82 0.55
C GLY E 445 -14.22 4.50 0.04
N ARG E 446 -13.77 5.26 -0.96
CA ARG E 446 -12.38 5.24 -1.47
C ARG E 446 -11.47 6.03 -0.54
N ALA E 447 -11.94 7.22 -0.17
CA ALA E 447 -11.33 8.04 0.87
C ALA E 447 -10.94 7.22 2.08
N CYS E 448 -11.84 6.34 2.51
CA CYS E 448 -11.58 5.52 3.68
C CYS E 448 -10.30 4.74 3.56
N SER E 449 -9.97 4.30 2.34
CA SER E 449 -8.81 3.45 2.12
C SER E 449 -7.54 4.27 1.82
N ILE E 450 -7.74 5.46 1.25
CA ILE E 450 -6.68 6.46 1.16
C ILE E 450 -6.30 6.83 2.59
N ASN E 451 -7.30 7.34 3.32
CA ASN E 451 -7.11 7.99 4.60
C ASN E 451 -6.75 7.03 5.73
N ILE E 452 -6.99 5.71 5.54
CA ILE E 452 -6.44 4.70 6.47
C ILE E 452 -4.97 4.48 6.17
N LYS E 453 -4.62 4.25 4.89
CA LYS E 453 -3.22 3.95 4.54
C LYS E 453 -2.29 4.98 5.17
N GLU E 454 -2.67 6.26 5.06
CA GLU E 454 -1.89 7.39 5.62
C GLU E 454 -1.60 7.36 7.13
N GLU E 455 -2.55 6.94 7.95
CA GLU E 455 -2.39 7.06 9.40
C GLU E 455 -2.20 5.73 10.15
N LEU E 456 -2.74 4.66 9.60
CA LEU E 456 -2.56 3.34 10.17
C LEU E 456 -1.17 2.86 9.77
N LYS E 457 -0.26 2.94 10.73
CA LYS E 457 1.10 2.52 10.51
C LYS E 457 1.21 1.11 11.02
N PRO E 458 1.77 0.22 10.19
CA PRO E 458 1.93 -1.23 10.44
C PRO E 458 2.41 -1.60 11.87
N ASP E 459 2.92 -0.58 12.59
CA ASP E 459 3.33 -0.71 14.01
C ASP E 459 2.18 -0.86 15.02
N GLU E 460 1.12 -0.06 14.84
CA GLU E 460 -0.10 -0.05 15.66
C GLU E 460 -0.76 -1.44 15.68
N LYS E 461 -0.35 -2.28 16.65
CA LYS E 461 -0.67 -3.72 16.68
C LYS E 461 -2.17 -4.03 16.75
N ILE E 462 -2.55 -5.22 16.28
CA ILE E 462 -3.93 -5.72 16.32
C ILE E 462 -4.53 -5.70 17.75
N PRO E 463 -5.28 -4.62 18.10
CA PRO E 463 -5.70 -4.27 19.47
C PRO E 463 -6.18 -5.43 20.34
N GLU E 464 -6.21 -5.19 21.66
CA GLU E 464 -6.59 -6.19 22.66
C GLU E 464 -7.97 -5.88 23.26
N LEU E 465 -8.66 -6.94 23.70
CA LEU E 465 -10.09 -6.83 24.03
C LEU E 465 -10.43 -6.71 25.52
N PRO E 466 -10.94 -5.53 25.94
CA PRO E 466 -11.33 -5.21 27.31
C PRO E 466 -12.13 -6.35 27.90
N GLU E 467 -11.82 -6.69 29.15
CA GLU E 467 -12.28 -7.94 29.77
C GLU E 467 -13.78 -8.25 29.48
N GLY E 468 -14.06 -9.51 29.11
CA GLY E 468 -15.41 -9.95 28.73
C GLY E 468 -16.20 -8.91 27.93
N ALA E 469 -15.61 -8.45 26.83
CA ALA E 469 -16.10 -7.32 26.02
C ALA E 469 -17.42 -7.60 25.32
N GLY E 470 -18.19 -6.53 25.08
CA GLY E 470 -19.52 -6.64 24.49
C GLY E 470 -20.44 -7.70 25.08
N GLU E 471 -20.27 -7.97 26.38
CA GLU E 471 -21.15 -8.85 27.11
C GLU E 471 -22.54 -8.22 27.29
N GLU E 472 -22.63 -6.89 27.22
CA GLU E 472 -23.91 -6.15 27.30
C GLU E 472 -24.75 -6.41 26.05
N SER E 473 -24.07 -6.44 24.90
CA SER E 473 -24.69 -6.67 23.60
C SER E 473 -25.14 -8.09 23.45
N ILE E 474 -24.25 -9.02 23.77
CA ILE E 474 -24.59 -10.44 23.77
C ILE E 474 -25.68 -10.75 24.83
N ALA E 475 -25.78 -9.90 25.84
CA ALA E 475 -26.87 -9.99 26.80
C ALA E 475 -28.18 -9.56 26.16
N ASN E 476 -28.15 -8.38 25.53
CA ASN E 476 -29.31 -7.75 24.89
C ASN E 476 -30.00 -8.64 23.87
N LEU E 477 -29.19 -9.32 23.05
CA LEU E 477 -29.69 -10.37 22.17
C LEU E 477 -30.50 -11.40 22.95
N ASP E 478 -29.92 -11.96 24.02
CA ASP E 478 -30.57 -12.97 24.87
C ASP E 478 -31.90 -12.44 25.34
N ALA E 479 -31.90 -11.17 25.72
CA ALA E 479 -33.11 -10.47 26.10
C ALA E 479 -34.18 -10.48 24.98
N VAL E 480 -33.76 -10.23 23.73
CA VAL E 480 -34.73 -10.17 22.63
C VAL E 480 -35.04 -11.54 22.08
N ARG E 481 -34.02 -12.40 22.07
CA ARG E 481 -34.18 -13.78 21.62
C ARG E 481 -35.30 -14.43 22.44
N TYR E 482 -35.13 -14.50 23.74
CA TYR E 482 -36.14 -15.08 24.60
C TYR E 482 -37.12 -13.99 25.10
N ALA E 483 -37.54 -13.12 24.18
CA ALA E 483 -38.53 -12.09 24.51
C ALA E 483 -39.89 -12.68 24.89
N ASN E 484 -40.56 -11.99 25.80
CA ASN E 484 -41.72 -12.52 26.50
C ASN E 484 -42.98 -11.62 26.51
N GLY E 485 -42.79 -10.30 26.38
CA GLY E 485 -43.86 -9.29 26.49
C GLY E 485 -45.21 -9.52 25.79
N ASP E 486 -45.96 -8.44 25.58
CA ASP E 486 -47.31 -8.52 24.99
C ASP E 486 -47.52 -7.69 23.73
N VAL E 487 -46.48 -6.97 23.31
CA VAL E 487 -46.44 -6.38 21.96
C VAL E 487 -45.52 -7.21 21.05
N PRO E 488 -46.10 -7.81 19.97
CA PRO E 488 -45.27 -8.60 19.07
C PRO E 488 -44.40 -7.63 18.25
N THR E 489 -43.20 -8.09 17.88
CA THR E 489 -42.21 -7.22 17.27
C THR E 489 -42.83 -6.58 16.04
N ALA E 490 -43.68 -7.33 15.36
CA ALA E 490 -44.40 -6.83 14.22
C ALA E 490 -45.09 -5.47 14.48
N GLU E 491 -45.83 -5.39 15.58
CA GLU E 491 -46.79 -4.29 15.81
C GLU E 491 -46.18 -2.96 16.17
N LEU E 492 -45.15 -3.03 17.00
CA LEU E 492 -44.40 -1.87 17.41
C LEU E 492 -43.88 -1.11 16.19
N ARG E 493 -43.36 -1.87 15.23
CA ARG E 493 -42.81 -1.35 13.98
C ARG E 493 -43.89 -0.54 13.28
N LEU E 494 -45.00 -1.22 12.93
CA LEU E 494 -46.05 -0.60 12.16
C LEU E 494 -46.62 0.70 12.77
N THR E 495 -46.68 0.78 14.10
CA THR E 495 -47.19 2.00 14.72
C THR E 495 -46.10 3.06 14.78
N MET E 496 -44.85 2.60 14.78
CA MET E 496 -43.72 3.53 14.77
C MET E 496 -43.48 4.07 13.36
N GLN E 497 -43.45 3.16 12.40
CA GLN E 497 -43.41 3.55 11.01
C GLN E 497 -44.51 4.57 10.76
N LYS E 498 -45.73 4.25 11.17
CA LYS E 498 -46.84 5.09 10.76
C LYS E 498 -46.87 6.46 11.46
N THR E 499 -46.62 6.46 12.79
CA THR E 499 -46.64 7.71 13.58
C THR E 499 -45.58 8.63 13.03
N MET E 500 -44.50 7.98 12.58
CA MET E 500 -43.39 8.66 12.00
C MET E 500 -43.78 9.25 10.64
N GLN E 501 -44.72 8.62 9.94
CA GLN E 501 -45.15 9.12 8.63
C GLN E 501 -46.08 10.33 8.77
N LYS E 502 -46.93 10.27 9.80
CA LYS E 502 -47.88 11.34 10.12
C LYS E 502 -47.20 12.61 10.67
N HIS E 503 -46.12 12.43 11.41
CA HIS E 503 -45.56 13.51 12.23
C HIS E 503 -44.27 14.15 11.66
N ALA E 504 -43.55 13.40 10.84
CA ALA E 504 -42.34 13.88 10.14
C ALA E 504 -42.54 13.94 8.62
N GLY E 505 -43.79 14.22 8.22
CA GLY E 505 -44.23 14.41 6.82
C GLY E 505 -43.42 15.44 6.07
N VAL E 506 -43.75 15.68 4.81
CA VAL E 506 -42.89 16.58 4.03
C VAL E 506 -42.81 17.91 4.76
N PHE E 507 -43.99 18.51 4.89
CA PHE E 507 -44.25 19.79 5.56
C PHE E 507 -44.47 19.55 7.05
N ARG E 508 -43.77 20.29 7.91
CA ARG E 508 -43.88 20.08 9.34
C ARG E 508 -44.50 21.27 10.09
N ARG E 509 -45.12 21.00 11.25
CA ARG E 509 -45.59 22.05 12.21
C ARG E 509 -45.20 21.74 13.66
N GLY E 510 -44.92 22.81 14.42
CA GLY E 510 -44.42 22.71 15.79
C GLY E 510 -45.24 21.84 16.73
N ASP E 511 -46.55 21.89 16.58
CA ASP E 511 -47.47 21.18 17.46
C ASP E 511 -47.53 19.69 17.12
N ILE E 512 -47.65 19.40 15.83
CA ILE E 512 -47.75 18.02 15.33
C ILE E 512 -46.49 17.24 15.66
N LEU E 513 -45.35 17.90 15.49
CA LEU E 513 -44.06 17.29 15.80
C LEU E 513 -43.94 17.00 17.28
N ALA E 514 -44.05 18.04 18.11
CA ALA E 514 -43.84 17.89 19.54
C ALA E 514 -44.78 16.86 20.20
N GLU E 515 -45.92 16.61 19.54
CA GLU E 515 -46.89 15.58 19.95
C GLU E 515 -46.47 14.20 19.42
N GLY E 516 -45.77 14.22 18.27
CA GLY E 516 -45.10 13.06 17.74
C GLY E 516 -44.04 12.66 18.74
N VAL E 517 -43.13 13.58 19.03
CA VAL E 517 -42.05 13.35 19.99
C VAL E 517 -42.58 12.53 21.15
N LYS E 518 -43.75 12.92 21.66
CA LYS E 518 -44.40 12.27 22.80
C LYS E 518 -44.66 10.80 22.52
N LYS E 519 -45.44 10.54 21.46
CA LYS E 519 -45.82 9.17 21.14
C LYS E 519 -44.59 8.26 20.94
N MET E 520 -43.57 8.81 20.31
CA MET E 520 -42.40 8.05 19.95
C MET E 520 -41.66 7.68 21.22
N MET E 521 -41.64 8.61 22.18
CA MET E 521 -40.99 8.41 23.47
C MET E 521 -41.74 7.38 24.29
N ASP E 522 -43.07 7.41 24.18
CA ASP E 522 -43.94 6.39 24.77
C ASP E 522 -43.56 4.99 24.26
N LEU E 523 -43.25 4.94 22.96
CA LEU E 523 -42.94 3.69 22.28
C LEU E 523 -41.57 3.17 22.63
N SER E 524 -40.58 4.06 22.74
CA SER E 524 -39.27 3.62 23.19
C SER E 524 -39.48 2.81 24.47
N LYS E 525 -40.64 3.03 25.11
CA LYS E 525 -41.04 2.28 26.29
C LYS E 525 -41.39 0.81 25.97
N GLU E 526 -42.29 0.60 25.02
CA GLU E 526 -42.88 -0.72 24.78
C GLU E 526 -41.85 -1.81 24.41
N LEU E 527 -40.68 -1.38 23.96
CA LEU E 527 -39.54 -2.27 23.64
C LEU E 527 -39.22 -3.23 24.81
N LYS E 528 -39.95 -3.02 25.90
CA LYS E 528 -39.79 -3.78 27.12
C LYS E 528 -40.89 -4.84 27.16
N ARG E 529 -42.10 -4.45 26.78
CA ARG E 529 -43.20 -5.39 26.61
C ARG E 529 -43.13 -6.01 25.22
N LEU E 530 -41.97 -6.54 24.87
CA LEU E 530 -41.71 -6.97 23.49
C LEU E 530 -41.73 -8.49 23.34
N LYS E 531 -42.28 -8.98 22.23
CA LYS E 531 -42.50 -10.43 22.06
C LYS E 531 -42.00 -11.04 20.75
N THR E 532 -41.29 -12.15 20.89
CA THR E 532 -40.93 -12.99 19.76
C THR E 532 -41.46 -14.40 20.01
N THR E 533 -41.41 -15.24 18.99
CA THR E 533 -41.76 -16.62 19.21
C THR E 533 -40.57 -17.50 18.83
N ASP E 534 -39.75 -16.99 17.92
CA ASP E 534 -38.66 -17.82 17.42
C ASP E 534 -37.54 -17.78 18.41
N ARG E 535 -37.26 -18.99 18.87
CA ARG E 535 -36.45 -19.26 20.04
C ARG E 535 -35.06 -19.72 19.60
N SER E 536 -35.01 -20.32 18.41
CA SER E 536 -33.78 -20.89 17.85
C SER E 536 -32.76 -19.83 17.44
N LEU E 537 -31.53 -20.26 17.12
CA LEU E 537 -30.46 -19.32 16.76
C LEU E 537 -29.99 -19.35 15.31
N ILE E 538 -30.12 -20.50 14.67
CA ILE E 538 -29.81 -20.64 13.25
C ILE E 538 -30.85 -19.88 12.41
N TRP E 539 -30.39 -18.88 11.66
CA TRP E 539 -31.23 -17.96 10.86
C TRP E 539 -32.50 -17.49 11.58
N ASN E 540 -32.33 -16.84 12.73
CA ASN E 540 -33.51 -16.39 13.44
C ASN E 540 -33.94 -15.04 12.91
N SER E 541 -34.80 -15.08 11.91
CA SER E 541 -35.23 -13.88 11.26
C SER E 541 -36.11 -13.02 12.17
N ASP E 542 -36.85 -13.69 13.05
CA ASP E 542 -37.68 -13.00 14.04
C ASP E 542 -36.75 -12.18 14.92
N LEU E 543 -35.84 -12.89 15.60
CA LEU E 543 -34.87 -12.28 16.46
C LEU E 543 -34.22 -11.03 15.86
N THR E 544 -33.65 -11.11 14.64
CA THR E 544 -32.92 -9.96 14.08
C THR E 544 -33.86 -8.85 13.66
N GLU E 545 -34.96 -9.20 13.03
CA GLU E 545 -35.88 -8.15 12.62
C GLU E 545 -36.18 -7.24 13.83
N SER E 546 -35.91 -7.79 15.02
CA SER E 546 -36.20 -7.10 16.28
C SER E 546 -35.03 -6.24 16.77
N LEU E 547 -33.81 -6.73 16.65
CA LEU E 547 -32.66 -5.87 16.86
C LEU E 547 -32.80 -4.71 15.92
N GLU E 548 -33.29 -5.02 14.72
CA GLU E 548 -33.59 -4.03 13.70
C GLU E 548 -34.62 -3.04 14.26
N LEU E 549 -35.66 -3.56 14.92
CA LEU E 549 -36.65 -2.65 15.51
C LEU E 549 -36.05 -1.68 16.54
N GLN E 550 -35.23 -2.20 17.45
CA GLN E 550 -34.56 -1.36 18.44
C GLN E 550 -33.74 -0.32 17.71
N ASN E 551 -33.00 -0.77 16.69
CA ASN E 551 -32.04 0.08 15.97
C ASN E 551 -32.77 1.19 15.23
N LEU E 552 -33.89 0.83 14.63
CA LEU E 552 -34.73 1.80 13.99
C LEU E 552 -35.34 2.85 14.99
N MET E 553 -35.65 2.42 16.21
CA MET E 553 -36.24 3.32 17.24
C MET E 553 -35.28 4.45 17.57
N LEU E 554 -34.05 4.09 17.91
CA LEU E 554 -33.00 5.06 18.12
C LEU E 554 -33.03 6.07 16.99
N ASN E 555 -33.06 5.57 15.75
CA ASN E 555 -33.07 6.44 14.57
C ASN E 555 -34.31 7.34 14.48
N ALA E 556 -35.46 6.73 14.67
CA ALA E 556 -36.73 7.43 14.48
C ALA E 556 -36.94 8.61 15.45
N THR E 557 -36.98 8.30 16.74
CA THR E 557 -37.01 9.26 17.84
C THR E 557 -36.00 10.39 17.60
N GLN E 558 -34.72 10.03 17.58
CA GLN E 558 -33.63 10.97 17.42
C GLN E 558 -33.93 11.91 16.29
N THR E 559 -34.63 11.38 15.28
CA THR E 559 -35.03 12.17 14.12
C THR E 559 -36.11 13.19 14.53
N ILE E 560 -37.27 12.69 14.99
CA ILE E 560 -38.41 13.55 15.34
C ILE E 560 -38.09 14.58 16.45
N VAL E 561 -37.18 14.24 17.37
CA VAL E 561 -36.81 15.20 18.41
C VAL E 561 -35.88 16.30 17.89
N ALA E 562 -34.97 15.94 16.97
CA ALA E 562 -34.13 16.93 16.29
C ALA E 562 -34.96 17.75 15.28
N ALA E 563 -36.08 17.16 14.87
CA ALA E 563 -37.00 17.79 13.95
C ALA E 563 -37.86 18.83 14.66
N GLU E 564 -38.47 18.45 15.79
CA GLU E 564 -39.32 19.38 16.54
C GLU E 564 -38.52 20.63 16.88
N ASN E 565 -37.25 20.48 17.19
CA ASN E 565 -36.42 21.61 17.60
C ASN E 565 -35.92 22.60 16.52
N ARG E 566 -35.79 22.16 15.27
CA ARG E 566 -35.40 23.06 14.15
C ARG E 566 -36.57 23.94 13.71
N LYS E 567 -36.63 25.13 14.29
CA LYS E 567 -37.62 26.14 13.96
C LYS E 567 -37.18 26.95 12.73
N GLU E 568 -37.42 26.37 11.54
CA GLU E 568 -36.97 26.91 10.22
C GLU E 568 -37.27 25.97 9.04
N SER E 569 -37.24 26.50 7.83
CA SER E 569 -37.41 25.67 6.64
C SER E 569 -36.16 25.62 5.74
N ARG E 570 -35.44 24.50 5.83
CA ARG E 570 -34.20 24.36 5.07
C ARG E 570 -34.04 22.97 4.45
N GLY E 571 -34.16 22.91 3.13
CA GLY E 571 -34.12 21.65 2.40
C GLY E 571 -35.43 20.92 2.56
N ALA E 572 -35.35 19.71 3.11
CA ALA E 572 -36.49 18.78 3.23
C ALA E 572 -37.32 19.03 4.49
N HIS E 573 -36.63 19.48 5.53
CA HIS E 573 -37.25 19.93 6.79
C HIS E 573 -37.86 21.30 6.56
N ALA E 574 -39.15 21.30 6.24
CA ALA E 574 -39.82 22.51 5.78
C ALA E 574 -41.02 22.86 6.65
N ARG E 575 -40.78 23.67 7.69
CA ARG E 575 -41.79 24.05 8.68
C ARG E 575 -42.76 25.06 8.10
N ASP E 576 -43.99 25.04 8.59
CA ASP E 576 -44.97 26.10 8.27
C ASP E 576 -44.96 27.21 9.31
N ASP E 577 -44.76 26.84 10.58
CA ASP E 577 -44.55 27.82 11.63
C ASP E 577 -43.25 28.60 11.44
N PHE E 578 -42.37 28.10 10.59
CA PHE E 578 -41.17 28.85 10.22
C PHE E 578 -40.90 28.59 8.74
N PRO E 579 -41.68 29.24 7.86
CA PRO E 579 -41.57 29.03 6.41
C PRO E 579 -40.22 29.47 5.88
N LYS E 580 -39.40 30.04 6.74
CA LYS E 580 -38.22 30.72 6.29
C LYS E 580 -36.96 30.14 6.87
N ARG E 581 -35.86 30.28 6.15
CA ARG E 581 -34.58 29.71 6.55
C ARG E 581 -33.91 30.60 7.62
N GLU E 582 -33.68 30.05 8.81
CA GLU E 582 -33.08 30.88 9.87
C GLU E 582 -31.56 30.94 9.76
N ASP E 583 -31.11 31.81 8.85
CA ASP E 583 -29.70 31.95 8.47
C ASP E 583 -28.87 32.73 9.52
N GLU E 584 -27.71 33.25 9.10
CA GLU E 584 -26.91 34.17 9.93
C GLU E 584 -27.31 35.59 9.60
N TYR E 585 -27.45 35.89 8.32
CA TYR E 585 -27.97 37.19 7.90
C TYR E 585 -29.36 36.95 7.31
N ASP E 586 -30.00 38.02 6.89
CA ASP E 586 -31.09 37.89 5.95
C ASP E 586 -30.51 38.06 4.53
N TYR E 587 -30.23 36.92 3.89
CA TYR E 587 -29.50 36.91 2.63
C TYR E 587 -30.37 37.31 1.44
N SER E 588 -31.56 37.84 1.70
CA SER E 588 -32.36 38.38 0.60
C SER E 588 -32.19 39.89 0.57
N LYS E 589 -31.37 40.37 1.50
CA LYS E 589 -31.15 41.81 1.69
C LYS E 589 -29.66 42.15 1.80
N PRO E 590 -29.26 43.22 1.07
CA PRO E 590 -27.91 43.75 0.78
C PRO E 590 -26.66 43.24 1.53
N ILE E 591 -26.77 42.95 2.84
CA ILE E 591 -25.59 42.63 3.71
C ILE E 591 -24.65 43.85 3.88
N GLU E 592 -24.87 44.85 3.01
CA GLU E 592 -24.24 46.17 3.05
C GLU E 592 -24.82 47.02 4.20
N GLY E 593 -24.43 46.67 5.42
CA GLY E 593 -24.89 47.38 6.61
C GLY E 593 -25.41 46.48 7.71
N GLN E 594 -25.22 45.17 7.59
CA GLN E 594 -25.71 44.25 8.61
C GLN E 594 -24.54 43.72 9.40
N THR E 595 -24.85 43.25 10.61
CA THR E 595 -23.90 42.44 11.43
C THR E 595 -24.52 41.09 11.92
N LYS E 596 -23.64 40.15 12.29
CA LYS E 596 -23.96 38.72 12.48
C LYS E 596 -24.97 38.37 13.60
N ARG E 597 -25.86 37.40 13.35
CA ARG E 597 -26.66 36.75 14.41
C ARG E 597 -25.85 35.59 15.03
N PRO E 598 -26.03 35.31 16.34
CA PRO E 598 -25.12 34.37 16.99
C PRO E 598 -25.54 32.92 16.86
N PHE E 599 -24.55 32.05 16.75
CA PHE E 599 -24.72 30.60 16.60
C PHE E 599 -25.96 29.99 17.31
N GLU E 600 -26.45 30.62 18.37
CA GLU E 600 -27.57 30.07 19.14
C GLU E 600 -28.88 30.51 18.54
N LYS E 601 -28.82 31.56 17.75
CA LYS E 601 -30.04 32.22 17.28
C LYS E 601 -30.30 32.08 15.78
N HIS E 602 -29.32 31.60 15.03
CA HIS E 602 -29.59 31.08 13.67
C HIS E 602 -29.58 29.55 13.60
N TRP E 603 -29.93 29.03 12.42
CA TRP E 603 -30.09 27.58 12.24
C TRP E 603 -29.07 26.91 11.31
N ARG E 604 -28.24 27.71 10.64
CA ARG E 604 -27.15 27.17 9.83
C ARG E 604 -26.12 26.48 10.66
N LYS E 605 -26.60 25.38 11.25
CA LYS E 605 -25.83 24.57 12.15
C LYS E 605 -26.36 23.15 12.14
N HIS E 606 -25.44 22.20 12.18
CA HIS E 606 -25.80 20.80 12.25
C HIS E 606 -26.50 20.48 13.58
N THR E 607 -27.15 19.32 13.65
CA THR E 607 -28.02 18.95 14.77
C THR E 607 -27.61 17.67 15.49
N LEU E 608 -26.81 17.79 16.53
CA LEU E 608 -26.29 16.59 17.18
C LEU E 608 -27.23 15.94 18.21
N THR E 609 -28.14 15.08 17.73
CA THR E 609 -28.95 14.28 18.64
C THR E 609 -28.03 13.23 19.27
N LYS E 610 -27.79 13.41 20.57
CA LYS E 610 -27.07 12.44 21.40
C LYS E 610 -28.10 11.64 22.18
N GLN E 611 -27.94 10.32 22.30
CA GLN E 611 -29.02 9.54 22.88
C GLN E 611 -28.55 8.46 23.84
N ASP E 612 -29.46 8.05 24.72
CA ASP E 612 -29.20 7.00 25.69
C ASP E 612 -29.72 5.63 25.18
N PRO E 613 -28.80 4.63 25.09
CA PRO E 613 -29.13 3.22 24.78
C PRO E 613 -30.39 2.67 25.48
N ARG E 614 -30.51 2.95 26.79
CA ARG E 614 -31.54 2.36 27.64
C ARG E 614 -32.63 3.39 27.83
N THR E 615 -32.35 4.41 28.65
CA THR E 615 -33.36 5.43 29.02
C THR E 615 -34.01 6.14 27.81
N GLY E 616 -33.21 6.42 26.79
CA GLY E 616 -33.76 6.99 25.56
C GLY E 616 -33.99 8.47 25.64
N HIS E 617 -33.46 9.08 26.69
CA HIS E 617 -33.52 10.53 26.81
C HIS E 617 -32.63 11.17 25.74
N ILE E 618 -33.23 12.04 24.93
CA ILE E 618 -32.50 12.73 23.87
C ILE E 618 -32.04 14.11 24.33
N THR E 619 -30.74 14.29 24.40
CA THR E 619 -30.20 15.60 24.71
C THR E 619 -29.71 16.16 23.40
N LEU E 620 -29.98 17.43 23.13
CA LEU E 620 -29.50 17.96 21.85
C LEU E 620 -28.10 18.63 21.95
N ASP E 621 -27.79 19.46 20.94
CA ASP E 621 -26.50 20.14 20.78
C ASP E 621 -26.38 20.44 19.30
N TYR E 622 -25.55 21.45 18.96
CA TYR E 622 -25.48 21.97 17.60
C TYR E 622 -24.05 22.32 17.22
N ARG E 623 -23.66 21.91 16.01
CA ARG E 623 -22.30 22.14 15.50
C ARG E 623 -22.31 23.07 14.30
N PRO E 624 -21.30 23.96 14.18
CA PRO E 624 -21.27 24.93 13.06
C PRO E 624 -21.11 24.27 11.68
N VAL E 625 -21.56 24.95 10.62
CA VAL E 625 -21.33 24.46 9.24
C VAL E 625 -19.95 24.90 8.72
N ILE E 626 -19.07 23.90 8.49
CA ILE E 626 -17.71 24.10 7.95
C ILE E 626 -17.79 24.75 6.57
N ASP E 627 -17.24 25.94 6.44
CA ASP E 627 -17.35 26.71 5.18
C ASP E 627 -16.09 26.93 4.35
N LYS E 628 -14.92 26.74 4.98
CA LYS E 628 -13.62 26.66 4.31
C LYS E 628 -13.71 25.62 3.19
N THR E 629 -13.19 25.88 1.97
CA THR E 629 -13.02 24.78 0.99
C THR E 629 -11.87 23.85 1.42
N LEU E 630 -11.22 23.16 0.49
CA LEU E 630 -10.09 22.39 0.97
C LEU E 630 -8.72 22.99 0.69
N ASP E 631 -8.70 23.96 -0.22
CA ASP E 631 -7.54 24.75 -0.52
C ASP E 631 -8.18 25.95 -1.16
N PRO E 632 -8.23 27.08 -0.42
CA PRO E 632 -8.81 28.32 -0.96
C PRO E 632 -8.30 28.63 -2.37
N ALA E 633 -7.05 28.23 -2.64
CA ALA E 633 -6.42 28.36 -3.96
C ALA E 633 -7.19 27.61 -5.03
N GLU E 634 -7.45 26.32 -4.76
CA GLU E 634 -8.04 25.39 -5.73
C GLU E 634 -9.49 25.75 -6.14
N VAL E 635 -10.23 26.32 -5.17
CA VAL E 635 -11.50 27.06 -5.37
C VAL E 635 -11.95 27.73 -4.08
N ASP E 636 -12.87 28.70 -4.22
CA ASP E 636 -13.37 29.52 -3.11
C ASP E 636 -14.60 28.90 -2.47
N TRP E 637 -14.92 29.35 -1.27
CA TRP E 637 -16.19 28.99 -0.64
C TRP E 637 -17.36 29.68 -1.36
N ILE E 638 -18.56 29.14 -1.19
CA ILE E 638 -19.76 29.69 -1.84
C ILE E 638 -20.67 30.43 -0.84
N PRO E 639 -20.91 31.75 -1.10
CA PRO E 639 -21.72 32.46 -0.14
C PRO E 639 -23.16 32.01 -0.36
N PRO E 640 -23.94 31.91 0.72
CA PRO E 640 -25.37 31.69 0.58
C PRO E 640 -26.05 32.73 -0.31
N ILE E 641 -27.00 32.31 -1.15
CA ILE E 641 -28.07 33.20 -1.61
C ILE E 641 -29.42 32.55 -1.36
N ILE E 642 -30.50 33.28 -1.64
CA ILE E 642 -31.83 32.68 -1.67
C ILE E 642 -31.80 31.52 -2.66
N ARG E 643 -32.25 30.36 -2.20
CA ARG E 643 -32.14 29.11 -2.95
C ARG E 643 -33.35 28.89 -3.85
N SER E 644 -33.26 29.35 -5.10
CA SER E 644 -34.40 29.28 -6.01
C SER E 644 -34.14 28.53 -7.32
N TYR E 645 -35.13 27.76 -7.76
CA TYR E 645 -35.08 27.08 -9.06
C TYR E 645 -36.30 27.45 -9.94
N LYS F 33 -65.91 -13.46 3.24
CA LYS F 33 -64.47 -13.08 2.91
C LYS F 33 -63.67 -14.19 2.20
N ARG F 34 -62.70 -13.80 1.37
CA ARG F 34 -61.96 -14.82 0.55
C ARG F 34 -60.51 -15.11 0.94
N ILE F 35 -60.30 -16.32 1.45
CA ILE F 35 -59.06 -16.68 2.10
C ILE F 35 -58.19 -17.50 1.12
N LYS F 36 -56.99 -16.98 0.89
CA LYS F 36 -55.96 -17.67 0.09
C LYS F 36 -55.19 -18.57 1.04
N THR F 37 -54.82 -19.73 0.54
CA THR F 37 -54.35 -20.76 1.39
C THR F 37 -53.07 -21.28 0.78
N PHE F 38 -51.95 -20.90 1.42
CA PHE F 38 -50.58 -21.25 1.00
C PHE F 38 -50.03 -22.43 1.82
N GLU F 39 -49.32 -23.35 1.15
CA GLU F 39 -48.55 -24.42 1.79
C GLU F 39 -47.11 -24.00 1.67
N ILE F 40 -46.33 -24.11 2.73
CA ILE F 40 -44.92 -23.72 2.66
C ILE F 40 -43.97 -24.78 3.23
N TYR F 41 -42.98 -25.19 2.45
CA TYR F 41 -41.85 -25.95 2.97
C TYR F 41 -41.47 -25.31 4.28
N ARG F 42 -41.29 -26.12 5.32
CA ARG F 42 -40.80 -25.60 6.57
C ARG F 42 -39.67 -26.47 7.04
N PHE F 43 -38.66 -25.85 7.61
CA PHE F 43 -37.59 -26.62 8.19
C PHE F 43 -37.08 -25.95 9.44
N ASN F 44 -36.78 -26.76 10.44
CA ASN F 44 -36.07 -26.26 11.58
C ASN F 44 -34.87 -27.15 11.89
N PRO F 45 -33.66 -26.60 11.75
CA PRO F 45 -32.46 -27.38 12.01
C PRO F 45 -32.24 -27.59 13.50
N GLU F 46 -32.99 -26.85 14.32
CA GLU F 46 -32.83 -26.90 15.77
C GLU F 46 -33.30 -28.24 16.29
N GLU F 47 -34.62 -28.38 16.42
CA GLU F 47 -35.26 -29.63 16.86
C GLU F 47 -34.51 -30.90 16.41
N PRO F 48 -33.99 -31.68 17.39
CA PRO F 48 -32.87 -32.66 17.25
C PRO F 48 -33.01 -33.81 16.19
N GLY F 49 -32.92 -33.44 14.91
CA GLY F 49 -33.15 -34.36 13.76
C GLY F 49 -34.59 -34.42 13.26
N ALA F 50 -35.35 -33.33 13.43
CA ALA F 50 -36.75 -33.24 12.96
C ALA F 50 -36.79 -33.16 11.43
N LYS F 51 -37.79 -33.82 10.83
CA LYS F 51 -37.77 -34.06 9.38
C LYS F 51 -38.72 -33.14 8.62
N PRO F 52 -38.18 -32.34 7.66
CA PRO F 52 -38.82 -31.20 6.98
C PRO F 52 -40.32 -31.33 6.65
N LYS F 53 -41.16 -30.64 7.44
CA LYS F 53 -42.65 -30.67 7.28
C LYS F 53 -43.16 -29.78 6.12
N LEU F 54 -44.45 -29.80 5.86
CA LEU F 54 -45.03 -28.87 4.90
C LEU F 54 -46.27 -28.12 5.39
N GLN F 55 -46.08 -27.09 6.22
CA GLN F 55 -47.16 -26.35 6.95
C GLN F 55 -48.03 -25.49 6.04
N LYS F 56 -49.22 -25.14 6.50
CA LYS F 56 -50.29 -24.55 5.65
C LYS F 56 -50.94 -23.27 6.24
N PHE F 57 -51.05 -22.21 5.44
CA PHE F 57 -51.23 -20.84 5.99
C PHE F 57 -52.36 -20.01 5.39
N ASP F 58 -53.45 -19.84 6.14
CA ASP F 58 -54.63 -19.17 5.61
C ASP F 58 -54.48 -17.66 5.66
N VAL F 59 -54.83 -16.98 4.57
CA VAL F 59 -54.63 -15.53 4.48
C VAL F 59 -55.67 -14.79 3.63
N ASP F 60 -56.40 -13.90 4.30
CA ASP F 60 -57.38 -13.01 3.67
C ASP F 60 -56.68 -12.06 2.69
N LEU F 61 -56.68 -12.48 1.44
CA LEU F 61 -56.21 -11.70 0.31
C LEU F 61 -56.65 -10.26 0.22
N ASP F 62 -57.80 -9.94 0.85
CA ASP F 62 -58.42 -8.60 0.81
C ASP F 62 -57.67 -7.60 1.67
N LYS F 63 -57.02 -8.11 2.71
CA LYS F 63 -56.22 -7.31 3.64
C LYS F 63 -54.79 -7.83 3.58
N CYS F 64 -54.24 -7.86 2.38
CA CYS F 64 -52.91 -8.35 2.13
C CYS F 64 -52.43 -7.69 0.87
N GLY F 65 -51.11 -7.69 0.70
CA GLY F 65 -50.51 -7.20 -0.53
C GLY F 65 -50.95 -7.94 -1.76
N THR F 66 -50.37 -7.54 -2.88
CA THR F 66 -50.75 -8.06 -4.18
C THR F 66 -49.94 -9.30 -4.57
N MET F 67 -48.75 -9.47 -3.97
CA MET F 67 -47.67 -10.38 -4.43
C MET F 67 -47.30 -11.43 -3.39
N VAL F 68 -46.83 -12.60 -3.84
CA VAL F 68 -46.43 -13.64 -2.87
C VAL F 68 -45.66 -13.10 -1.67
N LEU F 69 -44.52 -12.47 -1.93
CA LEU F 69 -43.72 -11.93 -0.85
C LEU F 69 -44.64 -11.24 0.15
N ASP F 70 -45.58 -10.41 -0.30
CA ASP F 70 -46.41 -9.59 0.62
C ASP F 70 -47.07 -10.44 1.69
N ALA F 71 -47.59 -11.60 1.28
CA ALA F 71 -48.26 -12.57 2.15
C ALA F 71 -47.32 -13.44 3.00
N LEU F 72 -46.12 -13.75 2.51
CA LEU F 72 -45.11 -14.33 3.41
C LEU F 72 -44.97 -13.37 4.56
N ILE F 73 -44.43 -12.18 4.25
CA ILE F 73 -44.28 -11.06 5.22
C ILE F 73 -45.50 -10.91 6.13
N LYS F 74 -46.70 -10.90 5.53
CA LYS F 74 -47.95 -10.97 6.28
C LYS F 74 -47.95 -12.13 7.26
N ILE F 75 -47.83 -13.38 6.80
CA ILE F 75 -47.98 -14.51 7.72
C ILE F 75 -46.84 -14.70 8.72
N LYS F 76 -45.74 -14.01 8.50
CA LYS F 76 -44.67 -13.99 9.49
C LYS F 76 -45.18 -13.16 10.65
N ASN F 77 -45.72 -12.00 10.28
CA ASN F 77 -46.14 -10.92 11.20
C ASN F 77 -47.46 -11.17 11.94
N GLU F 78 -48.22 -12.16 11.47
CA GLU F 78 -49.62 -12.33 11.86
C GLU F 78 -50.05 -13.79 11.98
N VAL F 79 -49.16 -14.74 11.70
CA VAL F 79 -49.51 -16.15 11.93
C VAL F 79 -48.42 -16.91 12.67
N ASP F 80 -47.18 -16.74 12.21
CA ASP F 80 -46.07 -17.60 12.62
C ASP F 80 -44.75 -16.87 12.34
N PRO F 81 -44.20 -16.18 13.36
CA PRO F 81 -42.89 -15.63 13.10
C PRO F 81 -41.74 -16.66 12.99
N THR F 82 -41.96 -17.95 13.27
CA THR F 82 -40.88 -18.98 13.09
C THR F 82 -40.56 -19.29 11.62
N LEU F 83 -41.20 -18.52 10.74
CA LEU F 83 -41.10 -18.69 9.30
C LEU F 83 -39.98 -17.82 8.81
N THR F 84 -39.05 -18.41 8.06
CA THR F 84 -37.88 -17.64 7.64
C THR F 84 -37.75 -17.59 6.12
N PHE F 85 -37.30 -16.46 5.57
CA PHE F 85 -37.07 -16.27 4.11
C PHE F 85 -36.30 -14.96 3.90
N ARG F 86 -35.42 -14.88 2.90
CA ARG F 86 -34.61 -13.66 2.68
C ARG F 86 -35.45 -12.63 2.01
N ARG F 87 -35.13 -11.35 2.16
CA ARG F 87 -35.81 -10.31 1.40
C ARG F 87 -35.16 -8.95 1.52
N SER F 88 -35.22 -8.16 0.46
CA SER F 88 -34.91 -6.74 0.54
C SER F 88 -35.66 -5.97 -0.54
N CYS F 89 -34.92 -5.49 -1.53
CA CYS F 89 -35.36 -4.50 -2.58
C CYS F 89 -36.82 -4.11 -2.58
N ARG F 90 -37.66 -5.15 -2.53
CA ARG F 90 -39.15 -5.10 -2.58
C ARG F 90 -39.78 -4.81 -4.00
N GLU F 91 -38.95 -4.34 -4.96
CA GLU F 91 -39.28 -4.09 -6.39
C GLU F 91 -38.55 -5.04 -7.39
N GLY F 92 -38.25 -6.24 -6.92
CA GLY F 92 -37.67 -7.27 -7.75
C GLY F 92 -36.30 -7.02 -8.33
N ILE F 93 -35.43 -6.32 -7.58
CA ILE F 93 -34.15 -5.87 -8.14
C ILE F 93 -32.92 -6.51 -7.52
N CYS F 94 -33.09 -7.18 -6.39
CA CYS F 94 -31.94 -7.72 -5.63
C CYS F 94 -31.72 -9.25 -5.73
N GLY F 95 -32.82 -10.01 -5.68
CA GLY F 95 -32.78 -11.47 -5.86
C GLY F 95 -32.67 -12.25 -4.56
N SER F 96 -33.01 -11.57 -3.47
CA SER F 96 -32.90 -12.19 -2.16
C SER F 96 -34.00 -13.22 -1.99
N CYS F 97 -35.18 -12.84 -2.51
CA CYS F 97 -36.42 -13.59 -2.31
C CYS F 97 -36.67 -14.65 -3.34
N ALA F 98 -35.60 -15.26 -3.85
CA ALA F 98 -35.73 -16.28 -4.89
C ALA F 98 -36.14 -17.59 -4.24
N MET F 99 -37.22 -18.16 -4.75
CA MET F 99 -37.82 -19.32 -4.14
C MET F 99 -38.76 -19.92 -5.12
N ASN F 100 -39.25 -21.13 -4.82
CA ASN F 100 -40.10 -21.87 -5.75
C ASN F 100 -41.58 -21.70 -5.49
N ILE F 101 -42.18 -20.89 -6.32
CA ILE F 101 -43.58 -20.50 -6.16
C ILE F 101 -44.37 -21.21 -7.22
N ALA F 102 -45.43 -21.90 -6.80
CA ALA F 102 -46.26 -22.67 -7.73
C ALA F 102 -45.36 -23.60 -8.56
N GLY F 103 -44.56 -24.45 -7.88
CA GLY F 103 -43.59 -25.32 -8.56
C GLY F 103 -42.67 -24.72 -9.64
N GLU F 104 -42.49 -23.39 -9.68
CA GLU F 104 -41.50 -22.72 -10.56
C GLU F 104 -40.52 -21.84 -9.75
N ASN F 105 -39.26 -21.71 -10.18
CA ASN F 105 -38.35 -20.72 -9.56
C ASN F 105 -38.59 -19.34 -10.07
N THR F 106 -38.61 -18.37 -9.18
CA THR F 106 -38.89 -17.02 -9.61
C THR F 106 -38.73 -16.05 -8.44
N LEU F 107 -39.01 -14.78 -8.68
CA LEU F 107 -38.82 -13.83 -7.62
C LEU F 107 -40.13 -13.68 -6.86
N ALA F 108 -40.05 -13.93 -5.56
CA ALA F 108 -41.19 -13.83 -4.69
C ALA F 108 -41.70 -12.42 -4.61
N CYS F 109 -40.88 -11.42 -4.89
CA CYS F 109 -41.38 -10.05 -4.71
C CYS F 109 -42.29 -9.56 -5.83
N ILE F 110 -42.04 -10.04 -7.03
CA ILE F 110 -42.75 -9.52 -8.18
C ILE F 110 -43.66 -10.58 -8.78
N CYS F 111 -44.14 -11.46 -7.92
CA CYS F 111 -44.94 -12.56 -8.35
C CYS F 111 -46.32 -12.36 -7.75
N ASN F 112 -47.30 -12.19 -8.63
CA ASN F 112 -48.69 -11.97 -8.24
C ASN F 112 -49.28 -13.14 -7.46
N ILE F 113 -49.82 -12.87 -6.28
CA ILE F 113 -50.42 -13.92 -5.49
C ILE F 113 -51.47 -14.48 -6.38
N ASP F 114 -51.60 -15.81 -6.44
CA ASP F 114 -52.66 -16.37 -7.30
C ASP F 114 -54.05 -16.11 -6.78
N GLN F 115 -54.82 -15.40 -7.60
CA GLN F 115 -56.14 -14.92 -7.21
C GLN F 115 -57.12 -16.01 -6.79
N ASN F 116 -57.11 -17.15 -7.47
CA ASN F 116 -58.01 -18.23 -7.15
C ASN F 116 -57.84 -18.80 -5.75
N THR F 117 -58.85 -18.49 -4.92
CA THR F 117 -58.95 -18.79 -3.49
C THR F 117 -59.11 -20.29 -3.14
N SER F 118 -59.54 -21.03 -4.17
CA SER F 118 -59.83 -22.46 -4.09
C SER F 118 -58.64 -23.31 -4.56
N LYS F 119 -57.71 -22.69 -5.30
CA LYS F 119 -56.41 -23.30 -5.49
C LYS F 119 -55.65 -23.12 -4.20
N THR F 120 -54.75 -24.04 -3.95
CA THR F 120 -53.76 -23.80 -2.92
C THR F 120 -52.46 -23.47 -3.65
N THR F 121 -51.83 -22.34 -3.36
CA THR F 121 -50.59 -21.91 -4.04
C THR F 121 -49.32 -22.27 -3.25
N LYS F 122 -48.53 -23.23 -3.73
CA LYS F 122 -47.48 -23.81 -2.87
C LYS F 122 -45.96 -23.63 -3.15
N ILE F 123 -45.28 -23.33 -2.04
CA ILE F 123 -43.96 -22.70 -1.91
C ILE F 123 -42.87 -23.66 -1.43
N TYR F 124 -41.69 -23.60 -2.06
CA TYR F 124 -40.50 -24.36 -1.63
C TYR F 124 -39.24 -23.53 -1.82
N PRO F 125 -38.10 -24.04 -1.38
CA PRO F 125 -36.94 -23.18 -1.54
C PRO F 125 -36.20 -23.62 -2.79
N LEU F 126 -35.44 -22.70 -3.40
CA LEU F 126 -34.70 -23.01 -4.65
C LEU F 126 -34.33 -24.50 -4.78
N PRO F 127 -34.86 -25.14 -5.81
CA PRO F 127 -34.62 -26.55 -6.00
C PRO F 127 -33.16 -26.99 -5.92
N HIS F 128 -32.94 -27.99 -5.07
CA HIS F 128 -31.68 -28.71 -4.93
C HIS F 128 -30.57 -27.89 -4.39
N MET F 129 -30.91 -26.79 -3.74
CA MET F 129 -29.98 -26.15 -2.84
C MET F 129 -30.19 -26.87 -1.51
N PHE F 130 -29.22 -26.80 -0.61
CA PHE F 130 -29.44 -27.26 0.75
C PHE F 130 -30.22 -26.17 1.49
N VAL F 131 -31.04 -26.56 2.46
CA VAL F 131 -31.76 -25.57 3.26
C VAL F 131 -31.14 -25.36 4.63
N ILE F 132 -30.67 -24.14 4.85
CA ILE F 132 -30.30 -23.71 6.19
C ILE F 132 -31.59 -23.86 7.00
N LYS F 133 -32.51 -22.90 6.85
CA LYS F 133 -33.78 -22.93 7.56
C LYS F 133 -34.93 -22.60 6.60
N ASP F 134 -36.07 -23.31 6.72
CA ASP F 134 -37.31 -22.90 6.06
C ASP F 134 -37.19 -22.69 4.55
N LEU F 135 -37.28 -21.45 4.09
CA LEU F 135 -37.21 -21.18 2.67
C LEU F 135 -35.85 -20.69 2.26
N VAL F 136 -34.94 -20.60 3.23
CA VAL F 136 -33.62 -20.00 3.01
C VAL F 136 -32.48 -20.98 2.66
N PRO F 137 -32.01 -20.91 1.39
CA PRO F 137 -31.13 -21.91 0.81
C PRO F 137 -29.66 -21.57 0.92
N ASP F 138 -28.82 -22.60 0.99
CA ASP F 138 -27.35 -22.37 0.94
C ASP F 138 -26.83 -22.05 -0.45
N MET F 139 -26.59 -20.76 -0.59
CA MET F 139 -26.29 -20.07 -1.81
C MET F 139 -24.76 -20.06 -2.05
N ASN F 140 -24.04 -20.81 -1.20
CA ASN F 140 -22.60 -20.66 -1.10
C ASN F 140 -21.75 -21.34 -2.14
N LEU F 141 -22.23 -22.45 -2.67
CA LEU F 141 -21.59 -22.99 -3.82
C LEU F 141 -21.77 -21.93 -4.88
N PHE F 142 -23.03 -21.57 -5.10
CA PHE F 142 -23.37 -20.59 -6.12
C PHE F 142 -22.55 -19.33 -5.94
N TYR F 143 -22.14 -19.00 -4.73
CA TYR F 143 -21.30 -17.82 -4.63
C TYR F 143 -19.87 -18.02 -5.12
N ALA F 144 -19.22 -19.07 -4.65
CA ALA F 144 -17.87 -19.42 -5.11
C ALA F 144 -17.74 -19.42 -6.65
N GLN F 145 -18.74 -19.96 -7.31
CA GLN F 145 -18.77 -20.10 -8.75
C GLN F 145 -18.71 -18.75 -9.48
N TYR F 146 -19.66 -17.86 -9.24
CA TYR F 146 -19.62 -16.52 -9.85
C TYR F 146 -18.27 -15.90 -9.62
N ALA F 147 -17.76 -16.10 -8.42
CA ALA F 147 -16.47 -15.55 -8.00
C ALA F 147 -15.28 -16.22 -8.74
N SER F 148 -15.47 -17.45 -9.19
CA SER F 148 -14.44 -18.17 -9.95
C SER F 148 -14.23 -17.66 -11.39
N ILE F 149 -15.22 -16.97 -11.96
CA ILE F 149 -15.09 -16.53 -13.31
C ILE F 149 -14.23 -15.27 -13.38
N GLN F 150 -13.97 -14.70 -12.21
CA GLN F 150 -13.19 -13.49 -12.07
C GLN F 150 -13.93 -12.29 -12.61
N PRO F 151 -15.00 -11.88 -11.94
CA PRO F 151 -15.96 -11.06 -12.62
C PRO F 151 -15.60 -9.61 -12.48
N TRP F 152 -14.49 -9.26 -13.09
CA TRP F 152 -14.06 -7.89 -13.14
C TRP F 152 -13.52 -7.62 -14.53
N LEU F 153 -12.98 -6.41 -14.76
CA LEU F 153 -12.39 -6.09 -16.06
C LEU F 153 -10.96 -6.38 -15.90
N GLN F 154 -10.43 -7.12 -16.88
CA GLN F 154 -8.97 -7.31 -17.03
C GLN F 154 -8.45 -6.91 -18.41
N LYS F 155 -7.26 -6.30 -18.42
CA LYS F 155 -6.61 -5.85 -19.64
C LYS F 155 -5.21 -6.47 -19.69
N LYS F 156 -4.67 -6.69 -20.88
CA LYS F 156 -3.29 -7.22 -20.99
C LYS F 156 -2.24 -6.18 -20.54
N THR F 157 -2.35 -4.95 -21.07
CA THR F 157 -1.48 -3.81 -20.72
C THR F 157 -2.10 -2.94 -19.62
N LYS F 158 -1.53 -3.01 -18.42
CA LYS F 158 -2.02 -2.28 -17.25
C LYS F 158 -2.40 -0.83 -17.62
N ILE F 159 -3.64 -0.46 -17.28
CA ILE F 159 -4.13 0.90 -17.52
C ILE F 159 -3.91 1.73 -16.23
N ASN F 160 -3.75 3.05 -16.42
CA ASN F 160 -3.50 3.98 -15.31
C ASN F 160 -4.82 4.39 -14.68
N LEU F 161 -5.02 4.01 -13.41
CA LEU F 161 -6.37 3.83 -12.87
C LEU F 161 -7.42 4.89 -13.25
N GLY F 162 -7.43 6.04 -12.59
CA GLY F 162 -8.51 7.00 -12.83
C GLY F 162 -8.28 7.94 -13.99
N GLU F 163 -7.27 7.67 -14.80
CA GLU F 163 -6.77 8.66 -15.78
C GLU F 163 -7.64 8.89 -17.02
N LYS F 164 -8.36 7.88 -17.49
CA LYS F 164 -9.38 8.08 -18.53
C LYS F 164 -10.33 6.93 -18.79
N GLN F 165 -11.49 7.25 -19.33
CA GLN F 165 -12.44 6.26 -19.81
C GLN F 165 -11.79 5.44 -20.90
N GLN F 166 -11.99 4.13 -20.91
CA GLN F 166 -11.69 3.35 -22.10
C GLN F 166 -12.74 3.61 -23.21
N TYR F 167 -12.45 3.22 -24.45
CA TYR F 167 -13.44 3.38 -25.50
C TYR F 167 -14.32 2.15 -25.56
N GLN F 168 -15.57 2.34 -25.95
CA GLN F 168 -16.44 1.24 -26.30
C GLN F 168 -17.58 1.83 -27.08
N SER F 169 -17.75 1.39 -28.32
CA SER F 169 -18.78 1.97 -29.16
C SER F 169 -20.16 1.59 -28.60
N ILE F 170 -21.16 2.44 -28.84
CA ILE F 170 -22.50 2.13 -28.36
C ILE F 170 -22.85 0.73 -28.84
N LYS F 171 -22.49 0.44 -30.09
CA LYS F 171 -22.81 -0.83 -30.73
C LYS F 171 -22.10 -2.05 -30.11
N GLU F 172 -20.98 -1.81 -29.40
CA GLU F 172 -20.34 -2.83 -28.53
C GLU F 172 -21.02 -2.93 -27.15
N GLN F 173 -21.13 -1.82 -26.40
CA GLN F 173 -21.76 -1.89 -25.04
C GLN F 173 -23.13 -2.53 -25.08
N GLU F 174 -23.82 -2.32 -26.21
CA GLU F 174 -25.16 -2.88 -26.50
C GLU F 174 -25.13 -4.44 -26.46
N LYS F 175 -23.93 -4.97 -26.68
CA LYS F 175 -23.71 -6.40 -26.68
C LYS F 175 -23.83 -6.96 -25.28
N LEU F 176 -23.50 -6.11 -24.30
CA LEU F 176 -23.67 -6.40 -22.87
C LEU F 176 -25.11 -6.37 -22.36
N ASP F 177 -26.03 -5.82 -23.16
CA ASP F 177 -27.46 -5.73 -22.83
C ASP F 177 -28.06 -7.11 -22.88
N GLY F 178 -28.87 -7.42 -21.88
CA GLY F 178 -29.41 -8.78 -21.71
C GLY F 178 -28.48 -9.69 -20.92
N LEU F 179 -27.28 -9.17 -20.68
CA LEU F 179 -26.20 -9.88 -20.03
C LEU F 179 -25.84 -9.32 -18.63
N TYR F 180 -25.80 -7.99 -18.48
CA TYR F 180 -25.37 -7.34 -17.22
C TYR F 180 -26.53 -7.14 -16.26
N GLU F 181 -27.74 -7.44 -16.73
CA GLU F 181 -28.91 -7.30 -15.90
C GLU F 181 -28.92 -8.34 -14.78
N CYS F 182 -28.31 -9.51 -15.02
CA CYS F 182 -28.51 -10.65 -14.15
C CYS F 182 -28.36 -10.20 -12.74
N ILE F 183 -29.33 -10.54 -11.89
CA ILE F 183 -29.35 -10.08 -10.46
C ILE F 183 -28.85 -11.12 -9.44
N LEU F 184 -28.31 -12.21 -9.99
CA LEU F 184 -27.60 -13.21 -9.21
C LEU F 184 -28.55 -13.66 -8.16
N CYS F 185 -29.69 -14.19 -8.64
CA CYS F 185 -30.82 -14.63 -7.81
C CYS F 185 -30.88 -16.13 -7.73
N ALA F 186 -30.12 -16.75 -8.62
CA ALA F 186 -29.87 -18.19 -8.66
C ALA F 186 -31.07 -19.00 -9.16
N CYS F 187 -32.14 -18.31 -9.55
CA CYS F 187 -33.32 -19.00 -10.00
C CYS F 187 -33.05 -19.94 -11.12
N CYS F 188 -32.34 -19.44 -12.14
CA CYS F 188 -32.00 -20.23 -13.32
C CYS F 188 -31.25 -21.46 -12.92
N SER F 189 -30.01 -21.28 -12.46
CA SER F 189 -29.18 -22.38 -12.01
C SER F 189 -30.02 -23.41 -11.25
N ALA F 190 -30.69 -22.98 -10.20
CA ALA F 190 -31.43 -23.89 -9.35
C ALA F 190 -32.70 -24.41 -10.02
N SER F 191 -32.92 -24.06 -11.29
CA SER F 191 -33.98 -24.68 -12.08
C SER F 191 -33.34 -25.48 -13.21
N CYS F 192 -32.01 -25.41 -13.35
CA CYS F 192 -31.28 -26.34 -14.27
C CYS F 192 -31.03 -27.69 -13.63
N PRO F 193 -31.70 -28.75 -14.16
CA PRO F 193 -31.58 -30.08 -13.57
C PRO F 193 -30.14 -30.59 -13.51
N SER F 194 -29.33 -30.24 -14.51
CA SER F 194 -27.90 -30.59 -14.46
C SER F 194 -27.16 -29.86 -13.38
N TYR F 195 -27.64 -28.68 -13.01
CA TYR F 195 -27.10 -28.01 -11.85
C TYR F 195 -27.52 -28.74 -10.58
N TRP F 196 -28.74 -29.28 -10.58
CA TRP F 196 -29.21 -30.08 -9.45
C TRP F 196 -28.26 -31.24 -9.25
N TRP F 197 -27.94 -31.93 -10.37
CA TRP F 197 -27.21 -33.22 -10.34
C TRP F 197 -25.69 -33.14 -10.05
N ASN F 198 -25.03 -32.12 -10.59
CA ASN F 198 -23.59 -31.94 -10.40
C ASN F 198 -23.22 -30.51 -10.18
N ALA F 199 -24.04 -29.77 -9.44
CA ALA F 199 -23.65 -28.41 -9.07
C ALA F 199 -22.13 -28.24 -8.67
N ASP F 200 -21.46 -29.32 -8.26
CA ASP F 200 -20.09 -29.23 -7.78
C ASP F 200 -19.12 -28.98 -8.92
N LYS F 201 -19.45 -29.53 -10.11
CA LYS F 201 -18.62 -29.40 -11.33
C LYS F 201 -19.13 -28.38 -12.38
N TYR F 202 -20.40 -28.55 -12.79
CA TYR F 202 -21.07 -27.67 -13.77
C TYR F 202 -21.40 -26.29 -13.19
N LEU F 203 -20.82 -25.23 -13.77
CA LEU F 203 -21.02 -23.86 -13.29
C LEU F 203 -22.47 -23.35 -13.21
N GLY F 204 -23.36 -23.90 -14.05
CA GLY F 204 -24.77 -23.48 -14.06
C GLY F 204 -25.11 -22.06 -14.49
N PRO F 205 -26.08 -21.95 -15.41
CA PRO F 205 -26.44 -20.86 -16.28
C PRO F 205 -25.92 -19.51 -15.85
N ALA F 206 -26.47 -19.04 -14.73
CA ALA F 206 -26.16 -17.72 -14.19
C ALA F 206 -24.65 -17.41 -14.29
N VAL F 207 -23.89 -18.20 -13.54
CA VAL F 207 -22.45 -18.08 -13.45
C VAL F 207 -21.88 -18.12 -14.83
N LEU F 208 -22.35 -19.05 -15.67
CA LEU F 208 -21.87 -19.13 -17.05
C LEU F 208 -22.19 -17.88 -17.84
N MET F 209 -23.49 -17.55 -17.89
CA MET F 209 -23.92 -16.39 -18.61
C MET F 209 -23.06 -15.21 -18.16
N GLN F 210 -22.73 -15.17 -16.88
CA GLN F 210 -21.99 -14.03 -16.38
C GLN F 210 -20.60 -14.07 -16.91
N ALA F 211 -20.05 -15.29 -16.94
CA ALA F 211 -18.69 -15.55 -17.34
C ALA F 211 -18.49 -15.04 -18.75
N TYR F 212 -19.60 -15.06 -19.49
CA TYR F 212 -19.70 -14.63 -20.87
C TYR F 212 -19.83 -13.11 -21.00
N ARG F 213 -20.63 -12.55 -20.09
CA ARG F 213 -20.87 -11.11 -20.03
C ARG F 213 -19.50 -10.46 -20.01
N TRP F 214 -18.57 -11.18 -19.40
CA TRP F 214 -17.24 -10.70 -19.32
C TRP F 214 -16.38 -11.01 -20.55
N ILE F 215 -16.52 -12.17 -21.17
CA ILE F 215 -15.64 -12.44 -22.31
C ILE F 215 -15.87 -11.44 -23.43
N ILE F 216 -17.16 -11.23 -23.80
CA ILE F 216 -17.49 -10.32 -24.94
C ILE F 216 -17.60 -8.83 -24.65
N ASP F 217 -17.07 -8.41 -23.50
CA ASP F 217 -16.84 -6.97 -23.21
C ASP F 217 -15.73 -6.50 -24.15
N SER F 218 -16.08 -5.58 -25.06
CA SER F 218 -15.11 -4.90 -25.90
C SER F 218 -13.79 -4.66 -25.15
N ARG F 219 -13.90 -4.29 -23.88
CA ARG F 219 -12.78 -3.80 -23.08
C ARG F 219 -11.91 -4.90 -22.49
N ASP F 220 -12.47 -6.11 -22.39
CA ASP F 220 -11.76 -7.22 -21.73
C ASP F 220 -10.77 -8.06 -22.58
N ASP F 221 -9.52 -8.07 -22.14
CA ASP F 221 -8.45 -8.58 -22.94
C ASP F 221 -8.14 -10.03 -22.61
N SER F 222 -8.84 -10.59 -21.64
CA SER F 222 -8.59 -11.98 -21.26
C SER F 222 -9.66 -12.97 -21.67
N ALA F 223 -10.40 -12.64 -22.73
CA ALA F 223 -11.33 -13.57 -23.33
C ALA F 223 -10.66 -14.94 -23.42
N ALA F 224 -9.41 -14.95 -23.91
CA ALA F 224 -8.67 -16.20 -24.16
C ALA F 224 -8.69 -17.13 -22.98
N GLU F 225 -8.10 -16.72 -21.86
CA GLU F 225 -8.07 -17.63 -20.71
C GLU F 225 -9.32 -17.66 -19.84
N ARG F 226 -10.21 -16.70 -20.04
CA ARG F 226 -11.49 -16.77 -19.35
C ARG F 226 -12.23 -18.02 -19.83
N LEU F 227 -12.03 -18.34 -21.10
CA LEU F 227 -12.57 -19.53 -21.76
C LEU F 227 -11.68 -20.70 -21.45
N ALA F 228 -10.47 -20.41 -21.04
CA ALA F 228 -9.55 -21.48 -20.73
C ALA F 228 -9.92 -22.12 -19.40
N ARG F 229 -10.51 -21.36 -18.50
CA ARG F 229 -10.99 -21.90 -17.23
C ARG F 229 -12.04 -23.00 -17.43
N MET F 230 -13.16 -22.64 -18.06
CA MET F 230 -14.27 -23.55 -18.36
C MET F 230 -14.11 -24.18 -19.74
N GLN F 231 -13.03 -24.94 -19.89
CA GLN F 231 -12.64 -25.63 -21.12
C GLN F 231 -12.93 -27.12 -21.07
N ASP F 232 -12.94 -27.67 -19.86
CA ASP F 232 -13.09 -29.12 -19.60
C ASP F 232 -14.48 -29.66 -19.95
N GLY F 233 -14.72 -30.92 -19.56
CA GLY F 233 -15.93 -31.65 -19.92
C GLY F 233 -17.20 -31.33 -19.15
N PHE F 234 -17.04 -30.77 -17.97
CA PHE F 234 -18.17 -30.51 -17.08
C PHE F 234 -18.54 -29.02 -16.97
N SER F 235 -17.54 -28.20 -16.61
CA SER F 235 -17.84 -26.93 -16.00
C SER F 235 -18.81 -26.15 -16.83
N ALA F 236 -18.57 -26.07 -18.15
CA ALA F 236 -19.49 -25.36 -19.06
C ALA F 236 -20.19 -26.32 -19.98
N PHE F 237 -19.47 -27.38 -20.36
CA PHE F 237 -19.99 -28.36 -21.30
C PHE F 237 -21.05 -29.36 -20.81
N LYS F 238 -21.42 -29.24 -19.55
CA LYS F 238 -22.50 -30.05 -19.10
C LYS F 238 -23.83 -29.31 -19.32
N CYS F 239 -23.82 -28.24 -20.11
CA CYS F 239 -25.10 -27.67 -20.51
C CYS F 239 -25.78 -28.56 -21.51
N HIS F 240 -26.73 -29.34 -21.04
CA HIS F 240 -27.43 -30.24 -21.93
C HIS F 240 -28.59 -29.58 -22.69
N THR F 241 -28.57 -28.23 -22.67
CA THR F 241 -29.47 -27.41 -23.47
C THR F 241 -30.94 -27.66 -23.13
N ILE F 242 -31.25 -27.71 -21.84
CA ILE F 242 -32.59 -28.03 -21.36
C ILE F 242 -33.52 -26.86 -21.49
N MET F 243 -32.95 -25.66 -21.58
CA MET F 243 -33.71 -24.41 -21.71
C MET F 243 -34.44 -23.90 -20.46
N ASN F 244 -34.47 -24.69 -19.39
CA ASN F 244 -35.18 -24.27 -18.18
C ASN F 244 -34.84 -22.91 -17.63
N CYS F 245 -33.54 -22.66 -17.49
CA CYS F 245 -32.96 -21.38 -17.11
C CYS F 245 -33.66 -20.19 -17.78
N THR F 246 -33.50 -20.07 -19.08
CA THR F 246 -34.13 -19.01 -19.84
C THR F 246 -35.65 -18.86 -19.72
N LYS F 247 -36.35 -19.97 -19.58
CA LYS F 247 -37.78 -19.94 -19.30
C LYS F 247 -38.08 -19.42 -17.90
N THR F 248 -37.13 -19.57 -16.97
CA THR F 248 -37.45 -19.31 -15.58
C THR F 248 -37.11 -17.89 -15.16
N CYS F 249 -35.98 -17.39 -15.66
CA CYS F 249 -35.47 -16.08 -15.27
C CYS F 249 -36.55 -15.03 -15.12
N PRO F 250 -36.70 -14.45 -13.92
CA PRO F 250 -37.69 -13.40 -13.72
C PRO F 250 -37.28 -12.00 -14.22
N LYS F 251 -36.13 -11.87 -14.87
CA LYS F 251 -35.79 -10.64 -15.56
C LYS F 251 -35.85 -10.90 -17.07
N HIS F 252 -36.33 -12.10 -17.41
CA HIS F 252 -36.51 -12.57 -18.82
C HIS F 252 -35.21 -12.49 -19.59
N LEU F 253 -34.09 -12.65 -18.89
CA LEU F 253 -32.84 -12.72 -19.58
C LEU F 253 -32.67 -14.13 -20.09
N ASN F 254 -31.59 -14.34 -20.81
CA ASN F 254 -31.41 -15.56 -21.50
C ASN F 254 -30.02 -16.05 -21.24
N PRO F 255 -29.86 -16.89 -20.20
CA PRO F 255 -28.57 -17.52 -20.00
C PRO F 255 -28.31 -18.65 -21.02
N ALA F 256 -29.37 -19.35 -21.45
CA ALA F 256 -29.18 -20.48 -22.36
C ALA F 256 -28.52 -19.95 -23.63
N ARG F 257 -29.07 -18.85 -24.13
CA ARG F 257 -28.48 -18.10 -25.23
C ARG F 257 -26.99 -17.97 -24.98
N ALA F 258 -26.61 -17.32 -23.90
CA ALA F 258 -25.20 -17.07 -23.61
C ALA F 258 -24.43 -18.35 -23.57
N ILE F 259 -24.92 -19.34 -22.82
CA ILE F 259 -24.19 -20.61 -22.71
C ILE F 259 -23.87 -21.10 -24.10
N GLY F 260 -24.92 -21.17 -24.91
CA GLY F 260 -24.79 -21.46 -26.33
C GLY F 260 -23.60 -20.71 -26.86
N GLU F 261 -23.66 -19.38 -26.84
CA GLU F 261 -22.60 -18.57 -27.45
C GLU F 261 -21.25 -18.83 -26.85
N ILE F 262 -21.21 -19.45 -25.66
CA ILE F 262 -19.94 -19.77 -25.03
C ILE F 262 -19.35 -21.00 -25.70
N LYS F 263 -20.19 -22.00 -25.93
CA LYS F 263 -19.82 -23.26 -26.60
C LYS F 263 -19.14 -22.97 -27.93
N MET F 264 -19.83 -22.12 -28.69
CA MET F 264 -19.39 -21.64 -29.98
C MET F 264 -18.06 -20.92 -29.89
N LEU F 265 -17.72 -20.49 -28.69
CA LEU F 265 -16.45 -19.84 -28.50
C LEU F 265 -15.45 -20.91 -28.16
N LEU F 266 -15.93 -21.93 -27.44
CA LEU F 266 -15.07 -23.04 -27.03
C LEU F 266 -14.69 -23.92 -28.20
N THR F 267 -15.27 -23.70 -29.37
CA THR F 267 -14.90 -24.47 -30.57
C THR F 267 -14.50 -23.56 -31.77
N LYS F 268 -15.47 -23.25 -32.62
CA LYS F 268 -15.27 -22.50 -33.86
C LYS F 268 -15.01 -21.03 -33.67
N MET F 269 -16.09 -20.23 -33.79
CA MET F 269 -16.08 -18.74 -33.94
C MET F 269 -15.43 -17.83 -32.83
N LYS F 270 -15.26 -16.54 -33.14
CA LYS F 270 -14.42 -15.70 -32.27
C LYS F 270 -14.81 -14.27 -31.86
N THR F 271 -14.12 -13.81 -30.82
CA THR F 271 -14.27 -12.47 -30.25
C THR F 271 -13.64 -11.34 -31.07
N LYS F 272 -14.52 -10.61 -31.73
CA LYS F 272 -14.13 -9.47 -32.52
C LYS F 272 -13.33 -8.42 -31.74
N PRO F 273 -11.97 -8.37 -31.88
CA PRO F 273 -11.21 -7.36 -31.10
C PRO F 273 -11.86 -5.96 -31.14
N ALA F 274 -11.48 -5.09 -30.21
CA ALA F 274 -12.24 -3.85 -30.05
C ALA F 274 -12.10 -2.89 -31.25
N PRO F 275 -13.22 -2.34 -31.81
CA PRO F 275 -13.01 -1.17 -32.68
C PRO F 275 -12.05 -0.13 -32.07
N LEU F 276 -11.28 0.52 -32.92
CA LEU F 276 -10.05 1.17 -32.48
C LEU F 276 -10.29 2.48 -31.69
N PRO F 277 -9.69 2.56 -30.45
CA PRO F 277 -9.52 3.83 -29.70
C PRO F 277 -9.15 4.96 -30.65
N THR F 278 -10.15 5.76 -30.97
CA THR F 278 -10.09 6.67 -32.10
C THR F 278 -9.82 8.16 -31.73
N PRO F 279 -8.55 8.64 -31.86
CA PRO F 279 -8.04 10.00 -31.47
C PRO F 279 -9.00 11.21 -31.42
N ALA F 280 -8.81 12.04 -30.39
CA ALA F 280 -9.83 12.94 -29.82
C ALA F 280 -10.68 12.16 -28.78
N ASN F 281 -10.15 11.00 -28.36
CA ASN F 281 -10.67 10.25 -27.21
C ASN F 281 -9.55 10.16 -26.19
N GLU G 34 -8.78 -35.25 -12.67
CA GLU G 34 -8.25 -33.87 -12.37
C GLU G 34 -9.39 -32.85 -12.37
N LYS G 35 -9.37 -31.92 -11.42
CA LYS G 35 -10.48 -30.96 -11.30
C LYS G 35 -10.04 -29.51 -11.38
N THR G 36 -10.93 -28.67 -11.88
CA THR G 36 -10.68 -27.23 -11.87
C THR G 36 -10.67 -26.75 -10.42
N PRO G 37 -9.99 -25.60 -10.15
CA PRO G 37 -9.86 -25.13 -8.77
C PRO G 37 -11.20 -25.15 -8.03
N ILE G 38 -12.24 -24.62 -8.70
CA ILE G 38 -13.59 -24.47 -8.17
C ILE G 38 -14.30 -25.81 -7.97
N GLN G 39 -14.00 -26.78 -8.82
CA GLN G 39 -14.63 -28.07 -8.74
C GLN G 39 -14.08 -28.84 -7.56
N VAL G 40 -12.88 -28.45 -7.13
CA VAL G 40 -12.26 -28.98 -5.93
C VAL G 40 -12.97 -28.41 -4.72
N TRP G 41 -13.10 -27.08 -4.69
CA TRP G 41 -13.78 -26.43 -3.61
C TRP G 41 -15.19 -26.99 -3.54
N GLY G 42 -15.83 -27.14 -4.70
CA GLY G 42 -17.20 -27.63 -4.81
C GLY G 42 -17.42 -28.90 -4.01
N TRP G 43 -16.48 -29.81 -4.15
CA TRP G 43 -16.53 -31.08 -3.46
C TRP G 43 -16.55 -30.84 -1.94
N ASP G 44 -15.42 -30.36 -1.40
CA ASP G 44 -15.29 -30.11 0.05
C ASP G 44 -16.58 -29.50 0.55
N TYR G 45 -17.13 -28.61 -0.28
CA TYR G 45 -18.45 -27.98 -0.07
C TYR G 45 -19.59 -28.98 0.15
N LEU G 46 -19.75 -29.93 -0.75
CA LEU G 46 -20.80 -30.90 -0.53
C LEU G 46 -20.50 -31.61 0.75
N MET G 47 -19.24 -32.00 0.93
CA MET G 47 -18.85 -32.74 2.13
C MET G 47 -19.30 -32.03 3.41
N ARG G 48 -19.01 -30.72 3.46
CA ARG G 48 -19.47 -29.80 4.52
C ARG G 48 -20.95 -29.81 4.74
N GLN G 49 -21.71 -29.90 3.66
CA GLN G 49 -23.14 -29.81 3.71
C GLN G 49 -23.83 -31.13 3.99
N ARG G 50 -23.27 -32.24 3.52
CA ARG G 50 -23.83 -33.52 3.93
C ARG G 50 -23.51 -33.74 5.41
N ALA G 51 -22.30 -33.33 5.83
CA ALA G 51 -21.84 -33.48 7.22
C ALA G 51 -22.34 -32.37 8.19
N LEU G 52 -23.31 -31.59 7.72
CA LEU G 52 -24.12 -30.75 8.59
C LEU G 52 -25.53 -31.34 8.60
N LYS G 53 -25.71 -32.44 7.88
CA LYS G 53 -27.03 -33.07 7.70
C LYS G 53 -28.14 -32.11 7.18
N ARG G 54 -27.76 -30.99 6.54
CA ARG G 54 -28.75 -30.09 5.90
C ARG G 54 -29.60 -30.88 4.88
N PRO G 55 -30.94 -30.67 4.88
CA PRO G 55 -31.81 -31.36 3.93
C PRO G 55 -31.68 -30.79 2.53
N ILE G 56 -31.65 -31.67 1.54
CA ILE G 56 -31.66 -31.26 0.13
C ILE G 56 -33.07 -30.73 -0.26
N ALA G 57 -33.14 -29.58 -0.95
CA ALA G 57 -34.44 -29.03 -1.33
C ALA G 57 -35.05 -29.97 -2.37
N PRO G 58 -36.40 -30.00 -2.50
CA PRO G 58 -37.06 -30.76 -3.56
C PRO G 58 -36.78 -30.27 -4.97
N HIS G 59 -37.16 -31.09 -5.94
CA HIS G 59 -37.01 -30.74 -7.31
C HIS G 59 -38.03 -31.47 -8.19
N LEU G 60 -37.64 -32.47 -8.97
CA LEU G 60 -38.59 -33.12 -9.90
C LEU G 60 -39.90 -33.53 -9.23
N THR G 61 -39.86 -33.85 -7.93
CA THR G 61 -41.06 -34.04 -7.10
C THR G 61 -42.03 -32.87 -7.28
N ILE G 62 -41.50 -31.65 -7.17
CA ILE G 62 -42.32 -30.45 -7.08
C ILE G 62 -42.29 -29.59 -8.31
N TYR G 63 -41.14 -29.54 -8.97
CA TYR G 63 -40.93 -28.55 -10.01
C TYR G 63 -41.83 -28.75 -11.23
N LYS G 64 -42.46 -27.65 -11.64
CA LYS G 64 -43.58 -27.56 -12.61
C LYS G 64 -43.23 -28.18 -13.93
N PRO G 65 -44.04 -29.17 -14.40
CA PRO G 65 -43.74 -29.75 -15.71
C PRO G 65 -43.73 -28.63 -16.73
N GLN G 66 -42.98 -28.82 -17.81
CA GLN G 66 -42.69 -27.71 -18.70
C GLN G 66 -42.12 -28.12 -20.06
N MET G 67 -42.48 -27.32 -21.04
CA MET G 67 -42.04 -27.61 -22.36
C MET G 67 -40.57 -27.32 -22.55
N THR G 68 -39.85 -27.07 -21.47
CA THR G 68 -38.41 -26.90 -21.60
C THR G 68 -37.70 -28.18 -21.24
N TRP G 69 -37.91 -28.66 -20.01
CA TRP G 69 -37.26 -29.88 -19.54
C TRP G 69 -37.95 -31.13 -19.93
N MET G 70 -39.24 -31.05 -20.16
CA MET G 70 -39.91 -32.26 -20.53
C MET G 70 -39.72 -32.58 -21.99
N VAL G 71 -39.59 -31.54 -22.80
CA VAL G 71 -39.08 -31.72 -24.14
C VAL G 71 -37.67 -32.28 -23.96
N SER G 72 -36.76 -31.49 -23.40
CA SER G 72 -35.43 -31.97 -23.11
C SER G 72 -35.43 -33.31 -22.40
N GLY G 73 -36.47 -33.53 -21.61
CA GLY G 73 -36.58 -34.75 -20.82
C GLY G 73 -36.69 -35.89 -21.77
N LEU G 74 -37.87 -35.99 -22.39
CA LEU G 74 -38.17 -37.03 -23.38
C LEU G 74 -36.96 -37.35 -24.26
N HIS G 75 -36.10 -36.36 -24.49
CA HIS G 75 -34.97 -36.60 -25.36
C HIS G 75 -34.07 -37.71 -24.87
N ARG G 76 -33.69 -37.61 -23.60
CA ARG G 76 -32.90 -38.60 -22.89
C ARG G 76 -33.59 -39.93 -22.89
N VAL G 77 -34.83 -39.93 -22.39
CA VAL G 77 -35.64 -41.13 -22.27
C VAL G 77 -35.74 -41.85 -23.61
N THR G 78 -35.98 -41.13 -24.71
CA THR G 78 -36.05 -41.76 -26.05
C THR G 78 -34.72 -42.33 -26.54
N GLY G 79 -33.68 -41.50 -26.44
CA GLY G 79 -32.31 -41.89 -26.81
C GLY G 79 -31.81 -43.09 -26.04
N CYS G 80 -32.09 -43.11 -24.75
CA CYS G 80 -31.75 -44.28 -23.98
C CYS G 80 -32.53 -45.44 -24.53
N ALA G 81 -33.84 -45.39 -24.39
CA ALA G 81 -34.71 -46.49 -24.83
C ALA G 81 -34.16 -47.24 -26.03
N MET G 82 -33.74 -46.50 -27.07
CA MET G 82 -33.23 -47.11 -28.29
C MET G 82 -31.88 -47.74 -28.05
N ALA G 83 -30.92 -46.94 -27.58
CA ALA G 83 -29.60 -47.44 -27.23
C ALA G 83 -29.76 -48.68 -26.34
N GLY G 84 -30.77 -48.64 -25.47
CA GLY G 84 -31.25 -49.78 -24.73
C GLY G 84 -31.43 -50.90 -25.73
N THR G 85 -32.47 -50.82 -26.55
CA THR G 85 -32.79 -51.86 -27.54
C THR G 85 -31.58 -52.50 -28.26
N LEU G 86 -30.57 -51.70 -28.60
CA LEU G 86 -29.47 -52.21 -29.43
C LEU G 86 -28.44 -52.98 -28.61
N LEU G 87 -28.65 -52.96 -27.30
CA LEU G 87 -27.89 -53.79 -26.42
C LEU G 87 -28.71 -55.04 -26.21
N ILE G 88 -29.97 -54.87 -25.77
CA ILE G 88 -30.90 -56.00 -25.49
C ILE G 88 -31.37 -56.72 -26.77
N GLY G 89 -31.09 -56.14 -27.93
CA GLY G 89 -31.45 -56.75 -29.20
C GLY G 89 -30.22 -57.26 -29.89
N GLY G 90 -29.14 -56.51 -29.74
CA GLY G 90 -27.88 -56.81 -30.40
C GLY G 90 -27.28 -58.04 -29.79
N VAL G 91 -26.81 -57.87 -28.56
CA VAL G 91 -26.33 -58.97 -27.75
C VAL G 91 -27.40 -60.07 -27.65
N GLY G 92 -28.64 -59.66 -27.44
CA GLY G 92 -29.73 -60.59 -27.15
C GLY G 92 -30.03 -61.65 -28.19
N PHE G 93 -29.79 -61.35 -29.47
CA PHE G 93 -30.14 -62.28 -30.54
C PHE G 93 -28.91 -63.01 -31.02
N SER G 94 -27.77 -62.46 -30.61
CA SER G 94 -26.47 -63.04 -30.88
C SER G 94 -26.29 -64.21 -29.94
N VAL G 95 -26.34 -63.93 -28.62
CA VAL G 95 -26.09 -64.98 -27.62
C VAL G 95 -27.22 -66.04 -27.58
N LEU G 96 -28.47 -65.62 -27.37
CA LEU G 96 -29.60 -66.55 -27.51
C LEU G 96 -29.55 -67.14 -28.93
N PRO G 97 -29.88 -68.45 -29.07
CA PRO G 97 -29.92 -69.02 -30.42
C PRO G 97 -31.18 -68.53 -31.14
N LEU G 98 -32.32 -68.90 -30.57
CA LEU G 98 -33.64 -68.35 -30.89
C LEU G 98 -33.54 -67.00 -31.67
N ASP G 99 -33.47 -67.07 -33.01
CA ASP G 99 -33.17 -65.91 -33.89
C ASP G 99 -34.40 -65.13 -34.46
N PHE G 100 -34.11 -63.95 -35.05
CA PHE G 100 -35.10 -62.92 -35.43
C PHE G 100 -36.14 -63.31 -36.48
N THR G 101 -35.69 -63.95 -37.56
CA THR G 101 -36.60 -64.38 -38.62
C THR G 101 -37.69 -65.31 -38.04
N THR G 102 -37.27 -66.25 -37.18
CA THR G 102 -38.20 -67.09 -36.41
C THR G 102 -39.06 -66.28 -35.41
N PHE G 103 -38.50 -65.18 -34.88
CA PHE G 103 -39.25 -64.25 -34.03
C PHE G 103 -40.57 -63.82 -34.69
N VAL G 104 -40.49 -63.33 -35.93
CA VAL G 104 -41.64 -62.77 -36.66
C VAL G 104 -42.92 -63.66 -36.65
N GLU G 105 -42.78 -64.97 -36.89
CA GLU G 105 -43.90 -65.91 -36.80
C GLU G 105 -43.82 -66.83 -35.55
N PHE G 106 -43.20 -66.29 -34.49
CA PHE G 106 -43.45 -66.65 -33.08
C PHE G 106 -44.17 -65.45 -32.49
N ILE G 107 -44.41 -64.42 -33.33
CA ILE G 107 -45.28 -63.29 -32.98
C ILE G 107 -46.52 -63.16 -33.89
N ARG G 108 -46.33 -63.06 -35.21
CA ARG G 108 -47.49 -63.12 -36.11
C ARG G 108 -47.84 -64.59 -36.37
N GLY G 109 -47.33 -65.43 -35.47
CA GLY G 109 -47.87 -66.75 -35.19
C GLY G 109 -49.10 -66.61 -34.31
N LEU G 110 -49.21 -65.48 -33.59
CA LEU G 110 -50.45 -65.09 -32.91
C LEU G 110 -51.04 -63.74 -33.42
N GLY G 111 -50.49 -63.26 -34.56
CA GLY G 111 -50.82 -61.99 -35.24
C GLY G 111 -52.07 -61.19 -34.93
N ILE G 112 -52.13 -60.62 -33.72
CA ILE G 112 -53.27 -59.82 -33.21
C ILE G 112 -53.48 -58.52 -34.04
N PRO G 113 -54.51 -57.70 -33.67
CA PRO G 113 -55.15 -56.76 -34.63
C PRO G 113 -54.24 -55.79 -35.37
N TRP G 114 -54.50 -55.63 -36.66
CA TRP G 114 -53.76 -54.70 -37.53
C TRP G 114 -53.48 -53.34 -36.87
N VAL G 115 -54.37 -52.91 -35.97
CA VAL G 115 -54.23 -51.62 -35.24
C VAL G 115 -53.10 -51.67 -34.22
N ILE G 116 -53.10 -52.68 -33.34
CA ILE G 116 -52.07 -52.85 -32.31
C ILE G 116 -50.70 -53.10 -32.94
N LEU G 117 -50.70 -53.81 -34.08
CA LEU G 117 -49.49 -54.08 -34.84
C LEU G 117 -48.96 -52.84 -35.56
N ASP G 118 -49.82 -51.86 -35.81
CA ASP G 118 -49.30 -50.59 -36.30
C ASP G 118 -49.19 -49.57 -35.16
N THR G 119 -49.82 -49.88 -34.03
CA THR G 119 -49.63 -49.12 -32.78
C THR G 119 -48.23 -49.35 -32.28
N PHE G 120 -47.84 -50.62 -32.21
CA PHE G 120 -46.48 -50.99 -31.87
C PHE G 120 -45.43 -50.40 -32.81
N LYS G 121 -45.74 -50.40 -34.11
CA LYS G 121 -44.87 -49.79 -35.10
C LYS G 121 -44.61 -48.31 -34.79
N PHE G 122 -45.71 -47.55 -34.61
CA PHE G 122 -45.66 -46.12 -34.24
C PHE G 122 -44.76 -45.89 -33.01
N ILE G 123 -45.10 -46.57 -31.90
CA ILE G 123 -44.23 -46.62 -30.69
C ILE G 123 -42.75 -46.75 -31.05
N ILE G 124 -42.45 -47.44 -32.16
CA ILE G 124 -41.06 -47.74 -32.54
C ILE G 124 -40.41 -46.72 -33.46
N ALA G 125 -41.22 -45.97 -34.20
CA ALA G 125 -40.68 -44.89 -35.05
C ALA G 125 -40.60 -43.57 -34.32
N PHE G 126 -41.64 -43.28 -33.55
CA PHE G 126 -41.75 -42.01 -32.86
C PHE G 126 -40.55 -41.66 -32.00
N PRO G 127 -39.95 -42.65 -31.30
CA PRO G 127 -38.68 -42.37 -30.67
C PRO G 127 -37.68 -41.84 -31.68
N ILE G 128 -37.56 -42.51 -32.83
CA ILE G 128 -36.55 -42.13 -33.81
C ILE G 128 -36.86 -40.76 -34.45
N ALA G 129 -38.13 -40.54 -34.79
CA ALA G 129 -38.57 -39.29 -35.41
C ALA G 129 -38.33 -38.14 -34.46
N PHE G 130 -38.97 -38.23 -33.30
CA PHE G 130 -38.78 -37.21 -32.27
C PHE G 130 -37.33 -37.03 -31.90
N HIS G 131 -36.65 -38.13 -31.59
CA HIS G 131 -35.24 -38.04 -31.22
C HIS G 131 -34.37 -37.34 -32.27
N THR G 132 -34.72 -37.50 -33.55
CA THR G 132 -33.94 -36.87 -34.62
C THR G 132 -34.35 -35.42 -34.78
N LEU G 133 -35.65 -35.20 -34.86
CA LEU G 133 -36.15 -33.86 -35.04
C LEU G 133 -35.61 -32.99 -33.91
N ASN G 134 -35.81 -33.43 -32.65
CA ASN G 134 -35.33 -32.67 -31.47
C ASN G 134 -33.83 -32.47 -31.56
N GLY G 135 -33.13 -33.46 -32.12
CA GLY G 135 -31.69 -33.35 -32.35
C GLY G 135 -31.28 -32.13 -33.15
N ILE G 136 -31.88 -31.96 -34.35
CA ILE G 136 -31.63 -30.78 -35.20
C ILE G 136 -31.80 -29.53 -34.31
N ARG G 137 -32.86 -29.56 -33.52
CA ARG G 137 -33.27 -28.48 -32.67
C ARG G 137 -32.20 -28.20 -31.65
N PHE G 138 -31.85 -29.21 -30.87
CA PHE G 138 -30.93 -29.05 -29.74
C PHE G 138 -29.58 -28.52 -30.20
N ILE G 139 -29.04 -29.11 -31.26
CA ILE G 139 -27.84 -28.56 -31.87
C ILE G 139 -28.07 -27.07 -32.17
N GLY G 140 -29.33 -26.69 -32.40
CA GLY G 140 -29.69 -25.30 -32.62
C GLY G 140 -29.43 -24.47 -31.38
N PHE G 141 -29.89 -24.99 -30.25
CA PHE G 141 -29.64 -24.31 -28.97
C PHE G 141 -28.13 -24.23 -28.69
N ASP G 142 -27.43 -25.37 -28.82
CA ASP G 142 -25.96 -25.44 -28.73
C ASP G 142 -25.22 -24.36 -29.53
N MET G 143 -25.88 -23.87 -30.57
CA MET G 143 -25.33 -22.83 -31.41
C MET G 143 -26.07 -21.51 -31.22
N ALA G 144 -26.77 -21.36 -30.10
CA ALA G 144 -27.40 -20.09 -29.72
C ALA G 144 -28.49 -19.63 -30.69
N LYS G 145 -29.16 -20.60 -31.30
CA LYS G 145 -30.16 -20.33 -32.33
C LYS G 145 -31.55 -20.71 -31.82
N GLY G 146 -32.45 -19.75 -31.74
CA GLY G 146 -33.82 -20.02 -31.29
C GLY G 146 -33.91 -20.17 -29.79
N THR G 147 -32.90 -19.66 -29.09
CA THR G 147 -32.81 -19.80 -27.64
C THR G 147 -33.86 -18.97 -26.88
N ASP G 148 -34.71 -18.23 -27.58
CA ASP G 148 -35.69 -17.39 -26.87
C ASP G 148 -36.94 -18.21 -26.58
N ILE G 149 -37.65 -17.81 -25.52
CA ILE G 149 -38.80 -18.54 -24.97
C ILE G 149 -39.94 -18.86 -25.94
N PRO G 150 -40.19 -17.98 -26.93
CA PRO G 150 -41.26 -18.39 -27.82
C PRO G 150 -40.74 -19.22 -28.98
N SER G 151 -39.54 -18.90 -29.50
CA SER G 151 -38.97 -19.72 -30.54
C SER G 151 -38.74 -21.08 -30.00
N ILE G 152 -38.43 -21.13 -28.71
CA ILE G 152 -38.29 -22.39 -28.00
C ILE G 152 -39.59 -23.17 -28.04
N TYR G 153 -40.68 -22.55 -27.63
CA TYR G 153 -41.98 -23.22 -27.65
C TYR G 153 -42.48 -23.61 -29.05
N ARG G 154 -42.29 -22.74 -30.05
CA ARG G 154 -42.61 -23.11 -31.43
C ARG G 154 -41.87 -24.41 -31.65
N GLY G 155 -40.54 -24.38 -31.48
CA GLY G 155 -39.67 -25.54 -31.66
C GLY G 155 -40.25 -26.81 -31.07
N ALA G 156 -40.51 -26.79 -29.78
CA ALA G 156 -41.10 -27.91 -29.07
C ALA G 156 -42.28 -28.50 -29.83
N TYR G 157 -43.11 -27.60 -30.39
CA TYR G 157 -44.39 -27.91 -31.02
C TYR G 157 -44.23 -28.39 -32.44
N LEU G 158 -43.65 -27.54 -33.27
CA LEU G 158 -43.15 -27.94 -34.59
C LEU G 158 -42.60 -29.35 -34.49
N VAL G 159 -41.49 -29.52 -33.75
CA VAL G 159 -40.75 -30.80 -33.61
C VAL G 159 -41.57 -32.02 -33.13
N LEU G 160 -42.50 -31.78 -32.22
CA LEU G 160 -43.22 -32.84 -31.53
C LEU G 160 -44.43 -33.29 -32.35
N GLY G 161 -45.05 -32.35 -33.07
CA GLY G 161 -46.15 -32.66 -33.98
C GLY G 161 -45.63 -33.21 -35.31
N LEU G 162 -44.45 -32.73 -35.69
CA LEU G 162 -43.78 -33.18 -36.89
C LEU G 162 -43.30 -34.61 -36.70
N ALA G 163 -43.00 -34.97 -35.45
CA ALA G 163 -42.56 -36.31 -35.14
C ALA G 163 -43.70 -37.29 -35.33
N ALA G 164 -44.88 -36.93 -34.83
CA ALA G 164 -46.10 -37.75 -34.95
C ALA G 164 -46.57 -37.96 -36.42
N LEU G 165 -46.65 -36.86 -37.18
CA LEU G 165 -46.95 -36.89 -38.63
C LEU G 165 -46.00 -37.81 -39.44
N ILE G 166 -44.72 -37.86 -39.07
CA ILE G 166 -43.74 -38.71 -39.76
C ILE G 166 -43.82 -40.12 -39.25
N SER G 167 -44.17 -40.28 -37.99
CA SER G 167 -44.24 -41.59 -37.34
C SER G 167 -45.61 -42.19 -37.52
N LEU G 168 -46.57 -41.40 -37.98
CA LEU G 168 -47.84 -41.94 -38.36
C LEU G 168 -47.94 -42.09 -39.87
N ALA G 169 -47.04 -41.43 -40.62
CA ALA G 169 -46.95 -41.65 -42.06
C ALA G 169 -46.30 -43.01 -42.24
N VAL G 170 -45.04 -43.10 -41.81
CA VAL G 170 -44.28 -44.34 -41.91
C VAL G 170 -45.14 -45.54 -41.58
N VAL G 171 -45.92 -45.43 -40.52
CA VAL G 171 -46.67 -46.54 -39.96
C VAL G 171 -47.97 -46.88 -40.73
N VAL G 172 -49.02 -46.07 -40.55
CA VAL G 172 -50.35 -46.35 -41.12
C VAL G 172 -50.39 -46.34 -42.67
N TYR G 173 -49.30 -45.89 -43.30
CA TYR G 173 -49.29 -45.73 -44.76
C TYR G 173 -48.87 -46.97 -45.63
N PRO G 174 -47.72 -47.65 -45.34
CA PRO G 174 -47.74 -48.99 -45.96
C PRO G 174 -48.74 -49.94 -45.24
N ARG G 175 -49.79 -49.35 -44.65
CA ARG G 175 -51.04 -50.02 -44.21
C ARG G 175 -52.25 -49.38 -44.97
N TRP G 176 -51.91 -48.66 -46.04
CA TRP G 176 -52.82 -48.22 -47.13
C TRP G 176 -52.30 -48.93 -48.39
N GLU G 177 -51.42 -49.89 -48.13
CA GLU G 177 -50.77 -50.75 -49.10
C GLU G 177 -51.07 -52.21 -48.69
N ARG G 178 -51.79 -52.37 -47.56
CA ARG G 178 -52.13 -53.70 -46.97
C ARG G 178 -53.58 -53.85 -46.39
N HIS G 179 -54.19 -52.73 -45.95
CA HIS G 179 -55.67 -52.65 -45.84
C HIS G 179 -56.24 -52.49 -47.25
N LYS G 180 -55.49 -51.77 -48.10
CA LYS G 180 -55.83 -51.52 -49.51
C LYS G 180 -55.65 -52.79 -50.37
N LYS G 181 -54.65 -53.62 -50.07
CA LYS G 181 -54.45 -54.89 -50.78
C LYS G 181 -55.22 -56.07 -50.13
N ALA G 182 -56.54 -55.89 -49.98
CA ALA G 182 -57.51 -56.91 -49.56
C ALA G 182 -58.87 -56.51 -50.17
N THR G 183 -58.88 -55.32 -50.76
CA THR G 183 -60.02 -54.66 -51.46
C THR G 183 -59.58 -53.24 -51.92
N LEU G 184 -59.27 -53.08 -53.22
CA LEU G 184 -58.40 -51.97 -53.73
C LEU G 184 -59.00 -50.90 -54.72
N PRO G 185 -58.15 -49.97 -55.28
CA PRO G 185 -58.56 -49.01 -56.36
C PRO G 185 -59.35 -49.58 -57.57
N THR G 186 -58.65 -50.11 -58.58
CA THR G 186 -59.25 -50.89 -59.68
C THR G 186 -58.36 -52.07 -60.08
N THR H 28 -20.16 -17.37 29.53
CA THR H 28 -19.12 -16.30 29.52
C THR H 28 -18.51 -16.05 28.11
N SER H 29 -18.62 -14.80 27.61
CA SER H 29 -17.76 -14.30 26.51
C SER H 29 -16.30 -14.49 26.95
N ALA H 30 -15.94 -15.78 27.02
CA ALA H 30 -14.67 -16.27 27.51
C ALA H 30 -14.39 -17.67 26.89
N ALA H 31 -14.41 -17.76 25.56
CA ALA H 31 -14.05 -19.01 24.85
C ALA H 31 -13.29 -18.79 23.51
N VAL H 32 -13.10 -19.87 22.72
CA VAL H 32 -12.08 -20.03 21.63
C VAL H 32 -12.14 -19.15 20.35
N THR H 33 -10.95 -18.85 19.82
CA THR H 33 -10.75 -18.12 18.55
C THR H 33 -10.91 -19.02 17.32
N GLY H 34 -11.43 -18.43 16.25
CA GLY H 34 -11.76 -19.14 15.01
C GLY H 34 -11.14 -18.47 13.80
N ALA H 35 -11.07 -19.23 12.71
CA ALA H 35 -10.40 -18.79 11.49
C ALA H 35 -11.37 -18.54 10.34
N ALA H 36 -11.05 -17.56 9.50
CA ALA H 36 -11.86 -17.16 8.32
C ALA H 36 -12.75 -18.27 7.68
N PRO H 37 -14.00 -17.92 7.30
CA PRO H 37 -14.97 -18.91 6.82
C PRO H 37 -14.60 -19.42 5.41
N PRO H 38 -14.99 -20.68 5.07
CA PRO H 38 -14.50 -21.29 3.83
C PRO H 38 -14.91 -20.45 2.63
N GLN H 39 -13.91 -19.85 2.01
CA GLN H 39 -14.05 -18.95 0.87
C GLN H 39 -13.09 -19.44 -0.21
N PHE H 40 -13.45 -19.21 -1.46
CA PHE H 40 -12.65 -19.65 -2.56
C PHE H 40 -11.94 -18.42 -3.03
N ASP H 41 -10.61 -18.50 -3.10
CA ASP H 41 -9.77 -17.36 -3.52
C ASP H 41 -9.50 -17.42 -5.04
N PRO H 42 -10.18 -16.57 -5.83
CA PRO H 42 -10.23 -16.80 -7.26
C PRO H 42 -8.91 -16.55 -7.97
N ILE H 43 -8.04 -15.75 -7.38
CA ILE H 43 -6.70 -15.54 -7.93
C ILE H 43 -5.78 -16.68 -7.52
N ALA H 44 -5.77 -16.95 -6.21
CA ALA H 44 -4.72 -17.73 -5.51
C ALA H 44 -4.84 -19.26 -5.53
N ALA H 45 -6.06 -19.73 -5.76
CA ALA H 45 -6.34 -21.15 -5.97
C ALA H 45 -6.12 -21.48 -7.45
N GLU H 46 -5.61 -20.49 -8.19
CA GLU H 46 -5.49 -20.56 -9.62
C GLU H 46 -4.05 -20.66 -10.12
N LYS H 47 -3.10 -20.07 -9.41
CA LYS H 47 -1.67 -20.14 -9.81
C LYS H 47 -1.22 -21.58 -10.15
N GLY H 48 -1.62 -22.54 -9.30
CA GLY H 48 -1.20 -23.95 -9.41
C GLY H 48 -1.75 -24.79 -10.55
N PHE H 49 -3.03 -24.58 -10.90
CA PHE H 49 -3.71 -25.32 -12.00
C PHE H 49 -3.75 -24.55 -13.36
N LYS H 50 -3.02 -25.08 -14.36
CA LYS H 50 -2.93 -24.49 -15.69
C LYS H 50 -3.73 -25.27 -16.75
N PRO H 51 -3.94 -26.60 -16.54
CA PRO H 51 -4.56 -27.48 -17.53
C PRO H 51 -5.24 -26.80 -18.74
N LEU H 52 -4.59 -26.91 -19.92
CA LEU H 52 -5.12 -26.43 -21.23
C LEU H 52 -6.03 -27.49 -21.96
N HIS H 53 -6.17 -28.69 -21.36
CA HIS H 53 -6.76 -29.90 -22.00
C HIS H 53 -8.29 -29.79 -22.29
N SER H 54 -8.63 -29.35 -23.50
CA SER H 54 -9.97 -28.82 -23.87
C SER H 54 -10.93 -29.80 -24.53
N HIS H 55 -11.92 -30.27 -23.76
CA HIS H 55 -13.05 -31.09 -24.23
C HIS H 55 -13.86 -30.33 -25.29
N GLY H 56 -13.37 -29.18 -25.71
CA GLY H 56 -14.06 -28.42 -26.75
C GLY H 56 -13.88 -29.05 -28.10
N THR H 57 -12.61 -29.19 -28.47
CA THR H 57 -12.21 -29.69 -29.79
C THR H 57 -12.86 -31.03 -30.16
N LEU H 58 -13.37 -31.73 -29.15
CA LEU H 58 -14.01 -33.04 -29.25
C LEU H 58 -15.49 -32.83 -29.44
N PHE H 59 -16.11 -32.20 -28.45
CA PHE H 59 -17.50 -31.75 -28.51
C PHE H 59 -17.84 -31.32 -29.92
N LYS H 60 -17.02 -30.44 -30.49
CA LYS H 60 -17.21 -29.99 -31.87
C LYS H 60 -17.67 -31.22 -32.64
N ILE H 61 -16.78 -32.20 -32.75
CA ILE H 61 -17.03 -33.36 -33.57
C ILE H 61 -18.39 -34.03 -33.23
N GLU H 62 -18.63 -34.34 -31.94
CA GLU H 62 -19.82 -35.16 -31.58
C GLU H 62 -21.13 -34.55 -32.04
N ARG H 63 -21.11 -33.22 -32.22
CA ARG H 63 -22.22 -32.53 -32.86
C ARG H 63 -22.17 -32.77 -34.37
N TYR H 64 -21.07 -32.31 -34.99
CA TYR H 64 -20.93 -32.35 -36.44
C TYR H 64 -21.29 -33.75 -36.91
N PHE H 65 -20.93 -34.74 -36.09
CA PHE H 65 -21.26 -36.15 -36.34
C PHE H 65 -22.75 -36.41 -36.32
N ALA H 66 -23.39 -35.96 -35.23
CA ALA H 66 -24.83 -36.10 -35.07
C ALA H 66 -25.58 -35.37 -36.19
N ALA H 67 -24.96 -34.36 -36.76
CA ALA H 67 -25.47 -33.75 -37.95
C ALA H 67 -25.38 -34.76 -39.09
N ALA H 68 -24.16 -35.22 -39.37
CA ALA H 68 -23.91 -36.13 -40.46
C ALA H 68 -24.91 -37.29 -40.38
N MET H 69 -25.55 -37.44 -39.23
CA MET H 69 -26.48 -38.55 -39.05
C MET H 69 -27.85 -38.30 -39.62
N VAL H 70 -28.20 -37.05 -39.86
CA VAL H 70 -29.56 -36.74 -40.33
C VAL H 70 -29.83 -37.35 -41.71
N PRO H 71 -28.96 -37.07 -42.73
CA PRO H 71 -29.25 -37.72 -44.02
C PRO H 71 -29.31 -39.21 -43.80
N LEU H 72 -28.21 -39.78 -43.29
CA LEU H 72 -28.11 -41.19 -42.90
C LEU H 72 -29.45 -41.85 -42.49
N ILE H 73 -30.14 -41.34 -41.48
CA ILE H 73 -31.39 -42.01 -41.00
C ILE H 73 -32.48 -42.16 -42.08
N PRO H 74 -33.01 -41.05 -42.62
CA PRO H 74 -34.01 -41.30 -43.67
C PRO H 74 -33.40 -42.01 -44.88
N ALA H 75 -32.13 -41.72 -45.17
CA ALA H 75 -31.37 -42.40 -46.24
C ALA H 75 -31.36 -43.91 -46.03
N ALA H 76 -31.26 -44.31 -44.77
CA ALA H 76 -31.40 -45.71 -44.40
C ALA H 76 -32.71 -46.20 -44.95
N TYR H 77 -33.81 -45.57 -44.49
CA TYR H 77 -35.19 -45.95 -44.84
C TYR H 77 -35.29 -46.55 -46.24
N PHE H 78 -34.60 -45.92 -47.19
CA PHE H 78 -34.62 -46.32 -48.60
C PHE H 78 -33.42 -47.14 -49.01
N ILE H 79 -32.20 -46.61 -48.87
CA ILE H 79 -31.06 -47.45 -49.23
C ILE H 79 -30.72 -48.51 -48.12
N HIS H 80 -30.73 -49.78 -48.54
CA HIS H 80 -30.70 -50.94 -47.65
C HIS H 80 -29.49 -51.86 -47.88
N GLY H 81 -29.60 -53.11 -47.41
CA GLY H 81 -28.59 -54.14 -47.62
C GLY H 81 -27.45 -54.16 -46.61
N ARG H 82 -26.53 -55.11 -46.79
CA ARG H 82 -25.32 -55.20 -45.99
C ARG H 82 -24.52 -53.87 -45.92
N GLU H 83 -24.56 -53.07 -47.00
CA GLU H 83 -23.70 -51.87 -47.15
C GLU H 83 -24.15 -50.65 -46.31
N MET H 84 -25.45 -50.39 -46.22
CA MET H 84 -25.95 -49.39 -45.27
C MET H 84 -25.84 -49.88 -43.85
N ASP H 85 -26.33 -51.10 -43.62
CA ASP H 85 -26.22 -51.77 -42.34
C ASP H 85 -24.93 -51.44 -41.62
N LEU H 86 -23.84 -51.38 -42.38
CA LEU H 86 -22.53 -51.38 -41.77
C LEU H 86 -22.16 -50.03 -41.18
N CYS H 87 -22.64 -48.96 -41.82
CA CYS H 87 -22.43 -47.62 -41.31
C CYS H 87 -23.54 -47.19 -40.37
N LEU H 88 -24.73 -47.77 -40.52
CA LEU H 88 -25.80 -47.57 -39.54
C LEU H 88 -25.28 -47.99 -38.19
N ALA H 89 -24.96 -49.27 -38.14
CA ALA H 89 -24.39 -49.93 -36.98
C ALA H 89 -23.11 -49.27 -36.46
N LEU H 90 -22.21 -48.84 -37.33
CA LEU H 90 -21.05 -48.12 -36.83
C LEU H 90 -21.46 -46.80 -36.18
N ALA H 91 -22.05 -45.89 -36.95
CA ALA H 91 -22.29 -44.52 -36.47
C ALA H 91 -23.05 -44.49 -35.14
N LEU H 92 -24.09 -45.33 -35.06
CA LEU H 92 -24.88 -45.49 -33.83
C LEU H 92 -24.00 -45.82 -32.64
N THR H 93 -23.23 -46.90 -32.77
CA THR H 93 -22.28 -47.26 -31.75
C THR H 93 -21.64 -45.99 -31.14
N LEU H 94 -21.15 -45.12 -32.01
CA LEU H 94 -20.48 -43.92 -31.53
C LEU H 94 -21.43 -42.98 -30.74
N HIS H 95 -22.35 -42.34 -31.47
CA HIS H 95 -23.25 -41.35 -30.90
C HIS H 95 -23.88 -41.88 -29.62
N VAL H 96 -24.17 -43.18 -29.60
CA VAL H 96 -24.71 -43.88 -28.44
C VAL H 96 -23.67 -43.88 -27.34
N HIS H 97 -22.51 -44.45 -27.61
CA HIS H 97 -21.44 -44.52 -26.62
C HIS H 97 -21.25 -43.18 -25.95
N TRP H 98 -21.20 -42.14 -26.77
CA TRP H 98 -21.01 -40.78 -26.32
C TRP H 98 -22.17 -40.30 -25.48
N GLY H 99 -23.36 -40.60 -25.98
CA GLY H 99 -24.59 -40.32 -25.30
C GLY H 99 -24.57 -40.96 -23.93
N VAL H 100 -24.44 -42.28 -23.89
CA VAL H 100 -24.52 -42.99 -22.61
C VAL H 100 -23.36 -42.65 -21.76
N TRP H 101 -22.20 -42.38 -22.35
CA TRP H 101 -21.09 -41.79 -21.62
C TRP H 101 -21.57 -40.49 -20.94
N GLY H 102 -22.03 -39.51 -21.75
CA GLY H 102 -22.73 -38.32 -21.24
C GLY H 102 -23.70 -38.65 -20.11
N VAL H 103 -24.81 -39.32 -20.42
CA VAL H 103 -25.73 -39.76 -19.40
C VAL H 103 -25.07 -40.30 -18.15
N VAL H 104 -24.20 -41.31 -18.28
CA VAL H 104 -23.56 -41.95 -17.10
C VAL H 104 -22.80 -40.90 -16.30
N ASN H 105 -22.12 -39.99 -17.01
CA ASN H 105 -21.49 -38.83 -16.37
C ASN H 105 -22.43 -37.96 -15.49
N ASP H 106 -23.73 -38.02 -15.78
CA ASP H 106 -24.69 -37.19 -15.06
C ASP H 106 -25.28 -37.94 -13.87
N TYR H 107 -26.06 -38.99 -14.12
CA TYR H 107 -26.66 -39.73 -13.02
C TYR H 107 -25.66 -40.72 -12.44
N GLY H 108 -24.38 -40.37 -12.52
CA GLY H 108 -23.34 -41.18 -11.92
C GLY H 108 -22.51 -40.28 -11.07
N ARG H 109 -23.15 -39.60 -10.12
CA ARG H 109 -22.47 -38.61 -9.29
C ARG H 109 -21.55 -39.34 -8.30
N PRO H 110 -20.30 -38.84 -8.09
CA PRO H 110 -19.44 -39.41 -7.04
C PRO H 110 -20.11 -39.29 -5.66
N PHE H 111 -20.68 -38.12 -5.36
CA PHE H 111 -21.49 -37.92 -4.17
C PHE H 111 -22.44 -39.10 -3.90
N VAL H 112 -23.46 -39.31 -4.73
CA VAL H 112 -24.48 -40.31 -4.35
C VAL H 112 -24.19 -41.78 -4.72
N LEU H 113 -22.97 -42.12 -5.14
CA LEU H 113 -22.64 -43.54 -5.33
C LEU H 113 -21.43 -43.96 -4.55
N GLY H 114 -20.60 -42.98 -4.18
CA GLY H 114 -19.42 -43.24 -3.38
C GLY H 114 -18.22 -43.58 -4.24
N ASP H 115 -17.17 -42.77 -4.09
CA ASP H 115 -15.95 -42.81 -4.94
C ASP H 115 -15.88 -43.91 -6.03
N THR H 116 -15.80 -45.17 -5.58
CA THR H 116 -15.50 -46.28 -6.48
C THR H 116 -16.71 -46.96 -7.07
N LEU H 117 -17.90 -46.84 -6.49
CA LEU H 117 -19.03 -47.45 -7.20
C LEU H 117 -19.34 -46.61 -8.43
N ALA H 118 -18.95 -45.34 -8.35
CA ALA H 118 -19.13 -44.37 -9.42
C ALA H 118 -18.15 -44.60 -10.54
N ALA H 119 -16.92 -44.87 -10.16
CA ALA H 119 -15.88 -45.21 -11.12
C ALA H 119 -16.19 -46.50 -11.89
N ALA H 120 -16.96 -47.40 -11.25
CA ALA H 120 -17.33 -48.67 -11.89
C ALA H 120 -18.35 -48.41 -13.00
N VAL H 121 -19.35 -47.60 -12.66
CA VAL H 121 -20.37 -47.12 -13.59
C VAL H 121 -19.69 -46.55 -14.85
N ARG H 122 -18.64 -45.75 -14.66
CA ARG H 122 -17.84 -45.27 -15.80
C ARG H 122 -17.32 -46.44 -16.67
N VAL H 123 -16.54 -47.33 -16.07
CA VAL H 123 -16.00 -48.50 -16.78
C VAL H 123 -17.12 -49.38 -17.40
N GLY H 124 -18.31 -49.30 -16.83
CA GLY H 124 -19.43 -50.03 -17.37
C GLY H 124 -19.92 -49.41 -18.66
N ALA H 125 -19.77 -48.10 -18.81
CA ALA H 125 -20.33 -47.41 -19.95
C ALA H 125 -19.50 -47.71 -21.19
N TYR H 126 -18.20 -47.89 -20.99
CA TYR H 126 -17.30 -48.39 -22.05
C TYR H 126 -17.54 -49.86 -22.31
N ILE H 127 -17.88 -50.60 -21.26
CA ILE H 127 -18.34 -51.97 -21.43
C ILE H 127 -19.68 -51.99 -22.14
N PHE H 128 -20.48 -50.95 -21.91
CA PHE H 128 -21.81 -50.89 -22.50
C PHE H 128 -21.68 -50.77 -24.01
N THR H 129 -20.73 -49.90 -24.42
CA THR H 129 -20.35 -49.69 -25.81
C THR H 129 -19.74 -50.94 -26.41
N ALA H 130 -18.79 -51.53 -25.68
CA ALA H 130 -18.08 -52.70 -26.14
C ALA H 130 -19.10 -53.60 -26.82
N CYS H 131 -20.07 -54.06 -26.05
CA CYS H 131 -21.01 -55.04 -26.56
C CYS H 131 -21.95 -54.47 -27.58
N LEU H 132 -22.37 -53.23 -27.37
CA LEU H 132 -23.36 -52.65 -28.24
C LEU H 132 -22.98 -53.02 -29.64
N LEU H 133 -21.72 -52.73 -30.00
CA LEU H 133 -21.16 -52.98 -31.35
C LEU H 133 -20.98 -54.46 -31.64
N ALA H 134 -20.17 -55.13 -30.84
CA ALA H 134 -20.10 -56.57 -30.92
C ALA H 134 -21.49 -57.05 -31.27
N GLY H 135 -22.49 -56.67 -30.47
CA GLY H 135 -23.87 -57.03 -30.75
C GLY H 135 -24.37 -56.73 -32.16
N LEU H 136 -23.97 -55.60 -32.70
CA LEU H 136 -24.53 -55.11 -33.95
C LEU H 136 -23.86 -55.71 -35.15
N LEU H 137 -22.54 -55.79 -35.12
CA LEU H 137 -21.81 -56.45 -36.18
C LEU H 137 -22.40 -57.84 -36.33
N TYR H 138 -22.65 -58.48 -35.19
CA TYR H 138 -23.18 -59.86 -35.14
C TYR H 138 -24.61 -59.98 -35.61
N PHE H 139 -25.38 -58.91 -35.41
CA PHE H 139 -26.69 -58.85 -36.04
C PHE H 139 -26.53 -58.67 -37.54
N ASN H 140 -25.74 -57.68 -37.93
CA ASN H 140 -25.41 -57.52 -39.34
C ASN H 140 -24.79 -58.76 -39.99
N GLU H 141 -23.70 -59.28 -39.44
CA GLU H 141 -22.93 -60.36 -40.07
C GLU H 141 -23.49 -61.77 -39.88
N HIS H 142 -24.67 -61.88 -39.23
CA HIS H 142 -25.33 -63.18 -38.99
C HIS H 142 -26.86 -63.21 -39.11
N ASP H 143 -27.57 -62.20 -38.61
CA ASP H 143 -29.04 -62.15 -38.77
C ASP H 143 -29.35 -61.22 -39.95
N VAL H 144 -30.57 -60.69 -40.05
CA VAL H 144 -31.03 -60.01 -41.28
C VAL H 144 -30.53 -58.57 -41.51
N GLY H 145 -29.42 -58.23 -40.86
CA GLY H 145 -28.88 -56.87 -40.88
C GLY H 145 -29.72 -55.95 -40.01
N LEU H 146 -29.64 -54.66 -40.25
CA LEU H 146 -30.54 -53.72 -39.59
C LEU H 146 -31.64 -53.33 -40.57
N THR H 147 -31.24 -53.14 -41.81
CA THR H 147 -32.10 -52.63 -42.86
C THR H 147 -33.32 -53.54 -43.09
N ARG H 148 -33.12 -54.82 -43.42
CA ARG H 148 -34.27 -55.73 -43.54
C ARG H 148 -34.88 -56.01 -42.19
N ALA H 149 -34.05 -55.90 -41.15
CA ALA H 149 -34.52 -56.07 -39.77
C ALA H 149 -35.69 -55.16 -39.49
N PHE H 150 -35.89 -54.15 -40.31
CA PHE H 150 -37.04 -53.29 -40.16
C PHE H 150 -38.19 -53.69 -41.08
N GLU H 151 -37.84 -54.00 -42.32
CA GLU H 151 -38.82 -54.48 -43.29
C GLU H 151 -39.63 -55.58 -42.64
N MET H 152 -38.95 -56.43 -41.87
CA MET H 152 -39.54 -57.63 -41.31
C MET H 152 -40.46 -57.38 -40.10
N VAL H 153 -40.43 -56.16 -39.56
CA VAL H 153 -41.44 -55.72 -38.58
C VAL H 153 -42.47 -54.81 -39.22
N TRP H 154 -42.05 -53.92 -40.10
CA TRP H 154 -43.02 -53.06 -40.80
C TRP H 154 -43.85 -53.81 -41.84
N GLU H 155 -44.05 -55.11 -41.60
CA GLU H 155 -44.75 -55.98 -42.55
C GLU H 155 -45.90 -56.79 -41.95
N LEU H 156 -45.88 -56.92 -40.62
CA LEU H 156 -46.96 -57.63 -39.92
C LEU H 156 -48.11 -56.71 -39.47
C1 MLI I . 33.52 4.29 -9.53
C2 MLI I . 32.62 3.48 -10.10
C3 MLI I . 33.88 5.59 -10.11
O6 MLI I . 32.39 2.40 -9.52
O7 MLI I . 32.03 3.81 -11.16
O8 MLI I . 33.90 6.59 -9.38
O9 MLI I . 34.15 5.68 -11.32
PA FAD J . 27.32 -1.86 0.55
O1A FAD J . 28.74 -2.03 0.03
O2A FAD J . 26.76 -0.48 0.39
O5B FAD J . 27.27 -2.26 2.11
C5B FAD J . 26.91 -3.54 2.56
C4B FAD J . 25.93 -3.50 3.73
O4B FAD J . 25.76 -4.80 4.28
C3B FAD J . 26.41 -2.63 4.89
O3B FAD J . 25.26 -1.94 5.32
C2B FAD J . 26.89 -3.62 5.93
O2B FAD J . 26.64 -3.18 7.23
C1B FAD J . 26.08 -4.86 5.66
N9A FAD J . 26.81 -6.08 6.04
C8A FAD J . 27.84 -6.70 5.41
N7A FAD J . 28.21 -7.80 6.11
C5A FAD J . 27.42 -7.89 7.21
C6A FAD J . 27.37 -8.79 8.28
N6A FAD J . 28.40 -9.55 8.62
N1A FAD J . 26.44 -8.58 9.26
C2A FAD J . 25.57 -7.50 9.20
N3A FAD J . 25.63 -6.62 8.14
C4A FAD J . 26.55 -6.80 7.16
N1 FAD J . 29.07 2.18 -8.22
C2 FAD J . 28.45 3.02 -9.11
O2 FAD J . 27.48 2.63 -9.76
N3 FAD J . 28.94 4.30 -9.28
C4 FAD J . 30.03 4.74 -8.59
O4 FAD J . 30.40 5.88 -8.80
C4X FAD J . 30.67 3.91 -7.68
N5 FAD J . 31.80 4.30 -6.95
C5X FAD J . 32.36 3.42 -6.05
C6 FAD J . 33.46 3.75 -5.26
C7 FAD J . 33.99 2.80 -4.36
C7M FAD J . 35.20 3.18 -3.54
C8 FAD J . 33.41 1.51 -4.26
C8M FAD J . 33.89 0.41 -3.39
C9 FAD J . 32.31 1.19 -5.04
C9A FAD J . 31.81 2.14 -5.91
N10 FAD J . 30.74 1.76 -6.65
C10 FAD J . 30.16 2.63 -7.52
C1' FAD J . 30.19 0.40 -6.46
C2' FAD J . 29.07 0.50 -5.45
O2' FAD J . 29.21 1.65 -4.63
C3' FAD J . 29.02 -0.70 -4.53
O3' FAD J . 29.62 -1.84 -5.12
C4' FAD J . 27.55 -0.96 -4.16
O4' FAD J . 26.81 0.25 -4.10
C5' FAD J . 27.49 -1.60 -2.79
O5' FAD J . 26.27 -1.24 -2.20
P FAD J . 25.49 -2.45 -1.53
O1P FAD J . 24.20 -2.00 -0.89
O2P FAD J . 25.28 -3.53 -2.55
O3P FAD J . 26.41 -2.91 -0.29
FE1 FES K . 37.51 7.26 8.85
FE2 FES K . 35.27 6.35 7.09
S1 FES K . 36.45 5.36 8.66
S2 FES K . 35.77 8.27 8.02
FE1 SF4 L . 30.75 15.52 10.69
FE2 SF4 L . 30.94 18.16 9.73
FE3 SF4 L . 28.59 16.79 9.50
FE4 SF4 L . 29.60 17.39 11.94
S1 SF4 L . 28.88 18.88 10.26
S2 SF4 L . 28.57 15.40 11.35
S3 SF4 L . 31.87 17.30 11.68
S4 SF4 L . 30.55 16.27 8.52
FE1 F3S M . 26.46 26.76 18.09
FE3 F3S M . 28.28 25.30 17.07
FE4 F3S M . 27.43 24.83 19.41
S1 F3S M . 28.29 27.51 17.13
S2 F3S M . 27.25 26.94 20.16
S3 F3S M . 26.34 24.71 17.61
S4 F3S M . 29.55 24.89 18.84
CHA HEM N . 25.32 37.14 27.41
CHB HEM N . 25.71 40.84 24.40
CHC HEM N . 26.75 43.67 28.14
CHD HEM N . 25.89 40.07 31.27
C1A HEM N . 25.29 37.88 26.25
C2A HEM N . 24.86 37.44 24.91
C3A HEM N . 24.99 38.47 24.10
C4A HEM N . 25.48 39.59 24.87
CMA HEM N . 24.64 38.47 22.60
CAA HEM N . 24.34 36.08 24.42
CBA HEM N . 23.72 35.20 25.50
CGA HEM N . 24.30 33.82 25.33
O1A HEM N . 23.66 32.85 25.85
O2A HEM N . 25.39 33.68 24.68
C1B HEM N . 25.95 41.93 25.18
C2B HEM N . 26.02 43.27 24.67
C3B HEM N . 26.32 44.07 25.70
C4B HEM N . 26.45 43.23 26.88
CMB HEM N . 25.79 43.67 23.20
CAB HEM N . 26.48 45.62 25.63
CBB HEM N . 26.15 46.35 24.55
C1C HEM N . 26.68 42.93 29.29
C2C HEM N . 27.12 43.36 30.59
C3C HEM N . 26.89 42.38 31.46
C4C HEM N . 26.29 41.28 30.74
CMC HEM N . 27.75 44.73 30.91
CAC HEM N . 27.19 42.43 32.96
CBC HEM N . 26.42 43.18 33.75
C1D HEM N . 25.66 38.91 30.56
C2D HEM N . 25.40 37.59 31.11
C3D HEM N . 25.23 36.66 29.90
C4D HEM N . 25.39 37.55 28.74
CMD HEM N . 25.31 37.17 32.58
CAD HEM N . 24.91 35.12 29.95
CBD HEM N . 25.41 34.21 28.82
CGD HEM N . 26.92 33.95 28.82
O1D HEM N . 27.44 33.34 27.85
O2D HEM N . 27.66 34.33 29.78
NA HEM N . 25.66 39.21 26.18
NB HEM N . 26.21 41.93 26.53
NC HEM N . 26.18 41.66 29.41
ND HEM N . 25.64 38.84 29.18
FE HEM N . 25.88 40.37 27.80
O5 AT5 O . 33.44 25.21 27.21
C7 AT5 O . 32.80 25.81 28.07
C8 AT5 O . 33.18 25.68 29.51
C11 AT5 O . 33.50 27.07 29.94
C12 AT5 O . 32.33 27.36 30.82
C17 AT5 O . 31.92 28.84 30.78
C13 AT5 O . 32.81 26.88 32.16
CL12 AT5 O . 33.29 28.25 33.18
C14 AT5 O . 31.98 25.74 32.77
CL16 AT5 O . 32.86 24.95 34.13
C10 AT5 O . 34.36 24.76 29.72
C6 AT5 O . 31.62 26.70 27.66
C5 AT5 O . 31.82 27.88 26.96
N4 AT5 O . 30.77 28.63 26.61
C3 AT5 O . 29.52 28.29 26.91
C2 AT5 O . 29.24 27.12 27.62
C1 AT5 O . 30.32 26.33 28.00
O1 AT5 O . 30.13 25.19 28.69
O2 AT5 O . 27.97 26.77 27.95
CM2 AT5 O . 27.41 25.83 27.04
O3 AT5 O . 28.55 29.16 26.51
CM3 AT5 O . 27.61 28.59 25.63
O4 AT5 O . 33.08 28.28 26.62
C1 EPH P . 31.67 55.26 33.51
C2 EPH P . 33.13 55.35 33.90
C4 EPH P . 30.82 52.94 33.15
O2 EPH P . 31.13 54.00 33.98
O4 EPH P . 31.68 52.42 32.48
C18 EPH P . 29.48 52.54 33.15
C19 EPH P . 28.96 51.37 32.27
C20 EPH P . 29.37 49.99 32.70
C21 EPH P . 28.34 49.20 33.49
C22 EPH P . 28.86 47.80 33.82
C23 EPH P . 29.34 47.54 35.26
C24 EPH P . 30.02 46.22 35.39
C25 EPH P . 30.77 46.03 36.71
C26 EPH P . 32.14 45.11 36.59
C27 EPH P . 33.18 44.31 37.39
C28 EPH P . 34.20 43.80 36.73
C29 EPH P . 35.41 42.89 37.53
C30 EPH P . 35.46 41.42 37.10
C31 EPH P . 35.89 40.45 38.19
C37 EPH P . 33.60 56.74 33.49
O5 EPH P . 34.85 57.12 34.10
C3 EPH P . 35.00 53.61 33.59
O1 EPH P . 33.85 54.26 33.20
O3 EPH P . 35.84 54.04 34.38
C5 EPH P . 35.12 52.21 32.90
C6 EPH P . 35.16 52.43 31.34
C7 EPH P . 34.80 51.20 30.49
C8 EPH P . 35.14 51.33 29.00
C9 EPH P . 34.16 52.16 28.13
C10 EPH P . 33.17 51.44 27.17
C11 EPH P . 33.78 50.78 26.04
C12 EPH P . 32.98 49.99 24.93
C13 EPH P . 33.18 50.27 23.43
C14 EPH P . 31.93 50.03 22.54
C15 EPH P . 31.26 50.58 21.29
C16 EPH P . 30.49 50.35 19.98
C17 EPH P . 29.78 51.47 19.46
P1 EPH P . 35.26 58.70 34.09
O6 EPH P . 34.88 59.31 32.72
O7 EPH P . 34.37 59.33 35.28
O8 EPH P . 36.82 58.88 34.46
C38 EPH P . 37.32 59.39 35.75
C39 EPH P . 37.77 60.85 35.80
N1 EPH P . 39.09 60.77 35.18
C1 MLI Q . -32.65 8.28 -7.27
C2 MLI Q . -31.59 9.03 -6.90
C3 MLI Q . -33.12 8.15 -8.66
O6 MLI Q . -31.34 9.02 -5.67
O7 MLI Q . -30.91 9.71 -7.71
O8 MLI Q . -33.39 7.02 -9.05
O9 MLI Q . -33.25 9.15 -9.41
PA FAD R . -26.09 0.13 1.31
O1A FAD R . -27.55 0.45 1.57
O2A FAD R . -25.86 -0.01 -0.17
O5B FAD R . -25.72 -1.22 2.05
C5B FAD R . -25.57 -1.20 3.43
C4B FAD R . -24.80 -2.43 3.85
O4B FAD R . -24.67 -2.33 5.24
C3B FAD R . -25.56 -3.73 3.58
O3B FAD R . -25.01 -4.49 2.54
C2B FAD R . -25.46 -4.51 4.86
O2B FAD R . -24.59 -5.60 4.69
C1B FAD R . -24.77 -3.60 5.84
N9A FAD R . -25.47 -3.58 7.13
C8A FAD R . -26.41 -2.69 7.61
N7A FAD R . -26.71 -3.08 8.86
C5A FAD R . -26.00 -4.20 9.18
C6A FAD R . -25.92 -5.04 10.31
N6A FAD R . -26.37 -4.63 11.47
N1A FAD R . -25.07 -6.14 10.29
C2A FAD R . -24.28 -6.41 9.19
N3A FAD R . -24.36 -5.58 8.08
C4A FAD R . -25.21 -4.51 8.08
N1 FAD R . -28.13 7.62 -5.27
C2 FAD R . -27.55 8.14 -6.40
O2 FAD R . -26.55 8.85 -6.25
N3 FAD R . -28.10 7.86 -7.63
C4 FAD R . -29.23 7.03 -7.73
O4 FAD R . -29.75 6.75 -8.81
C4X FAD R . -29.82 6.49 -6.58
N5 FAD R . -30.95 5.68 -6.68
C5X FAD R . -31.49 5.19 -5.51
C6 FAD R . -32.62 4.37 -5.53
C7 FAD R . -33.17 3.85 -4.36
C7M FAD R . -34.37 2.98 -4.49
C8 FAD R . -32.53 4.16 -3.14
C8M FAD R . -32.92 3.75 -1.78
C9 FAD R . -31.42 4.96 -3.12
C9A FAD R . -30.89 5.47 -4.28
N10 FAD R . -29.78 6.28 -4.19
C10 FAD R . -29.24 6.80 -5.34
C1' FAD R . -29.14 6.56 -2.85
C2' FAD R . -27.94 5.64 -2.67
O2' FAD R . -27.96 4.60 -3.60
C3' FAD R . -27.87 4.92 -1.35
O3' FAD R . -28.09 5.86 -0.33
C4' FAD R . -26.49 4.26 -1.17
O4' FAD R . -26.00 3.83 -2.42
C5' FAD R . -26.48 3.06 -0.25
O5' FAD R . -25.21 2.46 -0.34
P FAD R . -24.35 2.25 0.98
O1P FAD R . -23.04 1.54 0.74
O2P FAD R . -24.12 3.56 1.65
O3P FAD R . -25.16 1.26 1.93
FE1 FES S . -37.51 -9.89 -4.02
FE2 FES S . -35.10 -7.96 -3.95
S1 FES S . -36.23 -9.14 -2.46
S2 FES S . -35.66 -9.63 -5.20
FE1 SF4 T . -31.49 -14.67 -11.99
FE2 SF4 T . -31.84 -14.50 -14.62
FE3 SF4 T . -29.46 -14.00 -13.50
FE4 SF4 T . -30.49 -16.56 -13.50
S1 SF4 T . -29.88 -15.33 -15.33
S2 SF4 T . -29.37 -15.51 -11.79
S3 SF4 T . -32.71 -16.16 -13.25
S4 SF4 T . -31.31 -12.79 -13.23
FE1 F3S U . -28.22 -25.35 -19.91
FE3 F3S U . -30.03 -23.94 -18.78
FE4 F3S U . -29.40 -26.21 -17.88
S1 F3S U . -29.90 -24.35 -20.96
S2 F3S U . -29.23 -27.29 -19.78
S3 F3S U . -28.16 -24.50 -17.99
S4 F3S U . -31.46 -25.57 -18.32
CHA HEM V . -27.62 -37.64 -27.00
CHB HEM V . -29.18 -35.76 -31.13
CHC HEM V . -29.61 -40.19 -33.05
CHD HEM V . -28.80 -42.05 -28.66
C1A HEM V . -27.81 -36.74 -28.02
C2A HEM V . -27.27 -35.38 -28.13
C3A HEM V . -27.71 -34.87 -29.27
C4A HEM V . -28.55 -35.89 -29.91
CMA HEM V . -27.41 -33.47 -29.83
CAA HEM V . -26.33 -34.62 -27.14
CBA HEM V . -27.08 -33.70 -26.17
CGA HEM V . -26.32 -33.56 -24.86
O1A HEM V . -25.43 -34.41 -24.52
O2A HEM V . -26.65 -32.57 -24.13
C1B HEM V . -29.35 -36.80 -32.04
C2B HEM V . -29.63 -36.63 -33.48
C3B HEM V . -29.76 -37.86 -34.01
C4B HEM V . -29.55 -38.83 -32.95
CMB HEM V . -29.78 -35.28 -34.23
CAB HEM V . -30.07 -38.17 -35.51
CBB HEM V . -30.00 -37.21 -36.44
C1C HEM V . -29.59 -41.04 -31.98
C2C HEM V . -30.23 -42.32 -31.95
C3C HEM V . -30.01 -42.84 -30.75
C4C HEM V . -29.23 -41.89 -29.96
CMC HEM V . -31.01 -43.00 -33.10
CAC HEM V . -30.50 -44.23 -30.32
CBC HEM V . -29.83 -45.31 -30.73
C1D HEM V . -28.46 -41.07 -27.75
C2D HEM V . -28.28 -41.22 -26.30
C3D HEM V . -27.92 -39.83 -25.77
C4D HEM V . -27.90 -39.00 -26.98
CMD HEM V . -28.43 -42.51 -25.45
CAD HEM V . -27.65 -39.45 -24.27
CBD HEM V . -27.55 -37.94 -23.90
CGD HEM V . -28.87 -37.29 -23.49
O1D HEM V . -28.89 -36.08 -23.15
O2D HEM V . -29.91 -37.98 -23.50
NA HEM V . -28.58 -37.03 -29.12
NB HEM V . -29.31 -38.17 -31.77
NC HEM V . -29.01 -40.79 -30.75
ND HEM V . -28.23 -39.75 -28.10
FE HEM V . -29.03 -38.99 -29.89
O5 AT5 W . -35.20 -33.04 -15.34
C7 AT5 W . -34.91 -33.99 -16.06
C8 AT5 W . -35.69 -35.28 -15.88
C11 AT5 W . -34.63 -36.31 -15.56
C12 AT5 W . -34.98 -37.14 -14.38
C17 AT5 W . -33.72 -37.35 -13.57
C13 AT5 W . -35.46 -38.45 -14.97
CL12 AT5 W . -34.88 -38.60 -16.67
C14 AT5 W . -35.15 -39.68 -14.07
CL16 AT5 W . -36.54 -40.15 -13.02
C10 AT5 W . -36.48 -35.64 -17.15
C6 AT5 W . -33.67 -33.93 -17.01
C5 AT5 W . -33.77 -33.69 -18.38
N4 AT5 W . -32.68 -33.65 -19.16
C3 AT5 W . -31.46 -33.84 -18.63
C2 AT5 W . -31.27 -34.08 -17.28
C1 AT5 W . -32.40 -34.13 -16.45
O1 AT5 W . -32.29 -34.38 -15.10
O2 AT5 W . -30.01 -34.30 -16.81
CM2 AT5 W . -29.33 -33.16 -16.34
O3 AT5 W . -30.39 -33.80 -19.45
CM3 AT5 W . -29.84 -32.51 -19.44
O4 AT5 W . -34.97 -33.48 -18.97
C1 EPH X . -36.46 -48.44 -42.82
C2 EPH X . -37.72 -49.33 -42.77
C4 EPH X . -35.09 -47.18 -41.06
O2 EPH X . -35.66 -48.35 -41.58
O4 EPH X . -35.27 -46.11 -41.60
C18 EPH X . -34.31 -47.27 -39.90
C19 EPH X . -33.64 -45.99 -39.30
C20 EPH X . -33.46 -45.91 -37.77
C21 EPH X . -32.24 -46.59 -37.12
C22 EPH X . -32.23 -46.43 -35.57
C23 EPH X . -32.46 -47.64 -34.61
C24 EPH X . -33.39 -47.44 -33.46
C25 EPH X . -33.67 -48.66 -32.57
C26 EPH X . -35.27 -48.91 -32.22
C27 EPH X . -36.31 -49.52 -31.25
C28 EPH X . -36.88 -48.68 -30.38
C29 EPH X . -38.05 -49.20 -29.23
C30 EPH X . -38.81 -48.12 -28.45
C31 EPH X . -40.06 -48.61 -27.73
C37 EPH X . -38.70 -49.14 -43.97
O5 EPH X . -38.60 -50.12 -45.08
C3 EPH X . -39.34 -48.48 -40.80
O1 EPH X . -38.35 -49.26 -41.39
O3 EPH X . -40.49 -48.43 -41.20
C5 EPH X . -38.84 -47.73 -39.50
C6 EPH X . -39.15 -46.18 -39.46
C7 EPH X . -38.05 -45.19 -39.01
C8 EPH X . -38.53 -43.74 -38.74
C9 EPH X . -37.72 -42.60 -39.42
C10 EPH X . -38.06 -41.12 -39.07
C11 EPH X . -37.05 -40.21 -39.55
C12 EPH X . -37.14 -38.65 -39.34
C13 EPH X . -37.19 -37.68 -40.53
C14 EPH X . -36.19 -36.51 -40.49
C15 EPH X . -35.48 -35.51 -41.39
C16 EPH X . -35.07 -34.06 -41.70
C17 EPH X . -34.09 -33.88 -42.71
P1 EPH X . -39.09 -49.98 -46.66
O6 EPH X . -38.09 -49.19 -47.57
O7 EPH X . -39.12 -51.53 -47.10
O8 EPH X . -40.59 -49.44 -46.79
C38 EPH X . -41.19 -49.06 -48.08
C39 EPH X . -42.34 -49.94 -48.56
N1 EPH X . -43.49 -49.09 -48.28
#